data_9JQX
#
_entry.id   9JQX
#
loop_
_entity.id
_entity.type
_entity.pdbx_description
1 polymer 'Metabotropic GABA-B receptor subtype 1'
2 polymer 'Gamma-aminobutyric acid type B receptor subunit 2'
3 non-polymer '(R)-(cyclohexylmethyl)[(2S)-3-{[(1S)-1-(3,4-dichlorophenyl)ethyl]amino}-2-hydroxypropyl]phosphinic acid'
#
loop_
_entity_poly.entity_id
_entity_poly.type
_entity_poly.pdbx_seq_one_letter_code
_entity_poly.pdbx_strand_id
1 'polypeptide(L)'
;ELHIGGIFPIAGKGGWQGGQACMPATRLALDDVNKQPNLLPGFKLILHSNDSECEPGLGASVMYNLLYNKPQKLMLLAGC
STVCTTVAEAAKMWNLIVLCYGASSPALSDRKRFPTLFRTHPSATVHNPTRIKLMKKFGWSRVAILQQAEEVFISTVEDL
ENRCMEAGVEIVTRQSFLSDPTDAVRNLRRQDARIIVGLFYVVAARRVLCEMYKQQLYGRAHVWFFIGWYEDNWYEVNLK
AEGITCTVEQMRIAAEGHLTTEALMWNQNNQTTISGMTAEEFRHRLNQALIEEGYDINHDRYPEGYQEAPLAYDAVWSVA
LAFNKTMERLTTGKKSLRDFTYTDKEIADEIYAAMNSTQFLGVSGVVAFSSQGDRIALTQIEQMIDGKYEKLGYYDTQLD
NLSWLNTEQWIGGKVPQDRTIVTHVLRTVSLPLFVCMCTISSCGIFVAFALIIFNIWNKHRRVIQSSHPVCNTIMLFGVI
ICLISVILLGIDGRFVSPEEYPKICQARAWLLSTGFTLAYGAMFSKVWRVHRFTTKAKTDPKKKVEPWKLYTMVSGLLSI
DLVILLSWQIFDPLQRYLETFPLEDPVSTTDDIKIRPELEHCESQRNSMWLGLVYGFKGLILVFGLFLAYETRSIKVKQI
NDSRYVGMSIYNVVVLCLITAPVGMVIASQQDASFAFVALAVIFCCFLSMLLIFVPKVIEVIRH
;
A
2 'polypeptide(L)'
;RTAKRSDVYIAGFFPYGDGVENSYTGRGVMPSVKLALGHVNEHGKILANYRLHMWWNDTQCNAAVGVKSFFDMMHSGPNK
VMLFGAACTHVTDPIAKASKHWHLTQLSYADTHPMFTKDAFPNFFRVVPSENAFNAPRLALLKEFNWTRVGTVYQNEPRY
SLPHNHMVADLDAMEVEVVETQSFVNDVAESLKKLREKDVRIILGNFNEHFARKAFCEAYKLDMYGRAYQWLIMATYSTD
WWNVTQDSECSVEEIATALEGAILVDLLPLSTSGDITVAGITADEYLVEYDRLRGTEYSRFHGYTYDGIWAAALAIQYVA
EKREDLLTHFDYRVKDWESVFLEALRNTSFEGVTGPVRFYNNERKANILINQFQLGQMEKIGEYHSQKSHLDLSLGKPVK
WVGKTPPKDRTLIYIEHSQVNPTIYIVSASASVIGVIIATVFLAFNIKYRNQRYIKMSSPHLNNLIIVGCMITYLSIIFL
GLDTTLSSVAAFPYICTARAWILMAGFSLSFGAMFSKTWRVHSIFTDLKLNKKVIKDYQLFMVVGVLLAIDIAIITTWQI
ADPFYRETKQLEPLHHENIDDVLVIPENEYCQSEHMTIFVSIIYAYKGLLLVFGAFLAWETRHVSIPALNDSKHIGFSVY
NVFITCLAGAAISLVLSDRKDLVFVLLSFFIIFCTTATLCLVFVPKLVELKRNPQGVVDKRVRATLRPMSKNGRRDSSVC
ELEQRLRDVKNTNCRFRKALMEKENELQALIRKLGPEARKWIDGVTC
;
B
#
loop_
_chem_comp.id
_chem_comp.type
_chem_comp.name
_chem_comp.formula
2BV non-polymer '(R)-(cyclohexylmethyl)[(2S)-3-{[(1S)-1-(3,4-dichlorophenyl)ethyl]amino}-2-hydroxypropyl]phosphinic acid' 'C18 H28 Cl2 N O3 P'
#
# COMPACT_ATOMS: atom_id res chain seq x y z
N GLU A 1 -63.19 3.69 -17.86
CA GLU A 1 -62.72 4.43 -16.69
C GLU A 1 -61.52 3.73 -16.07
N LEU A 2 -60.33 4.04 -16.58
CA LEU A 2 -59.12 3.39 -16.13
C LEU A 2 -58.78 3.82 -14.70
N HIS A 3 -58.21 2.88 -13.94
CA HIS A 3 -57.79 3.12 -12.57
C HIS A 3 -56.31 2.81 -12.43
N ILE A 4 -55.62 3.64 -11.65
CA ILE A 4 -54.21 3.42 -11.31
C ILE A 4 -54.06 3.55 -9.80
N GLY A 5 -52.99 2.98 -9.28
CA GLY A 5 -52.67 3.02 -7.87
C GLY A 5 -51.51 3.96 -7.61
N GLY A 6 -51.61 4.70 -6.51
CA GLY A 6 -50.56 5.63 -6.13
C GLY A 6 -50.25 5.52 -4.65
N ILE A 7 -48.95 5.58 -4.34
CA ILE A 7 -48.47 5.54 -2.96
C ILE A 7 -47.68 6.82 -2.72
N PHE A 8 -48.17 7.65 -1.81
CA PHE A 8 -47.64 9.00 -1.61
C PHE A 8 -47.24 9.18 -0.15
N PRO A 9 -45.96 9.38 0.15
CA PRO A 9 -45.55 9.59 1.54
C PRO A 9 -45.90 10.97 2.05
N ILE A 10 -47.12 11.17 2.54
CA ILE A 10 -47.58 12.49 2.94
C ILE A 10 -47.38 12.69 4.44
N ALA A 11 -48.09 11.92 5.25
CA ALA A 11 -48.10 12.14 6.69
C ALA A 11 -47.18 11.17 7.41
N GLY A 12 -45.87 11.43 7.37
CA GLY A 12 -44.91 10.56 8.01
C GLY A 12 -43.87 11.30 8.82
N LYS A 13 -42.98 10.55 9.47
CA LYS A 13 -41.90 11.12 10.26
C LYS A 13 -40.56 10.69 9.67
N GLY A 14 -39.69 11.66 9.42
CA GLY A 14 -38.40 11.34 8.84
C GLY A 14 -38.52 10.96 7.37
N GLY A 15 -37.40 10.49 6.85
CA GLY A 15 -37.36 10.07 5.46
C GLY A 15 -37.59 11.24 4.51
N TRP A 16 -38.17 10.90 3.35
CA TRP A 16 -38.51 11.88 2.32
C TRP A 16 -40.03 11.90 2.19
N GLN A 17 -40.67 12.81 2.90
CA GLN A 17 -42.12 12.98 2.82
C GLN A 17 -42.48 13.86 1.62
N GLY A 18 -42.08 13.38 0.44
CA GLY A 18 -42.24 14.15 -0.78
C GLY A 18 -43.62 14.14 -1.39
N GLY A 19 -44.55 13.35 -0.84
CA GLY A 19 -45.89 13.33 -1.37
C GLY A 19 -46.67 14.61 -1.14
N GLN A 20 -46.29 15.38 -0.13
CA GLN A 20 -47.03 16.59 0.23
C GLN A 20 -47.23 17.51 -0.97
N ALA A 21 -46.21 17.64 -1.81
CA ALA A 21 -46.34 18.36 -3.06
C ALA A 21 -46.56 17.44 -4.25
N CYS A 22 -46.17 16.16 -4.15
CA CYS A 22 -46.30 15.26 -5.29
C CYS A 22 -47.70 14.68 -5.42
N MET A 23 -48.52 14.76 -4.38
CA MET A 23 -49.90 14.30 -4.45
C MET A 23 -50.76 15.32 -5.21
N PRO A 24 -50.79 16.61 -4.82
CA PRO A 24 -51.60 17.56 -5.60
C PRO A 24 -51.18 17.65 -7.06
N ALA A 25 -49.88 17.62 -7.33
CA ALA A 25 -49.40 17.77 -8.70
C ALA A 25 -50.01 16.71 -9.61
N THR A 26 -49.93 15.44 -9.19
CA THR A 26 -50.56 14.36 -9.94
C THR A 26 -52.03 14.68 -10.18
N ARG A 27 -52.73 15.13 -9.13
CA ARG A 27 -54.12 15.51 -9.27
C ARG A 27 -54.30 16.51 -10.40
N LEU A 28 -53.48 17.56 -10.40
CA LEU A 28 -53.52 18.52 -11.49
C LEU A 28 -53.35 17.82 -12.82
N ALA A 29 -52.30 17.00 -12.94
CA ALA A 29 -52.08 16.25 -14.17
C ALA A 29 -53.30 15.42 -14.50
N LEU A 30 -53.92 14.79 -13.49
CA LEU A 30 -55.12 14.00 -13.72
C LEU A 30 -56.14 14.82 -14.50
N ASP A 31 -56.44 16.04 -14.00
CA ASP A 31 -57.36 16.91 -14.72
C ASP A 31 -56.86 17.14 -16.14
N ASP A 32 -55.60 17.57 -16.27
CA ASP A 32 -55.04 17.86 -17.58
C ASP A 32 -54.94 16.62 -18.45
N VAL A 33 -55.12 15.43 -17.87
CA VAL A 33 -55.15 14.22 -18.67
C VAL A 33 -56.57 13.94 -19.18
N ASN A 34 -57.59 14.15 -18.35
CA ASN A 34 -58.93 13.69 -18.68
C ASN A 34 -59.93 14.81 -18.91
N LYS A 35 -59.77 15.97 -18.26
CA LYS A 35 -60.78 17.01 -18.36
C LYS A 35 -60.71 17.72 -19.71
N GLN A 36 -59.58 18.38 -19.99
CA GLN A 36 -59.50 19.24 -21.15
C GLN A 36 -59.31 18.47 -22.46
N PRO A 37 -58.24 17.69 -22.62
CA PRO A 37 -57.94 17.14 -23.95
C PRO A 37 -58.73 15.87 -24.24
N ASN A 38 -58.60 15.39 -25.47
CA ASN A 38 -59.14 14.11 -25.89
C ASN A 38 -58.12 12.98 -25.73
N LEU A 39 -57.21 13.10 -24.77
CA LEU A 39 -56.12 12.14 -24.61
C LEU A 39 -56.64 10.73 -24.45
N LEU A 40 -57.71 10.56 -23.67
CA LEU A 40 -58.35 9.25 -23.54
C LEU A 40 -59.73 9.32 -24.20
N PRO A 41 -59.87 8.78 -25.41
CA PRO A 41 -61.16 8.91 -26.12
C PRO A 41 -62.24 8.02 -25.54
N GLY A 42 -62.91 8.49 -24.49
CA GLY A 42 -63.96 7.74 -23.85
C GLY A 42 -63.60 7.16 -22.49
N PHE A 43 -62.47 7.56 -21.92
CA PHE A 43 -62.03 7.05 -20.63
C PHE A 43 -61.71 8.21 -19.71
N LYS A 44 -61.91 7.98 -18.41
CA LYS A 44 -61.55 8.92 -17.37
C LYS A 44 -60.57 8.23 -16.43
N LEU A 45 -59.32 8.68 -16.44
CA LEU A 45 -58.28 8.01 -15.66
C LEU A 45 -58.39 8.45 -14.20
N ILE A 46 -58.56 7.48 -13.31
CA ILE A 46 -58.73 7.74 -11.88
C ILE A 46 -57.54 7.17 -11.13
N LEU A 47 -57.25 7.75 -9.97
CA LEU A 47 -56.11 7.36 -9.16
C LEU A 47 -56.57 7.10 -7.74
N HIS A 48 -56.37 5.87 -7.27
CA HIS A 48 -56.61 5.51 -5.87
C HIS A 48 -55.28 5.58 -5.13
N SER A 49 -55.25 6.31 -4.02
CA SER A 49 -54.00 6.60 -3.34
C SER A 49 -54.16 6.42 -1.84
N ASN A 50 -53.04 6.18 -1.17
CA ASN A 50 -52.98 6.11 0.28
C ASN A 50 -51.57 6.41 0.73
N ASP A 51 -51.44 6.82 1.98
CA ASP A 51 -50.16 7.26 2.52
C ASP A 51 -49.28 6.06 2.87
N SER A 52 -47.97 6.22 2.65
CA SER A 52 -46.99 5.20 3.04
C SER A 52 -46.08 5.64 4.17
N GLU A 53 -46.00 6.95 4.45
CA GLU A 53 -45.17 7.49 5.53
C GLU A 53 -43.69 7.13 5.34
N CYS A 54 -43.27 6.91 4.10
CA CYS A 54 -41.87 6.69 3.75
C CYS A 54 -41.28 5.49 4.48
N GLU A 55 -42.08 4.44 4.64
CA GLU A 55 -41.59 3.20 5.23
C GLU A 55 -42.05 2.02 4.38
N PRO A 56 -41.26 0.95 4.31
CA PRO A 56 -41.58 -0.15 3.40
C PRO A 56 -42.75 -1.01 3.87
N GLY A 57 -42.92 -1.15 5.18
CA GLY A 57 -44.04 -1.96 5.68
C GLY A 57 -45.38 -1.35 5.32
N LEU A 58 -45.53 -0.05 5.56
CA LEU A 58 -46.79 0.61 5.20
C LEU A 58 -46.96 0.70 3.69
N GLY A 59 -45.86 0.81 2.93
CA GLY A 59 -45.95 0.74 1.49
C GLY A 59 -46.47 -0.59 1.00
N ALA A 60 -45.98 -1.68 1.59
CA ALA A 60 -46.48 -3.01 1.25
C ALA A 60 -47.94 -3.17 1.64
N SER A 61 -48.33 -2.63 2.80
CA SER A 61 -49.72 -2.69 3.21
C SER A 61 -50.62 -1.93 2.23
N VAL A 62 -50.18 -0.75 1.79
CA VAL A 62 -50.95 0.04 0.83
C VAL A 62 -51.04 -0.69 -0.50
N MET A 63 -49.94 -1.30 -0.94
CA MET A 63 -49.96 -2.06 -2.19
C MET A 63 -50.93 -3.23 -2.11
N TYR A 64 -50.93 -3.93 -0.98
CA TYR A 64 -51.88 -5.03 -0.80
C TYR A 64 -53.31 -4.53 -0.83
N ASN A 65 -53.58 -3.41 -0.13
CA ASN A 65 -54.93 -2.88 -0.10
C ASN A 65 -55.40 -2.47 -1.48
N LEU A 66 -54.52 -1.84 -2.27
CA LEU A 66 -54.90 -1.43 -3.62
C LEU A 66 -55.10 -2.63 -4.53
N LEU A 67 -54.20 -3.61 -4.47
CA LEU A 67 -54.22 -4.73 -5.42
C LEU A 67 -55.22 -5.81 -5.06
N TYR A 68 -55.74 -5.84 -3.83
CA TYR A 68 -56.68 -6.87 -3.41
C TYR A 68 -58.06 -6.31 -3.12
N ASN A 69 -58.44 -5.22 -3.77
CA ASN A 69 -59.76 -4.63 -3.61
C ASN A 69 -60.48 -4.56 -4.94
N LYS A 70 -61.76 -4.17 -4.88
CA LYS A 70 -62.64 -4.28 -6.04
C LYS A 70 -62.19 -3.46 -7.24
N PRO A 71 -61.87 -2.16 -7.12
CA PRO A 71 -61.47 -1.41 -8.32
C PRO A 71 -60.14 -1.91 -8.86
N GLN A 72 -60.18 -2.48 -10.06
CA GLN A 72 -58.98 -3.04 -10.66
C GLN A 72 -58.01 -1.92 -11.04
N LYS A 73 -56.73 -2.14 -10.75
CA LYS A 73 -55.69 -1.16 -11.05
C LYS A 73 -54.85 -1.64 -12.22
N LEU A 74 -54.39 -0.71 -13.05
CA LEU A 74 -53.56 -1.01 -14.20
C LEU A 74 -52.11 -0.58 -14.02
N MET A 75 -51.81 0.29 -13.05
CA MET A 75 -50.46 0.78 -12.85
C MET A 75 -50.33 1.25 -11.41
N LEU A 76 -49.12 1.11 -10.87
CA LEU A 76 -48.80 1.52 -9.50
C LEU A 76 -47.82 2.68 -9.53
N LEU A 77 -48.10 3.70 -8.74
CA LEU A 77 -47.20 4.84 -8.57
C LEU A 77 -46.68 4.85 -7.15
N ALA A 78 -45.36 5.01 -7.00
CA ALA A 78 -44.71 4.95 -5.70
C ALA A 78 -43.74 6.11 -5.56
N GLY A 79 -43.40 6.41 -4.31
CA GLY A 79 -42.57 7.55 -3.99
C GLY A 79 -41.12 7.22 -3.71
N CYS A 80 -40.78 7.14 -2.42
CA CYS A 80 -39.40 6.96 -2.00
C CYS A 80 -38.83 5.63 -2.53
N SER A 81 -37.51 5.49 -2.40
CA SER A 81 -36.83 4.32 -2.94
C SER A 81 -37.15 3.06 -2.15
N THR A 82 -37.39 3.17 -0.84
CA THR A 82 -37.75 1.98 -0.06
C THR A 82 -39.10 1.42 -0.52
N VAL A 83 -40.11 2.27 -0.62
CA VAL A 83 -41.41 1.83 -1.11
C VAL A 83 -41.31 1.39 -2.57
N CYS A 84 -40.47 2.08 -3.36
CA CYS A 84 -40.31 1.71 -4.76
C CYS A 84 -39.71 0.32 -4.90
N THR A 85 -38.76 -0.03 -4.03
CA THR A 85 -38.20 -1.38 -4.04
C THR A 85 -39.20 -2.39 -3.52
N THR A 86 -39.98 -2.02 -2.49
CA THR A 86 -40.99 -2.93 -1.95
C THR A 86 -42.03 -3.28 -3.00
N VAL A 87 -42.46 -2.29 -3.79
CA VAL A 87 -43.53 -2.49 -4.75
C VAL A 87 -43.01 -3.05 -6.06
N ALA A 88 -41.94 -2.46 -6.61
CA ALA A 88 -41.46 -2.84 -7.93
C ALA A 88 -40.91 -4.25 -7.96
N GLU A 89 -40.24 -4.69 -6.89
CA GLU A 89 -39.67 -6.03 -6.87
C GLU A 89 -40.76 -7.09 -6.78
N ALA A 90 -41.91 -6.77 -6.19
CA ALA A 90 -43.01 -7.69 -6.07
C ALA A 90 -44.10 -7.45 -7.10
N ALA A 91 -43.93 -6.48 -8.00
CA ALA A 91 -44.99 -6.12 -8.92
C ALA A 91 -45.14 -7.12 -10.06
N LYS A 92 -44.06 -7.79 -10.46
CA LYS A 92 -44.13 -8.70 -11.61
C LYS A 92 -45.12 -9.82 -11.37
N MET A 93 -45.36 -10.18 -10.10
CA MET A 93 -46.31 -11.25 -9.80
C MET A 93 -47.72 -10.87 -10.20
N TRP A 94 -48.09 -9.60 -10.03
CA TRP A 94 -49.40 -9.11 -10.41
C TRP A 94 -49.44 -8.55 -11.82
N ASN A 95 -48.32 -8.61 -12.55
CA ASN A 95 -48.23 -8.10 -13.92
C ASN A 95 -48.59 -6.62 -13.99
N LEU A 96 -47.95 -5.82 -13.14
CA LEU A 96 -48.18 -4.39 -13.08
C LEU A 96 -46.86 -3.64 -13.30
N ILE A 97 -46.97 -2.49 -13.95
CA ILE A 97 -45.84 -1.59 -14.17
C ILE A 97 -45.83 -0.56 -13.05
N VAL A 98 -44.68 -0.36 -12.43
CA VAL A 98 -44.53 0.58 -11.32
C VAL A 98 -43.73 1.77 -11.82
N LEU A 99 -44.33 2.95 -11.74
CA LEU A 99 -43.68 4.20 -12.10
C LEU A 99 -43.43 5.00 -10.84
N CYS A 100 -42.17 5.32 -10.58
CA CYS A 100 -41.77 5.99 -9.35
C CYS A 100 -41.31 7.41 -9.66
N TYR A 101 -41.93 8.38 -8.99
CA TYR A 101 -41.65 9.79 -9.20
C TYR A 101 -40.56 10.35 -8.29
N GLY A 102 -40.10 9.58 -7.31
CA GLY A 102 -39.15 10.09 -6.35
C GLY A 102 -38.11 9.10 -5.91
N ALA A 103 -37.87 8.06 -6.71
CA ALA A 103 -36.91 7.02 -6.39
C ALA A 103 -35.58 7.37 -7.05
N SER A 104 -34.63 7.86 -6.26
CA SER A 104 -33.32 8.27 -6.75
C SER A 104 -32.23 7.27 -6.39
N SER A 105 -32.57 6.14 -5.79
CA SER A 105 -31.55 5.19 -5.38
C SER A 105 -30.95 4.49 -6.59
N PRO A 106 -29.62 4.45 -6.71
CA PRO A 106 -29.01 3.74 -7.86
C PRO A 106 -29.27 2.25 -7.86
N ALA A 107 -29.65 1.67 -6.72
CA ALA A 107 -29.88 0.23 -6.64
C ALA A 107 -31.10 -0.22 -7.43
N LEU A 108 -31.91 0.71 -7.92
CA LEU A 108 -33.11 0.39 -8.67
C LEU A 108 -32.88 0.26 -10.16
N SER A 109 -31.62 0.35 -10.60
CA SER A 109 -31.29 0.35 -12.02
C SER A 109 -31.12 -1.04 -12.61
N ASP A 110 -31.32 -2.09 -11.81
CA ASP A 110 -31.15 -3.47 -12.27
C ASP A 110 -32.52 -4.01 -12.67
N ARG A 111 -32.68 -4.32 -13.95
CA ARG A 111 -33.96 -4.82 -14.46
C ARG A 111 -34.26 -6.24 -14.00
N LYS A 112 -33.30 -6.96 -13.43
CA LYS A 112 -33.54 -8.33 -13.00
C LYS A 112 -34.45 -8.37 -11.78
N ARG A 113 -34.17 -7.53 -10.78
CA ARG A 113 -35.04 -7.47 -9.61
C ARG A 113 -36.36 -6.78 -9.92
N PHE A 114 -36.32 -5.74 -10.75
CA PHE A 114 -37.49 -4.92 -11.07
C PHE A 114 -37.70 -4.95 -12.57
N PRO A 115 -38.44 -5.94 -13.09
CA PRO A 115 -38.62 -6.05 -14.54
C PRO A 115 -39.61 -5.07 -15.14
N THR A 116 -40.43 -4.40 -14.32
CA THR A 116 -41.46 -3.50 -14.83
C THR A 116 -41.37 -2.14 -14.15
N LEU A 117 -40.18 -1.72 -13.75
CA LEU A 117 -39.99 -0.47 -13.02
C LEU A 117 -39.53 0.62 -13.97
N PHE A 118 -40.22 1.76 -13.91
CA PHE A 118 -39.80 2.98 -14.59
C PHE A 118 -39.70 4.08 -13.54
N ARG A 119 -38.67 4.91 -13.63
CA ARG A 119 -38.48 6.03 -12.72
C ARG A 119 -38.38 7.30 -13.54
N THR A 120 -39.32 8.22 -13.31
CA THR A 120 -39.23 9.54 -13.91
C THR A 120 -38.32 10.47 -13.12
N HIS A 121 -37.85 10.03 -11.95
CA HIS A 121 -36.85 10.71 -11.13
C HIS A 121 -35.46 10.25 -11.54
N PRO A 122 -34.55 11.16 -11.86
CA PRO A 122 -33.19 10.74 -12.24
C PRO A 122 -32.50 10.04 -11.09
N SER A 123 -31.65 9.07 -11.45
CA SER A 123 -30.90 8.33 -10.45
C SER A 123 -29.83 9.22 -9.82
N ALA A 124 -29.35 8.79 -8.65
CA ALA A 124 -28.35 9.57 -7.93
C ALA A 124 -27.00 9.59 -8.65
N THR A 125 -26.76 8.66 -9.56
CA THR A 125 -25.50 8.61 -10.31
C THR A 125 -25.62 9.30 -11.67
N VAL A 126 -26.50 10.30 -11.78
CA VAL A 126 -26.64 11.01 -13.04
C VAL A 126 -25.70 12.22 -13.14
N HIS A 127 -25.16 12.69 -12.01
CA HIS A 127 -24.21 13.79 -12.04
C HIS A 127 -22.79 13.33 -12.39
N ASN A 128 -22.49 12.04 -12.24
CA ASN A 128 -21.12 11.57 -12.41
C ASN A 128 -20.57 11.83 -13.80
N PRO A 129 -21.28 11.55 -14.90
CA PRO A 129 -20.75 11.94 -16.20
C PRO A 129 -20.51 13.44 -16.32
N THR A 130 -21.39 14.25 -15.72
CA THR A 130 -21.21 15.69 -15.76
C THR A 130 -19.99 16.13 -14.95
N ARG A 131 -19.79 15.52 -13.78
CA ARG A 131 -18.59 15.82 -12.99
C ARG A 131 -17.34 15.46 -13.76
N ILE A 132 -17.35 14.31 -14.45
CA ILE A 132 -16.18 13.87 -15.19
C ILE A 132 -15.94 14.79 -16.39
N LYS A 133 -17.01 15.24 -17.04
CA LYS A 133 -16.85 16.17 -18.16
C LYS A 133 -16.28 17.50 -17.67
N LEU A 134 -16.72 17.97 -16.51
CA LEU A 134 -16.14 19.19 -15.95
C LEU A 134 -14.67 18.99 -15.58
N MET A 135 -14.34 17.81 -15.04
CA MET A 135 -12.94 17.52 -14.70
C MET A 135 -12.06 17.51 -15.95
N LYS A 136 -12.54 16.90 -17.03
CA LYS A 136 -11.80 16.85 -18.28
C LYS A 136 -11.86 18.16 -19.06
N LYS A 137 -12.76 19.07 -18.68
CA LYS A 137 -12.89 20.34 -19.37
C LYS A 137 -11.93 21.40 -18.83
N PHE A 138 -11.56 21.31 -17.56
CA PHE A 138 -10.60 22.22 -16.96
C PHE A 138 -9.22 21.59 -16.79
N GLY A 139 -9.02 20.39 -17.35
CA GLY A 139 -7.72 19.75 -17.32
C GLY A 139 -7.36 19.06 -16.03
N TRP A 140 -8.31 18.88 -15.11
CA TRP A 140 -8.02 18.23 -13.83
C TRP A 140 -7.97 16.72 -13.99
N SER A 141 -7.01 16.11 -13.31
CA SER A 141 -6.86 14.65 -13.30
C SER A 141 -6.66 14.06 -11.91
N ARG A 142 -6.29 14.86 -10.92
CA ARG A 142 -6.11 14.38 -9.54
C ARG A 142 -7.27 14.92 -8.71
N VAL A 143 -8.17 14.01 -8.30
CA VAL A 143 -9.36 14.40 -7.56
C VAL A 143 -9.49 13.53 -6.32
N ALA A 144 -10.25 14.04 -5.35
CA ALA A 144 -10.50 13.35 -4.10
C ALA A 144 -12.00 13.28 -3.87
N ILE A 145 -12.42 12.35 -3.00
CA ILE A 145 -13.83 12.12 -2.71
C ILE A 145 -14.04 12.24 -1.21
N LEU A 146 -15.07 12.98 -0.81
CA LEU A 146 -15.49 13.09 0.59
C LEU A 146 -16.89 12.51 0.69
N GLN A 147 -16.98 11.29 1.20
CA GLN A 147 -18.21 10.51 1.22
C GLN A 147 -18.98 10.75 2.51
N GLN A 148 -20.17 10.15 2.61
CA GLN A 148 -20.89 10.02 3.87
C GLN A 148 -21.26 8.59 4.20
N ALA A 149 -21.18 7.66 3.25
CA ALA A 149 -21.42 6.23 3.48
C ALA A 149 -22.83 5.99 4.03
N GLU A 150 -23.81 6.29 3.19
CA GLU A 150 -25.22 6.11 3.53
C GLU A 150 -25.91 5.11 2.61
N GLU A 151 -25.13 4.21 2.00
CA GLU A 151 -25.61 3.10 1.18
C GLU A 151 -26.18 3.63 -0.14
N VAL A 152 -26.28 4.95 -0.27
CA VAL A 152 -26.63 5.58 -1.53
C VAL A 152 -25.43 6.31 -2.13
N PHE A 153 -24.63 6.96 -1.30
CA PHE A 153 -23.41 7.59 -1.76
C PHE A 153 -22.33 6.58 -2.11
N ILE A 154 -22.39 5.37 -1.53
CA ILE A 154 -21.43 4.34 -1.88
C ILE A 154 -21.58 3.95 -3.34
N SER A 155 -22.83 3.75 -3.78
CA SER A 155 -23.08 3.40 -5.18
C SER A 155 -22.67 4.52 -6.12
N THR A 156 -22.99 5.77 -5.77
CA THR A 156 -22.60 6.90 -6.60
C THR A 156 -21.08 7.01 -6.70
N VAL A 157 -20.39 6.80 -5.58
CA VAL A 157 -18.93 6.89 -5.59
C VAL A 157 -18.32 5.75 -6.40
N GLU A 158 -18.91 4.55 -6.31
CA GLU A 158 -18.43 3.45 -7.13
C GLU A 158 -18.62 3.73 -8.61
N ASP A 159 -19.78 4.27 -8.99
CA ASP A 159 -20.01 4.63 -10.37
C ASP A 159 -19.03 5.70 -10.83
N LEU A 160 -18.78 6.70 -9.97
CA LEU A 160 -17.84 7.76 -10.29
C LEU A 160 -16.44 7.19 -10.50
N GLU A 161 -16.02 6.27 -9.64
CA GLU A 161 -14.70 5.67 -9.77
C GLU A 161 -14.59 4.88 -11.07
N ASN A 162 -15.59 4.04 -11.36
CA ASN A 162 -15.53 3.23 -12.57
C ASN A 162 -15.53 4.10 -13.83
N ARG A 163 -16.31 5.19 -13.83
CA ARG A 163 -16.28 6.08 -14.97
C ARG A 163 -14.97 6.86 -15.04
N CYS A 164 -14.36 7.16 -13.89
CA CYS A 164 -13.08 7.85 -13.89
C CYS A 164 -11.97 6.99 -14.50
N MET A 165 -11.98 5.69 -14.19
CA MET A 165 -10.97 4.81 -14.77
C MET A 165 -11.07 4.74 -16.29
N GLU A 166 -12.21 5.12 -16.86
CA GLU A 166 -12.35 5.21 -18.31
C GLU A 166 -12.01 6.58 -18.85
N ALA A 167 -11.65 7.53 -17.99
CA ALA A 167 -11.34 8.89 -18.41
C ALA A 167 -9.95 9.35 -18.01
N GLY A 168 -9.16 8.50 -17.36
CA GLY A 168 -7.81 8.86 -16.97
C GLY A 168 -7.70 9.69 -15.71
N VAL A 169 -8.82 9.98 -15.03
CA VAL A 169 -8.78 10.76 -13.81
C VAL A 169 -8.28 9.87 -12.67
N GLU A 170 -7.25 10.34 -11.97
CA GLU A 170 -6.68 9.61 -10.86
C GLU A 170 -7.27 10.13 -9.55
N ILE A 171 -7.71 9.21 -8.70
CA ILE A 171 -8.29 9.55 -7.41
C ILE A 171 -7.24 9.37 -6.34
N VAL A 172 -7.00 10.43 -5.56
CA VAL A 172 -5.96 10.40 -4.54
C VAL A 172 -6.48 9.86 -3.22
N THR A 173 -7.65 10.32 -2.78
CA THR A 173 -8.22 9.90 -1.50
C THR A 173 -9.67 9.51 -1.69
N ARG A 174 -10.16 8.71 -0.74
CA ARG A 174 -11.55 8.28 -0.67
C ARG A 174 -12.06 8.44 0.75
N GLN A 175 -11.77 9.60 1.35
CA GLN A 175 -12.16 9.85 2.74
C GLN A 175 -13.67 9.78 2.90
N SER A 176 -14.11 9.08 3.93
CA SER A 176 -15.54 8.84 4.15
C SER A 176 -15.81 8.94 5.65
N PHE A 177 -16.69 9.85 6.04
CA PHE A 177 -17.12 9.99 7.42
C PHE A 177 -18.55 9.51 7.57
N LEU A 178 -19.02 9.47 8.81
CA LEU A 178 -20.38 9.06 9.11
C LEU A 178 -21.20 10.19 9.72
N SER A 179 -20.69 10.84 10.75
CA SER A 179 -21.38 11.96 11.37
C SER A 179 -20.50 13.20 11.49
N ASP A 180 -19.21 13.02 11.76
CA ASP A 180 -18.29 14.15 11.94
C ASP A 180 -17.12 13.99 10.97
N PRO A 181 -16.92 14.93 10.04
CA PRO A 181 -15.84 14.81 9.06
C PRO A 181 -14.51 15.41 9.48
N THR A 182 -14.32 15.77 10.76
CA THR A 182 -13.08 16.39 11.19
C THR A 182 -11.88 15.51 10.83
N ASP A 183 -11.92 14.25 11.22
CA ASP A 183 -10.87 13.30 10.88
C ASP A 183 -11.09 12.66 9.51
N ALA A 184 -11.94 13.26 8.69
CA ALA A 184 -12.12 12.86 7.29
C ALA A 184 -11.76 13.96 6.31
N VAL A 185 -11.96 15.23 6.68
CA VAL A 185 -11.52 16.33 5.83
C VAL A 185 -10.12 16.82 6.21
N ARG A 186 -9.64 16.50 7.42
CA ARG A 186 -8.29 16.87 7.79
C ARG A 186 -7.26 16.13 6.94
N ASN A 187 -7.48 14.83 6.71
CA ASN A 187 -6.58 14.05 5.87
C ASN A 187 -6.64 14.47 4.41
N LEU A 188 -7.67 15.24 4.03
CA LEU A 188 -7.73 15.73 2.65
C LEU A 188 -6.55 16.61 2.33
N ARG A 189 -6.17 17.50 3.24
CA ARG A 189 -4.93 18.25 3.07
C ARG A 189 -3.75 17.57 3.74
N ARG A 190 -3.64 16.26 3.54
CA ARG A 190 -2.42 15.50 3.80
C ARG A 190 -1.91 14.85 2.52
N GLN A 191 -2.77 14.08 1.86
CA GLN A 191 -2.60 13.79 0.43
C GLN A 191 -3.21 14.97 -0.30
N ASP A 192 -2.44 16.06 -0.37
CA ASP A 192 -2.94 17.37 -0.77
C ASP A 192 -3.78 17.31 -2.03
N ALA A 193 -5.06 17.64 -1.90
CA ALA A 193 -6.02 17.53 -2.98
C ALA A 193 -6.67 18.89 -3.21
N ARG A 194 -6.71 19.33 -4.46
CA ARG A 194 -7.34 20.58 -4.83
C ARG A 194 -8.78 20.41 -5.30
N ILE A 195 -9.05 19.37 -6.09
CA ILE A 195 -10.39 19.09 -6.60
C ILE A 195 -11.01 18.01 -5.73
N ILE A 196 -12.09 18.34 -5.04
CA ILE A 196 -12.74 17.42 -4.12
C ILE A 196 -14.22 17.35 -4.45
N VAL A 197 -14.76 16.13 -4.57
CA VAL A 197 -16.17 15.92 -4.82
C VAL A 197 -16.82 15.49 -3.52
N GLY A 198 -17.88 16.23 -3.11
CA GLY A 198 -18.59 15.92 -1.88
C GLY A 198 -19.84 15.12 -2.18
N LEU A 199 -20.02 14.05 -1.43
CA LEU A 199 -21.10 13.09 -1.64
C LEU A 199 -21.89 12.90 -0.34
N PHE A 200 -22.30 14.00 0.27
CA PHE A 200 -23.01 13.95 1.54
C PHE A 200 -24.34 14.69 1.43
N TYR A 201 -25.18 14.51 2.45
CA TYR A 201 -26.44 15.22 2.53
C TYR A 201 -26.21 16.65 3.03
N VAL A 202 -27.28 17.44 3.03
CA VAL A 202 -27.15 18.85 3.39
C VAL A 202 -26.72 19.02 4.84
N VAL A 203 -27.22 18.15 5.72
CA VAL A 203 -26.85 18.23 7.13
C VAL A 203 -25.35 18.01 7.31
N ALA A 204 -24.80 17.02 6.62
CA ALA A 204 -23.35 16.84 6.62
C ALA A 204 -22.65 17.87 5.77
N ALA A 205 -23.35 18.42 4.77
CA ALA A 205 -22.73 19.44 3.92
C ALA A 205 -22.40 20.70 4.69
N ARG A 206 -23.31 21.14 5.56
CA ARG A 206 -23.03 22.33 6.37
C ARG A 206 -21.85 22.09 7.30
N ARG A 207 -21.78 20.91 7.90
CA ARG A 207 -20.69 20.62 8.82
C ARG A 207 -19.36 20.52 8.07
N VAL A 208 -19.36 19.93 6.87
CA VAL A 208 -18.15 19.89 6.05
C VAL A 208 -17.73 21.31 5.68
N LEU A 209 -18.69 22.16 5.34
CA LEU A 209 -18.37 23.56 5.03
C LEU A 209 -17.71 24.23 6.23
N CYS A 210 -18.31 24.09 7.41
CA CYS A 210 -17.71 24.65 8.62
C CYS A 210 -16.34 24.05 8.91
N GLU A 211 -16.08 22.83 8.45
CA GLU A 211 -14.80 22.16 8.68
C GLU A 211 -13.83 22.34 7.51
N MET A 212 -13.94 23.45 6.78
CA MET A 212 -12.94 23.78 5.77
C MET A 212 -12.53 25.24 5.80
N TYR A 213 -12.84 25.97 6.88
CA TYR A 213 -12.27 27.29 7.10
C TYR A 213 -11.11 27.22 8.10
N LYS A 214 -11.37 26.66 9.28
CA LYS A 214 -10.32 26.47 10.26
C LYS A 214 -9.22 25.56 9.75
N GLN A 215 -9.52 24.71 8.77
CA GLN A 215 -8.51 23.93 8.07
C GLN A 215 -7.98 24.63 6.84
N GLN A 216 -8.55 25.79 6.48
CA GLN A 216 -8.06 26.60 5.36
C GLN A 216 -8.01 25.80 4.07
N LEU A 217 -9.08 25.04 3.80
CA LEU A 217 -9.17 24.21 2.61
C LEU A 217 -9.88 24.93 1.46
N TYR A 218 -10.18 26.22 1.60
CA TYR A 218 -10.84 27.00 0.58
C TYR A 218 -9.88 28.04 0.01
N GLY A 219 -10.34 28.72 -1.04
CA GLY A 219 -9.58 29.78 -1.66
C GLY A 219 -9.33 29.51 -3.14
N ARG A 220 -8.20 30.01 -3.62
CA ARG A 220 -7.83 29.91 -5.02
C ARG A 220 -7.23 28.56 -5.40
N ALA A 221 -6.88 27.73 -4.42
CA ALA A 221 -6.17 26.48 -4.68
C ALA A 221 -7.05 25.25 -4.51
N HIS A 222 -8.36 25.42 -4.37
CA HIS A 222 -9.24 24.27 -4.16
C HIS A 222 -10.57 24.51 -4.87
N VAL A 223 -11.16 23.43 -5.36
CA VAL A 223 -12.45 23.46 -6.03
C VAL A 223 -13.28 22.29 -5.55
N TRP A 224 -14.52 22.58 -5.14
CA TRP A 224 -15.43 21.60 -4.58
C TRP A 224 -16.57 21.32 -5.55
N PHE A 225 -16.81 20.06 -5.84
CA PHE A 225 -18.00 19.61 -6.56
C PHE A 225 -19.02 19.20 -5.51
N PHE A 226 -19.90 20.14 -5.16
CA PHE A 226 -20.99 19.84 -4.25
C PHE A 226 -22.18 19.28 -5.03
N ILE A 227 -23.13 18.73 -4.28
CA ILE A 227 -24.36 18.21 -4.88
C ILE A 227 -25.32 19.37 -5.14
N GLY A 228 -25.93 19.37 -6.31
CA GLY A 228 -26.65 20.53 -6.79
C GLY A 228 -28.10 20.68 -6.36
N TRP A 229 -28.70 19.69 -5.70
CA TRP A 229 -30.11 19.78 -5.36
C TRP A 229 -30.35 20.24 -3.92
N TYR A 230 -29.34 20.81 -3.27
CA TYR A 230 -29.58 21.45 -1.99
C TYR A 230 -30.49 22.67 -2.19
N GLU A 231 -30.96 23.22 -1.07
CA GLU A 231 -31.66 24.49 -1.14
C GLU A 231 -30.70 25.58 -1.60
N ASP A 232 -31.25 26.62 -2.22
CA ASP A 232 -30.42 27.70 -2.74
C ASP A 232 -29.57 28.32 -1.63
N ASN A 233 -30.20 28.62 -0.50
CA ASN A 233 -29.48 29.12 0.67
C ASN A 233 -29.24 27.98 1.67
N TRP A 234 -28.46 27.00 1.23
CA TRP A 234 -28.18 25.83 2.07
C TRP A 234 -27.04 26.07 3.05
N TYR A 235 -26.40 27.24 3.01
CA TYR A 235 -25.29 27.55 3.90
C TYR A 235 -25.67 28.54 4.99
N GLU A 236 -26.91 29.04 5.00
CA GLU A 236 -27.31 30.05 5.97
C GLU A 236 -28.60 29.67 6.68
N VAL A 237 -28.81 28.38 6.89
CA VAL A 237 -30.00 27.88 7.57
C VAL A 237 -29.60 26.70 8.45
N ASN A 238 -30.33 26.52 9.55
CA ASN A 238 -30.05 25.45 10.52
C ASN A 238 -28.64 25.60 11.10
N LEU A 239 -28.30 26.82 11.52
CA LEU A 239 -26.98 27.11 12.05
C LEU A 239 -26.89 26.78 13.53
N LYS A 240 -27.76 27.41 14.33
CA LYS A 240 -27.72 27.25 15.78
C LYS A 240 -28.05 25.83 16.21
N ALA A 241 -28.99 25.18 15.51
CA ALA A 241 -29.40 23.84 15.87
C ALA A 241 -28.25 22.85 15.78
N GLU A 242 -27.43 22.97 14.74
CA GLU A 242 -26.27 22.11 14.56
C GLU A 242 -25.06 22.68 15.29
N GLY A 243 -24.05 21.83 15.48
CA GLY A 243 -22.83 22.24 16.13
C GLY A 243 -21.89 22.97 15.20
N ILE A 244 -22.40 23.98 14.50
CA ILE A 244 -21.63 24.73 13.51
C ILE A 244 -21.00 25.92 14.25
N THR A 245 -19.73 25.77 14.61
CA THR A 245 -19.01 26.83 15.30
C THR A 245 -18.71 28.03 14.40
N CYS A 246 -18.91 27.89 13.09
CA CYS A 246 -18.60 28.95 12.15
C CYS A 246 -19.73 29.99 12.13
N THR A 247 -19.58 31.00 11.27
CA THR A 247 -20.52 32.10 11.17
C THR A 247 -21.03 32.22 9.74
N VAL A 248 -22.14 32.96 9.60
CA VAL A 248 -22.78 33.10 8.29
C VAL A 248 -21.84 33.78 7.30
N GLU A 249 -21.05 34.75 7.77
CA GLU A 249 -20.08 35.40 6.89
C GLU A 249 -19.07 34.40 6.35
N GLN A 250 -18.47 33.59 7.23
CA GLN A 250 -17.55 32.57 6.77
C GLN A 250 -18.28 31.37 6.17
N MET A 251 -19.55 31.16 6.54
CA MET A 251 -20.40 30.23 5.79
C MET A 251 -20.37 30.57 4.31
N ARG A 252 -20.59 31.84 3.98
CA ARG A 252 -20.68 32.27 2.58
C ARG A 252 -19.31 32.41 1.94
N ILE A 253 -18.29 32.82 2.70
CA ILE A 253 -17.00 33.18 2.10
C ILE A 253 -16.39 32.00 1.35
N ALA A 254 -16.41 30.81 1.95
CA ALA A 254 -15.81 29.65 1.32
C ALA A 254 -16.77 28.86 0.45
N ALA A 255 -18.03 29.26 0.40
CA ALA A 255 -18.92 28.73 -0.61
C ALA A 255 -18.64 29.31 -1.99
N GLU A 256 -17.76 30.31 -2.06
CA GLU A 256 -17.42 30.96 -3.32
C GLU A 256 -16.67 30.01 -4.23
N GLY A 257 -17.10 29.95 -5.50
CA GLY A 257 -16.36 29.24 -6.52
C GLY A 257 -16.43 27.73 -6.46
N HIS A 258 -17.48 27.16 -5.89
CA HIS A 258 -17.68 25.71 -5.91
C HIS A 258 -18.74 25.36 -6.94
N LEU A 259 -18.51 24.26 -7.65
CA LEU A 259 -19.40 23.82 -8.71
C LEU A 259 -20.40 22.81 -8.16
N THR A 260 -21.68 22.99 -8.50
CA THR A 260 -22.73 22.06 -8.14
C THR A 260 -23.36 21.52 -9.40
N THR A 261 -23.43 20.19 -9.50
CA THR A 261 -24.03 19.49 -10.63
C THR A 261 -25.32 18.83 -10.17
N GLU A 262 -26.40 19.08 -10.90
CA GLU A 262 -27.73 18.70 -10.46
C GLU A 262 -28.50 18.10 -11.63
N ALA A 263 -29.47 17.26 -11.30
CA ALA A 263 -30.40 16.73 -12.31
C ALA A 263 -31.55 17.71 -12.48
N LEU A 264 -31.86 18.04 -13.73
CA LEU A 264 -32.88 19.04 -14.02
C LEU A 264 -34.26 18.45 -13.78
N MET A 265 -35.04 19.09 -12.92
CA MET A 265 -36.40 18.68 -12.64
C MET A 265 -37.44 19.68 -13.10
N TRP A 266 -37.02 20.83 -13.63
CA TRP A 266 -37.91 21.82 -14.20
C TRP A 266 -37.41 22.21 -15.59
N ASN A 267 -38.35 22.48 -16.49
CA ASN A 267 -37.98 22.87 -17.85
C ASN A 267 -37.34 24.26 -17.83
N GLN A 268 -36.08 24.34 -18.24
CA GLN A 268 -35.38 25.62 -18.22
C GLN A 268 -35.82 26.54 -19.35
N ASN A 269 -36.39 25.99 -20.42
CA ASN A 269 -36.79 26.80 -21.56
C ASN A 269 -38.18 27.39 -21.33
N ASN A 270 -38.63 28.20 -22.28
CA ASN A 270 -39.97 28.78 -22.26
C ASN A 270 -40.93 28.08 -23.21
N GLN A 271 -40.50 26.96 -23.80
CA GLN A 271 -41.35 26.25 -24.75
C GLN A 271 -42.57 25.67 -24.07
N THR A 272 -43.68 25.63 -24.80
CA THR A 272 -44.90 25.01 -24.29
C THR A 272 -44.76 23.50 -24.31
N THR A 273 -45.02 22.88 -23.17
CA THR A 273 -44.89 21.43 -23.03
C THR A 273 -46.06 20.73 -23.72
N ILE A 274 -46.02 19.40 -23.73
CA ILE A 274 -47.15 18.62 -24.24
C ILE A 274 -48.37 18.79 -23.34
N SER A 275 -48.17 19.24 -22.10
CA SER A 275 -49.27 19.44 -21.17
C SER A 275 -50.14 20.62 -21.56
N GLY A 276 -49.67 21.49 -22.43
CA GLY A 276 -50.37 22.71 -22.78
C GLY A 276 -49.95 23.93 -22.00
N MET A 277 -48.83 23.87 -21.28
CA MET A 277 -48.36 25.00 -20.49
C MET A 277 -46.85 24.88 -20.33
N THR A 278 -46.24 25.98 -19.91
CA THR A 278 -44.80 26.02 -19.70
C THR A 278 -44.48 25.69 -18.24
N ALA A 279 -43.18 25.57 -17.95
CA ALA A 279 -42.75 25.22 -16.60
C ALA A 279 -43.15 26.29 -15.59
N GLU A 280 -42.99 27.56 -15.96
CA GLU A 280 -43.37 28.64 -15.05
C GLU A 280 -44.87 28.66 -14.79
N GLU A 281 -45.66 28.40 -15.84
CA GLU A 281 -47.11 28.36 -15.66
C GLU A 281 -47.52 27.23 -14.72
N PHE A 282 -46.90 26.05 -14.89
CA PHE A 282 -47.21 24.95 -13.97
C PHE A 282 -46.76 25.27 -12.55
N ARG A 283 -45.62 25.94 -12.40
CA ARG A 283 -45.17 26.33 -11.07
C ARG A 283 -46.15 27.27 -10.41
N HIS A 284 -46.66 28.25 -11.18
CA HIS A 284 -47.65 29.17 -10.63
C HIS A 284 -48.94 28.44 -10.25
N ARG A 285 -49.39 27.52 -11.11
CA ARG A 285 -50.61 26.77 -10.80
C ARG A 285 -50.43 25.88 -9.58
N LEU A 286 -49.26 25.25 -9.44
CA LEU A 286 -48.98 24.43 -8.27
C LEU A 286 -48.92 25.29 -7.00
N ASN A 287 -48.34 26.49 -7.10
CA ASN A 287 -48.34 27.40 -5.98
C ASN A 287 -49.76 27.76 -5.58
N GLN A 288 -50.62 28.01 -6.57
CA GLN A 288 -52.02 28.33 -6.28
C GLN A 288 -52.74 27.15 -5.63
N ALA A 289 -52.45 25.93 -6.08
CA ALA A 289 -53.13 24.75 -5.54
C ALA A 289 -52.62 24.36 -4.16
N LEU A 290 -51.35 24.61 -3.86
CA LEU A 290 -50.78 24.13 -2.61
C LEU A 290 -51.24 24.94 -1.41
N ILE A 291 -51.54 26.23 -1.60
CA ILE A 291 -51.95 27.05 -0.47
C ILE A 291 -53.30 26.59 0.08
N GLU A 292 -54.11 25.92 -0.75
CA GLU A 292 -55.35 25.36 -0.26
C GLU A 292 -55.10 24.24 0.75
N GLU A 293 -54.04 23.46 0.55
CA GLU A 293 -53.74 22.34 1.44
C GLU A 293 -53.28 22.79 2.82
N GLY A 294 -53.00 24.08 3.01
CA GLY A 294 -52.58 24.56 4.31
C GLY A 294 -51.12 24.95 4.34
N TYR A 295 -50.62 25.51 3.24
CA TYR A 295 -49.23 25.94 3.14
C TYR A 295 -49.19 27.44 2.87
N ASP A 296 -48.26 28.12 3.53
CA ASP A 296 -48.09 29.57 3.42
C ASP A 296 -46.91 29.93 2.54
N ILE A 297 -46.74 29.20 1.43
CA ILE A 297 -45.62 29.36 0.52
C ILE A 297 -45.59 30.73 -0.16
N ASN A 298 -46.59 31.59 0.07
CA ASN A 298 -46.48 32.96 -0.40
C ASN A 298 -45.32 33.68 0.26
N HIS A 299 -45.13 33.45 1.57
CA HIS A 299 -43.96 33.93 2.30
C HIS A 299 -42.97 32.80 2.61
N ASP A 300 -42.77 31.90 1.65
CA ASP A 300 -41.84 30.77 1.73
C ASP A 300 -42.38 29.68 2.67
N ARG A 301 -41.48 28.90 3.26
CA ARG A 301 -41.83 27.65 3.94
C ARG A 301 -42.50 26.68 2.96
N TYR A 302 -41.73 26.29 1.95
CA TYR A 302 -42.23 25.39 0.92
C TYR A 302 -42.50 24.00 1.50
N PRO A 303 -43.48 23.28 0.96
CA PRO A 303 -43.74 21.92 1.44
C PRO A 303 -42.66 20.95 0.98
N GLU A 304 -42.56 19.84 1.70
CA GLU A 304 -41.58 18.81 1.37
C GLU A 304 -41.94 18.17 0.03
N GLY A 305 -40.90 17.84 -0.75
CA GLY A 305 -41.11 17.31 -2.07
C GLY A 305 -41.56 18.33 -3.09
N TYR A 306 -41.30 19.61 -2.84
CA TYR A 306 -41.71 20.66 -3.78
C TYR A 306 -40.94 20.56 -5.09
N GLN A 307 -39.65 20.23 -5.01
CA GLN A 307 -38.83 20.19 -6.21
C GLN A 307 -39.17 19.01 -7.12
N GLU A 308 -39.86 17.99 -6.60
CA GLU A 308 -40.18 16.80 -7.37
C GLU A 308 -41.61 16.78 -7.89
N ALA A 309 -42.37 17.86 -7.68
CA ALA A 309 -43.72 17.92 -8.24
C ALA A 309 -43.76 17.78 -9.75
N PRO A 310 -42.88 18.43 -10.54
CA PRO A 310 -42.88 18.15 -11.98
C PRO A 310 -42.64 16.70 -12.32
N LEU A 311 -41.85 16.00 -11.51
CA LEU A 311 -41.64 14.58 -11.75
C LEU A 311 -42.94 13.79 -11.63
N ALA A 312 -43.74 14.09 -10.60
CA ALA A 312 -45.02 13.42 -10.45
C ALA A 312 -45.98 13.79 -11.58
N TYR A 313 -46.00 15.07 -11.96
CA TYR A 313 -46.85 15.51 -13.06
C TYR A 313 -46.50 14.76 -14.35
N ASP A 314 -45.21 14.71 -14.68
CA ASP A 314 -44.78 14.02 -15.88
C ASP A 314 -44.95 12.51 -15.75
N ALA A 315 -44.92 11.97 -14.53
CA ALA A 315 -45.21 10.56 -14.35
C ALA A 315 -46.64 10.25 -14.72
N VAL A 316 -47.58 11.06 -14.26
CA VAL A 316 -48.98 10.86 -14.63
C VAL A 316 -49.16 11.03 -16.13
N TRP A 317 -48.51 12.05 -16.71
CA TRP A 317 -48.67 12.26 -18.15
C TRP A 317 -48.06 11.12 -18.96
N SER A 318 -46.94 10.57 -18.50
CA SER A 318 -46.35 9.41 -19.16
C SER A 318 -47.26 8.19 -19.06
N VAL A 319 -47.89 8.01 -17.90
CA VAL A 319 -48.86 6.93 -17.75
C VAL A 319 -49.99 7.10 -18.75
N ALA A 320 -50.51 8.32 -18.87
CA ALA A 320 -51.62 8.58 -19.79
C ALA A 320 -51.22 8.34 -21.23
N LEU A 321 -50.03 8.81 -21.62
CA LEU A 321 -49.56 8.61 -22.99
C LEU A 321 -49.35 7.12 -23.29
N ALA A 322 -48.75 6.39 -22.35
CA ALA A 322 -48.55 4.97 -22.55
C ALA A 322 -49.87 4.23 -22.66
N PHE A 323 -50.86 4.60 -21.83
CA PHE A 323 -52.17 3.98 -21.93
C PHE A 323 -52.83 4.31 -23.26
N ASN A 324 -52.71 5.56 -23.71
CA ASN A 324 -53.30 5.93 -25.00
C ASN A 324 -52.71 5.10 -26.12
N LYS A 325 -51.38 5.00 -26.17
CA LYS A 325 -50.75 4.16 -27.18
C LYS A 325 -51.15 2.69 -27.03
N THR A 326 -51.33 2.24 -25.78
CA THR A 326 -51.73 0.86 -25.54
C THR A 326 -53.09 0.56 -26.14
N MET A 327 -54.07 1.44 -25.91
CA MET A 327 -55.38 1.22 -26.52
C MET A 327 -55.33 1.41 -28.04
N GLU A 328 -54.51 2.33 -28.53
CA GLU A 328 -54.40 2.51 -29.97
C GLU A 328 -53.88 1.24 -30.65
N ARG A 329 -52.90 0.58 -30.03
CA ARG A 329 -52.40 -0.67 -30.58
C ARG A 329 -53.39 -1.82 -30.33
N LEU A 330 -54.12 -1.77 -29.21
CA LEU A 330 -55.05 -2.84 -28.85
C LEU A 330 -56.34 -2.82 -29.66
N THR A 331 -56.62 -1.74 -30.39
CA THR A 331 -57.83 -1.70 -31.20
C THR A 331 -57.79 -2.68 -32.36
N THR A 332 -56.61 -3.24 -32.67
CA THR A 332 -56.47 -4.25 -33.72
C THR A 332 -56.93 -5.61 -33.19
N GLY A 333 -58.20 -5.65 -32.79
CA GLY A 333 -58.79 -6.85 -32.22
C GLY A 333 -59.98 -6.55 -31.33
N LYS A 334 -60.03 -7.19 -30.16
CA LYS A 334 -61.11 -6.98 -29.20
C LYS A 334 -60.64 -6.70 -27.78
N LYS A 335 -59.41 -7.08 -27.43
CA LYS A 335 -58.90 -6.81 -26.09
C LYS A 335 -58.77 -5.32 -25.86
N SER A 336 -59.17 -4.86 -24.68
CA SER A 336 -59.14 -3.46 -24.31
C SER A 336 -58.48 -3.31 -22.94
N LEU A 337 -58.21 -2.05 -22.58
CA LEU A 337 -57.59 -1.78 -21.29
C LEU A 337 -58.57 -1.98 -20.14
N ARG A 338 -59.87 -1.80 -20.39
CA ARG A 338 -60.86 -1.98 -19.33
C ARG A 338 -60.87 -3.42 -18.82
N ASP A 339 -60.78 -4.39 -19.73
CA ASP A 339 -60.78 -5.80 -19.35
C ASP A 339 -59.34 -6.26 -19.11
N PHE A 340 -58.78 -5.77 -18.01
CA PHE A 340 -57.43 -6.11 -17.60
C PHE A 340 -57.46 -6.80 -16.25
N THR A 341 -56.72 -7.90 -16.14
CA THR A 341 -56.61 -8.65 -14.91
C THR A 341 -55.13 -8.85 -14.59
N TYR A 342 -54.85 -9.12 -13.31
CA TYR A 342 -53.47 -9.27 -12.86
C TYR A 342 -52.77 -10.47 -13.48
N THR A 343 -53.51 -11.39 -14.10
CA THR A 343 -52.93 -12.52 -14.81
C THR A 343 -52.87 -12.31 -16.31
N ASP A 344 -53.15 -11.10 -16.79
CA ASP A 344 -53.14 -10.80 -18.23
C ASP A 344 -51.75 -10.31 -18.60
N LYS A 345 -50.94 -11.21 -19.15
CA LYS A 345 -49.55 -10.87 -19.47
C LYS A 345 -49.44 -10.03 -20.74
N GLU A 346 -50.30 -10.26 -21.74
CA GLU A 346 -50.16 -9.56 -23.01
C GLU A 346 -50.42 -8.07 -22.86
N ILE A 347 -51.44 -7.68 -22.11
CA ILE A 347 -51.74 -6.27 -21.92
C ILE A 347 -50.63 -5.60 -21.13
N ALA A 348 -50.12 -6.27 -20.09
CA ALA A 348 -49.01 -5.71 -19.32
C ALA A 348 -47.77 -5.52 -20.18
N ASP A 349 -47.48 -6.49 -21.05
CA ASP A 349 -46.32 -6.38 -21.94
C ASP A 349 -46.52 -5.25 -22.95
N GLU A 350 -47.75 -5.08 -23.46
CA GLU A 350 -48.01 -3.97 -24.37
C GLU A 350 -47.83 -2.63 -23.68
N ILE A 351 -48.30 -2.51 -22.42
CA ILE A 351 -48.12 -1.27 -21.68
C ILE A 351 -46.64 -1.04 -21.40
N TYR A 352 -45.88 -2.10 -21.13
CA TYR A 352 -44.44 -1.95 -20.95
C TYR A 352 -43.77 -1.46 -22.22
N ALA A 353 -44.20 -1.99 -23.37
CA ALA A 353 -43.66 -1.52 -24.65
C ALA A 353 -44.01 -0.05 -24.88
N ALA A 354 -45.23 0.35 -24.54
CA ALA A 354 -45.62 1.75 -24.70
C ALA A 354 -44.81 2.67 -23.79
N MET A 355 -44.58 2.24 -22.55
CA MET A 355 -43.79 3.04 -21.62
C MET A 355 -42.31 3.02 -21.96
N ASN A 356 -41.86 2.04 -22.72
CA ASN A 356 -40.48 2.06 -23.21
C ASN A 356 -40.29 3.16 -24.25
N SER A 357 -41.22 3.28 -25.18
CA SER A 357 -41.13 4.26 -26.26
C SER A 357 -41.94 5.51 -25.92
N THR A 358 -41.52 6.21 -24.88
CA THR A 358 -42.11 7.49 -24.51
C THR A 358 -41.06 8.58 -24.64
N GLN A 359 -41.43 9.67 -25.30
CA GLN A 359 -40.51 10.80 -25.52
C GLN A 359 -41.39 12.04 -25.65
N PHE A 360 -41.52 12.79 -24.56
CA PHE A 360 -42.39 13.95 -24.60
C PHE A 360 -41.84 15.07 -23.74
N LEU A 361 -42.13 16.30 -24.12
CA LEU A 361 -41.69 17.47 -23.37
C LEU A 361 -42.70 17.74 -22.26
N GLY A 362 -42.31 17.45 -21.02
CA GLY A 362 -43.09 17.80 -19.85
C GLY A 362 -42.45 18.92 -19.05
N VAL A 363 -43.05 19.18 -17.88
CA VAL A 363 -42.57 20.28 -17.04
C VAL A 363 -41.13 20.06 -16.62
N SER A 364 -40.72 18.80 -16.44
CA SER A 364 -39.35 18.50 -16.04
C SER A 364 -38.39 18.43 -17.22
N GLY A 365 -38.86 18.67 -18.44
CA GLY A 365 -37.98 18.63 -19.59
C GLY A 365 -38.34 17.52 -20.55
N VAL A 366 -37.37 17.05 -21.34
CA VAL A 366 -37.63 15.97 -22.28
C VAL A 366 -37.68 14.67 -21.47
N VAL A 367 -38.89 14.20 -21.18
CA VAL A 367 -39.10 12.97 -20.43
C VAL A 367 -38.99 11.80 -21.39
N ALA A 368 -38.06 10.91 -21.10
CA ALA A 368 -37.88 9.62 -21.76
C ALA A 368 -37.16 8.71 -20.77
N PHE A 369 -37.25 7.40 -21.01
CA PHE A 369 -36.69 6.42 -20.09
C PHE A 369 -35.61 5.61 -20.80
N SER A 370 -34.55 5.29 -20.07
CA SER A 370 -33.45 4.52 -20.62
C SER A 370 -33.84 3.04 -20.73
N SER A 371 -32.88 2.22 -21.14
CA SER A 371 -33.15 0.79 -21.31
C SER A 371 -33.43 0.10 -19.99
N GLN A 372 -32.93 0.64 -18.88
CA GLN A 372 -33.08 0.02 -17.57
C GLN A 372 -34.13 0.72 -16.72
N GLY A 373 -34.98 1.54 -17.33
CA GLY A 373 -36.04 2.23 -16.62
C GLY A 373 -35.65 3.53 -15.97
N ASP A 374 -34.38 3.91 -16.03
CA ASP A 374 -33.95 5.17 -15.45
C ASP A 374 -34.47 6.35 -16.28
N ARG A 375 -34.49 7.52 -15.66
CA ARG A 375 -34.91 8.73 -16.36
C ARG A 375 -33.73 9.36 -17.07
N ILE A 376 -33.90 9.63 -18.36
CA ILE A 376 -32.88 10.32 -19.14
C ILE A 376 -33.03 11.81 -18.88
N ALA A 377 -32.13 12.37 -18.08
CA ALA A 377 -32.22 13.76 -17.64
C ALA A 377 -31.05 14.56 -18.19
N LEU A 378 -31.28 15.86 -18.32
CA LEU A 378 -30.27 16.80 -18.77
C LEU A 378 -29.68 17.49 -17.55
N THR A 379 -28.42 17.18 -17.25
CA THR A 379 -27.78 17.72 -16.06
C THR A 379 -27.51 19.21 -16.21
N GLN A 380 -27.47 19.91 -15.09
CA GLN A 380 -27.28 21.34 -15.03
C GLN A 380 -26.14 21.66 -14.08
N ILE A 381 -25.26 22.57 -14.48
CA ILE A 381 -24.07 22.93 -13.72
C ILE A 381 -24.18 24.38 -13.31
N GLU A 382 -23.94 24.67 -12.03
CA GLU A 382 -23.93 26.03 -11.55
C GLU A 382 -22.77 26.22 -10.58
N GLN A 383 -22.47 27.48 -10.28
CA GLN A 383 -21.36 27.82 -9.39
C GLN A 383 -21.79 28.95 -8.48
N MET A 384 -21.36 28.87 -7.22
CA MET A 384 -21.75 29.87 -6.22
C MET A 384 -20.73 31.01 -6.23
N ILE A 385 -21.19 32.21 -6.54
CA ILE A 385 -20.35 33.41 -6.57
C ILE A 385 -20.96 34.45 -5.65
N ASP A 386 -20.22 34.85 -4.63
CA ASP A 386 -20.67 35.87 -3.67
C ASP A 386 -22.00 35.49 -3.05
N GLY A 387 -22.13 34.21 -2.68
CA GLY A 387 -23.37 33.73 -2.10
C GLY A 387 -24.56 33.72 -3.03
N LYS A 388 -24.36 33.34 -4.29
CA LYS A 388 -25.46 33.21 -5.24
C LYS A 388 -25.04 32.25 -6.33
N TYR A 389 -26.00 31.46 -6.81
CA TYR A 389 -25.72 30.44 -7.81
C TYR A 389 -25.95 31.01 -9.20
N GLU A 390 -24.92 30.91 -10.05
CA GLU A 390 -25.00 31.30 -11.45
C GLU A 390 -24.80 30.06 -12.30
N LYS A 391 -25.66 29.89 -13.30
CA LYS A 391 -25.66 28.67 -14.12
C LYS A 391 -24.54 28.75 -15.14
N LEU A 392 -23.57 27.85 -15.03
CA LEU A 392 -22.48 27.80 -16.01
C LEU A 392 -22.92 27.15 -17.31
N GLY A 393 -23.80 26.15 -17.24
CA GLY A 393 -24.24 25.49 -18.45
C GLY A 393 -25.05 24.26 -18.14
N TYR A 394 -25.31 23.49 -19.19
CA TYR A 394 -26.06 22.25 -19.11
C TYR A 394 -25.31 21.18 -19.90
N TYR A 395 -25.51 19.93 -19.51
CA TYR A 395 -24.84 18.81 -20.14
C TYR A 395 -25.85 17.71 -20.47
N ASP A 396 -25.83 17.23 -21.70
CA ASP A 396 -26.61 16.07 -22.11
C ASP A 396 -25.74 14.83 -21.96
N THR A 397 -26.17 13.89 -21.12
CA THR A 397 -25.36 12.72 -20.83
C THR A 397 -25.40 11.70 -21.97
N GLN A 398 -26.56 11.52 -22.60
CA GLN A 398 -26.70 10.48 -23.61
C GLN A 398 -25.81 10.75 -24.81
N LEU A 399 -25.80 11.99 -25.30
CA LEU A 399 -24.90 12.43 -26.35
C LEU A 399 -24.15 13.64 -25.84
N ASP A 400 -22.83 13.67 -26.08
CA ASP A 400 -21.98 14.68 -25.45
C ASP A 400 -22.32 16.05 -26.02
N ASN A 401 -23.14 16.79 -25.29
CA ASN A 401 -23.55 18.14 -25.67
C ASN A 401 -23.45 18.99 -24.41
N LEU A 402 -22.37 19.75 -24.29
CA LEU A 402 -22.12 20.60 -23.13
C LEU A 402 -22.40 22.04 -23.55
N SER A 403 -23.65 22.46 -23.39
CA SER A 403 -24.02 23.84 -23.71
C SER A 403 -23.50 24.73 -22.59
N TRP A 404 -22.45 25.49 -22.88
CA TRP A 404 -21.72 26.26 -21.88
C TRP A 404 -22.02 27.74 -22.05
N LEU A 405 -22.47 28.39 -20.99
CA LEU A 405 -22.50 29.84 -20.89
C LEU A 405 -21.28 30.25 -20.08
N ASN A 406 -20.35 30.97 -20.72
CA ASN A 406 -19.05 31.24 -20.12
C ASN A 406 -19.22 32.28 -19.01
N THR A 407 -19.75 31.80 -17.88
CA THR A 407 -19.98 32.65 -16.71
C THR A 407 -19.26 32.12 -15.47
N GLU A 408 -18.27 31.25 -15.64
CA GLU A 408 -17.51 30.75 -14.51
C GLU A 408 -16.50 31.80 -14.08
N GLN A 409 -16.51 32.15 -12.79
CA GLN A 409 -15.63 33.21 -12.27
C GLN A 409 -14.55 32.55 -11.42
N TRP A 410 -13.48 32.13 -12.09
CA TRP A 410 -12.32 31.63 -11.38
C TRP A 410 -11.54 32.78 -10.77
N ILE A 411 -11.17 32.64 -9.51
CA ILE A 411 -10.37 33.66 -8.84
C ILE A 411 -8.95 33.62 -9.40
N GLY A 412 -8.43 34.79 -9.76
CA GLY A 412 -7.16 34.87 -10.45
C GLY A 412 -7.27 34.85 -11.96
N GLY A 413 -8.46 34.61 -12.50
CA GLY A 413 -8.67 34.65 -13.93
C GLY A 413 -8.27 33.39 -14.68
N LYS A 414 -7.76 32.38 -13.99
CA LYS A 414 -7.31 31.16 -14.64
C LYS A 414 -7.85 29.95 -13.89
N VAL A 415 -8.01 28.84 -14.61
CA VAL A 415 -8.51 27.62 -14.02
C VAL A 415 -7.45 27.06 -13.07
N PRO A 416 -7.83 26.69 -11.85
CA PRO A 416 -6.85 26.07 -10.95
C PRO A 416 -6.44 24.69 -11.45
N GLN A 417 -5.20 24.33 -11.19
CA GLN A 417 -4.72 23.00 -11.55
C GLN A 417 -5.02 22.01 -10.43
N ASP A 418 -4.94 20.72 -10.78
CA ASP A 418 -5.26 19.67 -9.83
C ASP A 418 -4.11 19.33 -8.90
N ARG A 419 -2.94 19.93 -9.08
CA ARG A 419 -1.78 19.66 -8.25
C ARG A 419 -0.81 20.83 -8.38
N THR A 420 0.27 20.78 -7.59
CA THR A 420 1.37 21.73 -7.74
C THR A 420 2.36 21.12 -8.72
N ILE A 421 2.31 21.59 -9.97
CA ILE A 421 3.14 21.01 -11.01
C ILE A 421 4.60 21.33 -10.74
N VAL A 422 5.45 20.31 -10.79
CA VAL A 422 6.87 20.47 -10.55
C VAL A 422 7.61 20.46 -11.88
N THR A 423 8.54 21.39 -12.03
CA THR A 423 9.37 21.49 -13.22
C THR A 423 10.83 21.32 -12.81
N HIS A 424 11.53 20.40 -13.47
CA HIS A 424 12.92 20.11 -13.15
C HIS A 424 13.81 20.92 -14.06
N VAL A 425 14.69 21.73 -13.47
CA VAL A 425 15.62 22.57 -14.21
C VAL A 425 17.04 22.12 -13.90
N LEU A 426 17.89 22.10 -14.93
CA LEU A 426 19.25 21.63 -14.79
C LEU A 426 20.15 22.80 -14.38
N ARG A 427 20.71 22.72 -13.18
CA ARG A 427 21.69 23.71 -12.75
C ARG A 427 22.99 23.52 -13.52
N THR A 428 23.51 24.60 -14.08
CA THR A 428 24.67 24.54 -14.95
C THR A 428 25.74 25.50 -14.46
N VAL A 429 26.96 25.29 -14.97
CA VAL A 429 28.05 26.21 -14.70
C VAL A 429 27.74 27.56 -15.36
N SER A 430 28.15 28.64 -14.70
CA SER A 430 27.87 29.97 -15.23
C SER A 430 28.55 30.15 -16.59
N LEU A 431 27.80 30.72 -17.54
CA LEU A 431 28.34 30.90 -18.88
C LEU A 431 29.60 31.76 -18.91
N PRO A 432 29.67 32.92 -18.24
CA PRO A 432 30.94 33.65 -18.25
C PRO A 432 32.09 32.87 -17.65
N LEU A 433 31.83 32.09 -16.60
CA LEU A 433 32.90 31.30 -15.98
C LEU A 433 33.43 30.25 -16.93
N PHE A 434 32.54 29.52 -17.60
CA PHE A 434 32.97 28.51 -18.56
C PHE A 434 33.71 29.15 -19.72
N VAL A 435 33.22 30.30 -20.21
CA VAL A 435 33.87 30.95 -21.34
C VAL A 435 35.27 31.42 -20.95
N CYS A 436 35.42 32.01 -19.76
CA CYS A 436 36.73 32.44 -19.30
C CYS A 436 37.68 31.27 -19.13
N MET A 437 37.21 30.18 -18.55
CA MET A 437 38.06 29.00 -18.38
C MET A 437 38.46 28.41 -19.72
N CYS A 438 37.53 28.38 -20.68
CA CYS A 438 37.84 27.87 -22.02
C CYS A 438 38.86 28.76 -22.71
N THR A 439 38.74 30.08 -22.56
CA THR A 439 39.73 30.98 -23.15
C THR A 439 41.11 30.78 -22.53
N ILE A 440 41.16 30.61 -21.21
CA ILE A 440 42.43 30.40 -20.54
C ILE A 440 43.04 29.07 -20.98
N SER A 441 42.22 28.03 -21.10
CA SER A 441 42.72 26.74 -21.56
C SER A 441 43.20 26.82 -23.01
N SER A 442 42.52 27.60 -23.85
CA SER A 442 42.96 27.78 -25.22
C SER A 442 44.30 28.50 -25.27
N CYS A 443 44.49 29.51 -24.40
CA CYS A 443 45.78 30.17 -24.32
C CYS A 443 46.87 29.20 -23.87
N GLY A 444 46.55 28.33 -22.91
CA GLY A 444 47.51 27.33 -22.48
C GLY A 444 47.88 26.37 -23.59
N ILE A 445 46.89 25.92 -24.36
CA ILE A 445 47.15 25.04 -25.49
C ILE A 445 48.01 25.76 -26.51
N PHE A 446 47.72 27.03 -26.77
CA PHE A 446 48.50 27.80 -27.73
C PHE A 446 49.95 27.91 -27.31
N VAL A 447 50.20 28.24 -26.03
CA VAL A 447 51.58 28.39 -25.57
C VAL A 447 52.29 27.04 -25.54
N ALA A 448 51.57 25.97 -25.19
CA ALA A 448 52.18 24.64 -25.20
C ALA A 448 52.61 24.24 -26.61
N PHE A 449 51.72 24.44 -27.58
CA PHE A 449 52.09 24.15 -28.96
C PHE A 449 53.20 25.07 -29.45
N ALA A 450 53.23 26.30 -28.94
CA ALA A 450 54.33 27.20 -29.27
C ALA A 450 55.65 26.64 -28.80
N LEU A 451 55.69 26.09 -27.59
CA LEU A 451 56.92 25.47 -27.11
C LEU A 451 57.25 24.21 -27.89
N ILE A 452 56.24 23.43 -28.27
CA ILE A 452 56.51 22.24 -29.07
C ILE A 452 57.16 22.62 -30.40
N ILE A 453 56.64 23.68 -31.04
CA ILE A 453 57.25 24.17 -32.28
C ILE A 453 58.65 24.71 -32.01
N PHE A 454 58.81 25.46 -30.92
CA PHE A 454 60.10 26.03 -30.55
C PHE A 454 61.14 24.94 -30.28
N ASN A 455 60.71 23.74 -29.96
CA ASN A 455 61.64 22.63 -29.75
C ASN A 455 62.40 22.24 -31.03
N ILE A 456 62.22 23.00 -32.12
CA ILE A 456 62.97 22.79 -33.34
C ILE A 456 64.47 22.92 -33.08
N TRP A 457 64.86 23.73 -32.09
CA TRP A 457 66.27 23.95 -31.79
C TRP A 457 66.91 22.78 -31.04
N ASN A 458 66.25 21.61 -30.99
CA ASN A 458 66.78 20.49 -30.25
C ASN A 458 68.19 20.13 -30.71
N LYS A 459 68.39 20.00 -32.02
CA LYS A 459 69.72 19.76 -32.55
C LYS A 459 70.55 21.04 -32.57
N HIS A 460 69.91 22.20 -32.80
CA HIS A 460 70.67 23.42 -33.06
C HIS A 460 71.44 23.89 -31.83
N ARG A 461 70.83 23.80 -30.65
CA ARG A 461 71.43 24.35 -29.43
C ARG A 461 71.58 23.25 -28.38
N ARG A 462 72.68 23.32 -27.64
CA ARG A 462 73.01 22.28 -26.66
C ARG A 462 72.15 22.36 -25.40
N VAL A 463 71.53 23.50 -25.13
CA VAL A 463 70.74 23.65 -23.91
C VAL A 463 69.57 22.68 -23.91
N ILE A 464 68.90 22.54 -25.06
CA ILE A 464 67.77 21.63 -25.18
C ILE A 464 68.27 20.27 -25.65
N GLN A 465 69.42 20.26 -26.34
CA GLN A 465 70.01 19.00 -26.78
C GLN A 465 70.36 18.12 -25.59
N SER A 466 70.92 18.72 -24.52
CA SER A 466 71.27 18.01 -23.31
C SER A 466 70.19 18.11 -22.24
N SER A 467 68.92 18.14 -22.64
CA SER A 467 67.81 18.22 -21.70
C SER A 467 66.78 17.12 -21.91
N HIS A 468 67.11 16.10 -22.71
CA HIS A 468 66.23 14.98 -23.02
C HIS A 468 64.94 15.49 -23.66
N PRO A 469 65.01 15.97 -24.90
CA PRO A 469 63.84 16.66 -25.49
C PRO A 469 62.59 15.80 -25.60
N VAL A 470 62.73 14.48 -25.78
CA VAL A 470 61.55 13.62 -25.90
C VAL A 470 60.70 13.70 -24.65
N CYS A 471 61.35 13.76 -23.49
CA CYS A 471 60.62 13.90 -22.24
C CYS A 471 59.82 15.20 -22.20
N ASN A 472 60.43 16.31 -22.62
CA ASN A 472 59.72 17.57 -22.64
C ASN A 472 58.55 17.55 -23.62
N THR A 473 58.73 16.92 -24.77
CA THR A 473 57.64 16.79 -25.74
C THR A 473 56.50 15.98 -25.16
N ILE A 474 56.82 14.90 -24.44
CA ILE A 474 55.78 14.10 -23.78
C ILE A 474 55.05 14.95 -22.75
N MET A 475 55.79 15.75 -21.98
CA MET A 475 55.17 16.60 -20.97
C MET A 475 54.21 17.60 -21.61
N LEU A 476 54.62 18.24 -22.70
CA LEU A 476 53.77 19.23 -23.35
C LEU A 476 52.54 18.59 -23.98
N PHE A 477 52.72 17.41 -24.61
CA PHE A 477 51.57 16.73 -25.19
C PHE A 477 50.59 16.25 -24.13
N GLY A 478 51.08 15.86 -22.95
CA GLY A 478 50.18 15.59 -21.84
C GLY A 478 49.48 16.82 -21.34
N VAL A 479 50.18 17.96 -21.31
CA VAL A 479 49.56 19.21 -20.87
C VAL A 479 48.42 19.59 -21.80
N ILE A 480 48.62 19.45 -23.11
CA ILE A 480 47.57 19.79 -24.08
C ILE A 480 46.33 18.92 -23.84
N ILE A 481 46.54 17.62 -23.68
CA ILE A 481 45.42 16.70 -23.48
C ILE A 481 44.69 17.04 -22.18
N CYS A 482 45.44 17.32 -21.13
CA CYS A 482 44.81 17.61 -19.84
C CYS A 482 44.05 18.94 -19.88
N LEU A 483 44.55 19.93 -20.62
CA LEU A 483 43.81 21.18 -20.78
C LEU A 483 42.53 20.96 -21.59
N ILE A 484 42.59 20.10 -22.63
CA ILE A 484 41.38 19.75 -23.35
C ILE A 484 40.39 19.07 -22.41
N SER A 485 40.89 18.23 -21.51
CA SER A 485 40.02 17.63 -20.50
C SER A 485 39.40 18.68 -19.60
N VAL A 486 40.16 19.71 -19.25
CA VAL A 486 39.62 20.80 -18.45
C VAL A 486 38.49 21.49 -19.20
N ILE A 487 38.67 21.72 -20.49
CA ILE A 487 37.61 22.31 -21.31
C ILE A 487 36.38 21.41 -21.30
N LEU A 488 36.59 20.09 -21.48
CA LEU A 488 35.49 19.15 -21.47
C LEU A 488 34.83 19.03 -20.10
N LEU A 489 35.51 19.46 -19.04
CA LEU A 489 34.92 19.39 -17.71
C LEU A 489 33.87 20.46 -17.49
N GLY A 490 33.91 21.55 -18.25
CA GLY A 490 32.89 22.58 -18.16
C GLY A 490 31.68 22.38 -19.06
N ILE A 491 31.72 21.40 -19.95
CA ILE A 491 30.61 21.15 -20.87
C ILE A 491 29.58 20.26 -20.18
N ASP A 492 28.56 20.88 -19.60
CA ASP A 492 27.50 20.17 -18.90
C ASP A 492 26.36 19.85 -19.86
N GLY A 493 25.22 19.41 -19.32
CA GLY A 493 24.08 19.08 -20.15
C GLY A 493 23.42 20.26 -20.81
N ARG A 494 23.76 21.49 -20.38
CA ARG A 494 23.22 22.66 -21.05
C ARG A 494 23.72 22.76 -22.49
N PHE A 495 24.91 22.22 -22.77
CA PHE A 495 25.53 22.36 -24.08
C PHE A 495 25.45 21.09 -24.92
N VAL A 496 25.04 19.97 -24.34
CA VAL A 496 24.95 18.71 -25.06
C VAL A 496 23.67 17.99 -24.65
N SER A 497 23.07 17.27 -25.58
CA SER A 497 21.85 16.54 -25.29
C SER A 497 22.12 15.46 -24.24
N PRO A 498 21.17 15.19 -23.34
CA PRO A 498 21.41 14.16 -22.31
C PRO A 498 21.73 12.79 -22.87
N GLU A 499 21.19 12.44 -24.04
CA GLU A 499 21.44 11.12 -24.61
C GLU A 499 22.90 10.92 -24.99
N GLU A 500 23.66 11.99 -25.18
CA GLU A 500 25.08 11.90 -25.48
C GLU A 500 25.96 12.47 -24.37
N TYR A 501 25.36 13.01 -23.31
CA TYR A 501 26.14 13.50 -22.17
C TYR A 501 27.08 12.44 -21.57
N PRO A 502 26.70 11.18 -21.40
CA PRO A 502 27.66 10.20 -20.87
C PRO A 502 28.91 10.05 -21.72
N LYS A 503 28.82 10.32 -23.02
CA LYS A 503 30.03 10.28 -23.86
C LYS A 503 31.04 11.31 -23.38
N ILE A 504 30.58 12.56 -23.18
CA ILE A 504 31.47 13.59 -22.66
C ILE A 504 31.93 13.25 -21.26
N CYS A 505 31.05 12.67 -20.45
CA CYS A 505 31.41 12.30 -19.09
C CYS A 505 32.56 11.29 -19.07
N GLN A 506 32.50 10.29 -19.94
CA GLN A 506 33.58 9.30 -20.01
C GLN A 506 34.84 9.90 -20.61
N ALA A 507 34.68 10.74 -21.65
CA ALA A 507 35.84 11.35 -22.28
C ALA A 507 36.60 12.25 -21.31
N ARG A 508 35.88 12.92 -20.41
CA ARG A 508 36.55 13.75 -19.42
C ARG A 508 37.53 12.95 -18.57
N ALA A 509 37.05 11.83 -18.01
CA ALA A 509 37.91 11.00 -17.17
C ALA A 509 39.05 10.39 -17.98
N TRP A 510 38.75 9.88 -19.17
CA TRP A 510 39.80 9.29 -20.00
C TRP A 510 40.90 10.30 -20.30
N LEU A 511 40.52 11.48 -20.79
CA LEU A 511 41.50 12.49 -21.16
C LEU A 511 42.27 12.99 -19.95
N LEU A 512 41.59 13.19 -18.82
CA LEU A 512 42.28 13.67 -17.63
C LEU A 512 43.32 12.66 -17.15
N SER A 513 42.95 11.39 -17.10
CA SER A 513 43.90 10.37 -16.66
C SER A 513 45.07 10.25 -17.62
N THR A 514 44.80 10.24 -18.92
CA THR A 514 45.87 10.14 -19.91
C THR A 514 46.81 11.35 -19.83
N GLY A 515 46.26 12.55 -19.69
CA GLY A 515 47.05 13.76 -19.58
C GLY A 515 47.91 13.77 -18.33
N PHE A 516 47.34 13.36 -17.19
CA PHE A 516 48.13 13.31 -15.97
C PHE A 516 49.26 12.28 -16.07
N THR A 517 48.96 11.12 -16.66
CA THR A 517 50.00 10.11 -16.81
C THR A 517 51.11 10.61 -17.72
N LEU A 518 50.76 11.29 -18.81
CA LEU A 518 51.80 11.81 -19.69
C LEU A 518 52.54 12.99 -19.08
N ALA A 519 51.89 13.73 -18.19
CA ALA A 519 52.56 14.85 -17.52
C ALA A 519 53.43 14.41 -16.35
N TYR A 520 53.22 13.20 -15.82
CA TYR A 520 54.12 12.65 -14.83
C TYR A 520 55.04 11.56 -15.37
N GLY A 521 54.91 11.21 -16.65
CA GLY A 521 55.96 10.45 -17.29
C GLY A 521 57.17 11.28 -17.65
N ALA A 522 57.05 12.60 -17.48
CA ALA A 522 58.11 13.53 -17.79
C ALA A 522 58.49 14.43 -16.62
N MET A 523 57.58 14.66 -15.67
CA MET A 523 57.85 15.42 -14.47
C MET A 523 58.38 14.58 -13.33
N PHE A 524 57.97 13.32 -13.25
CA PHE A 524 58.42 12.39 -12.20
C PHE A 524 59.37 11.33 -12.72
N SER A 525 59.10 10.77 -13.89
CA SER A 525 59.95 9.71 -14.41
C SER A 525 61.34 10.23 -14.77
N LYS A 526 61.44 11.48 -15.23
CA LYS A 526 62.75 12.09 -15.43
C LYS A 526 63.50 12.22 -14.11
N VAL A 527 62.80 12.60 -13.04
CA VAL A 527 63.42 12.67 -11.72
C VAL A 527 63.88 11.29 -11.28
N TRP A 528 63.08 10.26 -11.56
CA TRP A 528 63.47 8.89 -11.23
C TRP A 528 64.73 8.48 -11.98
N ARG A 529 64.81 8.84 -13.26
CA ARG A 529 66.01 8.52 -14.03
C ARG A 529 67.21 9.27 -13.50
N VAL A 530 67.03 10.53 -13.08
CA VAL A 530 68.12 11.29 -12.48
C VAL A 530 68.62 10.60 -11.22
N HIS A 531 67.68 10.20 -10.35
CA HIS A 531 68.07 9.55 -9.10
C HIS A 531 68.79 8.24 -9.36
N ARG A 532 68.28 7.44 -10.30
CA ARG A 532 68.92 6.16 -10.62
C ARG A 532 70.30 6.36 -11.21
N PHE A 533 70.46 7.35 -12.09
CA PHE A 533 71.77 7.63 -12.68
C PHE A 533 72.75 8.08 -11.61
N THR A 534 72.30 8.94 -10.69
CA THR A 534 73.17 9.38 -9.61
C THR A 534 73.58 8.21 -8.71
N THR A 535 72.64 7.33 -8.40
CA THR A 535 72.93 6.21 -7.51
C THR A 535 73.88 5.22 -8.16
N LYS A 536 73.60 4.81 -9.39
CA LYS A 536 74.35 3.75 -10.03
C LYS A 536 75.72 4.21 -10.51
N ALA A 537 75.94 5.52 -10.64
CA ALA A 537 77.23 6.04 -11.09
C ALA A 537 78.32 5.75 -10.07
N GLU A 546 70.03 5.59 -22.18
CA GLU A 546 69.51 6.85 -21.67
C GLU A 546 68.05 7.14 -22.07
N PRO A 547 67.71 7.09 -23.37
CA PRO A 547 66.32 7.40 -23.76
C PRO A 547 65.35 6.25 -23.64
N TRP A 548 65.81 5.01 -23.78
CA TRP A 548 64.92 3.86 -23.65
C TRP A 548 64.43 3.70 -22.21
N LYS A 549 65.30 3.95 -21.23
CA LYS A 549 64.96 3.76 -19.83
C LYS A 549 63.91 4.74 -19.33
N LEU A 550 63.60 5.79 -20.10
CA LEU A 550 62.54 6.73 -19.76
C LEU A 550 61.27 6.47 -20.54
N TYR A 551 61.38 6.32 -21.85
CA TYR A 551 60.21 6.06 -22.67
C TYR A 551 59.56 4.73 -22.35
N THR A 552 60.35 3.72 -21.99
CA THR A 552 59.75 2.43 -21.62
C THR A 552 58.93 2.55 -20.34
N MET A 553 59.42 3.30 -19.35
CA MET A 553 58.66 3.49 -18.13
C MET A 553 57.40 4.31 -18.41
N VAL A 554 57.51 5.32 -19.28
CA VAL A 554 56.33 6.07 -19.69
C VAL A 554 55.31 5.15 -20.33
N SER A 555 55.76 4.27 -21.22
CA SER A 555 54.87 3.33 -21.88
C SER A 555 54.25 2.35 -20.89
N GLY A 556 55.01 1.92 -19.89
CA GLY A 556 54.44 1.04 -18.88
C GLY A 556 53.34 1.71 -18.07
N LEU A 557 53.57 2.96 -17.66
CA LEU A 557 52.54 3.70 -16.94
C LEU A 557 51.31 3.90 -17.82
N LEU A 558 51.53 4.24 -19.09
CA LEU A 558 50.41 4.37 -20.02
C LEU A 558 49.67 3.06 -20.19
N SER A 559 50.39 1.94 -20.25
CA SER A 559 49.75 0.65 -20.39
C SER A 559 48.85 0.33 -19.20
N ILE A 560 49.37 0.52 -17.99
CA ILE A 560 48.58 0.15 -16.82
C ILE A 560 47.36 1.06 -16.68
N ASP A 561 47.54 2.38 -16.84
CA ASP A 561 46.38 3.24 -16.66
C ASP A 561 45.40 3.11 -17.82
N LEU A 562 45.89 2.80 -19.03
CA LEU A 562 44.99 2.55 -20.15
C LEU A 562 44.18 1.28 -19.93
N VAL A 563 44.80 0.24 -19.36
CA VAL A 563 44.07 -0.96 -19.02
C VAL A 563 42.99 -0.64 -17.99
N ILE A 564 43.34 0.13 -16.97
CA ILE A 564 42.36 0.49 -15.94
C ILE A 564 41.20 1.27 -16.56
N LEU A 565 41.51 2.25 -17.41
CA LEU A 565 40.47 3.08 -18.01
C LEU A 565 39.60 2.28 -18.97
N LEU A 566 40.21 1.37 -19.74
CA LEU A 566 39.43 0.54 -20.65
C LEU A 566 38.49 -0.37 -19.88
N SER A 567 38.97 -0.96 -18.78
CA SER A 567 38.09 -1.78 -17.95
C SER A 567 36.97 -0.94 -17.36
N TRP A 568 37.28 0.28 -16.92
CA TRP A 568 36.24 1.16 -16.40
C TRP A 568 35.20 1.48 -17.47
N GLN A 569 35.65 1.75 -18.69
CA GLN A 569 34.72 2.14 -19.75
C GLN A 569 33.85 0.97 -20.19
N ILE A 570 34.44 -0.22 -20.31
CA ILE A 570 33.71 -1.36 -20.87
C ILE A 570 32.85 -2.03 -19.79
N PHE A 571 33.45 -2.36 -18.65
CA PHE A 571 32.75 -3.15 -17.65
C PHE A 571 31.70 -2.34 -16.89
N ASP A 572 31.96 -1.07 -16.60
CA ASP A 572 31.05 -0.31 -15.76
C ASP A 572 31.22 1.19 -15.97
N PRO A 573 30.63 1.75 -17.01
CA PRO A 573 30.76 3.19 -17.28
C PRO A 573 29.80 4.00 -16.41
N LEU A 574 29.81 5.32 -16.64
CA LEU A 574 28.94 6.25 -15.96
C LEU A 574 27.98 6.87 -16.98
N GLN A 575 26.72 7.03 -16.61
CA GLN A 575 25.75 7.64 -17.53
C GLN A 575 25.25 8.99 -17.04
N ARG A 576 24.53 9.03 -15.91
CA ARG A 576 23.92 10.24 -15.37
C ARG A 576 23.44 9.95 -13.95
N TYR A 577 23.66 10.89 -13.06
CA TYR A 577 23.18 10.79 -11.67
C TYR A 577 22.62 12.14 -11.24
N LEU A 578 21.71 12.69 -12.05
CA LEU A 578 21.15 14.01 -11.78
C LEU A 578 20.60 14.07 -10.36
N GLU A 579 21.16 14.97 -9.56
CA GLU A 579 20.83 15.07 -8.15
C GLU A 579 19.55 15.87 -7.97
N THR A 580 19.26 16.26 -6.73
CA THR A 580 18.07 17.02 -6.41
C THR A 580 18.46 18.15 -5.46
N PHE A 581 17.44 18.80 -4.90
CA PHE A 581 17.59 19.99 -4.06
C PHE A 581 16.22 20.32 -3.49
N PRO A 582 16.09 21.19 -2.49
CA PRO A 582 14.76 21.52 -1.99
C PRO A 582 13.95 22.27 -3.03
N LEU A 583 12.63 22.09 -2.97
CA LEU A 583 11.73 22.64 -3.97
C LEU A 583 11.74 24.16 -3.87
N GLU A 584 12.43 24.80 -4.81
CA GLU A 584 12.62 26.24 -4.76
C GLU A 584 11.33 26.98 -5.11
N ASP A 585 11.15 28.13 -4.48
CA ASP A 585 10.06 29.04 -4.82
C ASP A 585 10.50 29.92 -5.98
N PRO A 586 9.82 29.90 -7.12
CA PRO A 586 10.31 30.65 -8.28
C PRO A 586 9.92 32.12 -8.24
N VAL A 587 10.20 32.83 -9.33
CA VAL A 587 9.90 34.25 -9.44
C VAL A 587 8.39 34.46 -9.38
N SER A 588 7.97 35.71 -9.17
CA SER A 588 6.56 36.02 -9.01
C SER A 588 5.75 35.57 -10.22
N THR A 589 4.89 34.56 -10.02
CA THR A 589 4.01 34.06 -11.06
C THR A 589 2.56 33.95 -10.63
N THR A 590 2.27 34.05 -9.34
CA THR A 590 0.90 33.92 -8.82
C THR A 590 0.27 32.61 -9.27
N ASP A 591 1.06 31.54 -9.25
CA ASP A 591 0.58 30.23 -9.68
C ASP A 591 1.44 29.16 -9.03
N ASP A 592 0.93 27.94 -9.03
CA ASP A 592 1.57 26.82 -8.33
C ASP A 592 2.45 26.04 -9.30
N ILE A 593 3.64 26.58 -9.55
CA ILE A 593 4.72 25.87 -10.22
C ILE A 593 5.86 25.76 -9.22
N LYS A 594 6.25 24.54 -8.89
CA LYS A 594 7.38 24.30 -8.00
C LYS A 594 8.58 23.89 -8.85
N ILE A 595 9.65 24.67 -8.75
CA ILE A 595 10.84 24.47 -9.57
C ILE A 595 11.86 23.72 -8.74
N ARG A 596 12.30 22.56 -9.25
CA ARG A 596 13.29 21.76 -8.54
C ARG A 596 14.57 21.69 -9.35
N PRO A 597 15.72 21.90 -8.73
CA PRO A 597 16.99 21.83 -9.45
C PRO A 597 17.54 20.42 -9.50
N GLU A 598 18.30 20.16 -10.57
CA GLU A 598 18.99 18.89 -10.72
C GLU A 598 20.36 19.16 -11.33
N LEU A 599 21.37 18.51 -10.78
CA LEU A 599 22.73 18.65 -11.28
C LEU A 599 22.98 17.62 -12.38
N GLU A 600 24.23 17.47 -12.79
CA GLU A 600 24.61 16.51 -13.81
C GLU A 600 25.79 15.68 -13.33
N HIS A 601 25.76 15.23 -12.09
CA HIS A 601 26.86 14.45 -11.54
C HIS A 601 26.97 13.11 -12.24
N CYS A 602 28.21 12.68 -12.48
CA CYS A 602 28.47 11.36 -13.02
C CYS A 602 28.61 10.35 -11.89
N GLU A 603 28.13 9.13 -12.14
CA GLU A 603 28.19 8.08 -11.13
C GLU A 603 28.04 6.74 -11.81
N SER A 604 29.04 5.87 -11.64
CA SER A 604 28.98 4.51 -12.13
C SER A 604 28.42 3.61 -11.03
N GLN A 605 28.26 2.32 -11.36
CA GLN A 605 27.77 1.37 -10.36
C GLN A 605 28.69 1.34 -9.14
N ARG A 606 29.94 0.91 -9.34
CA ARG A 606 30.96 1.00 -8.30
C ARG A 606 31.85 2.22 -8.52
N ASN A 607 31.21 3.40 -8.47
CA ASN A 607 31.96 4.63 -8.70
C ASN A 607 33.04 4.83 -7.65
N SER A 608 32.75 4.46 -6.40
CA SER A 608 33.75 4.55 -5.35
C SER A 608 34.96 3.68 -5.67
N MET A 609 34.72 2.46 -6.16
CA MET A 609 35.83 1.56 -6.47
C MET A 609 36.72 2.13 -7.56
N TRP A 610 36.12 2.55 -8.69
CA TRP A 610 36.92 3.07 -9.80
C TRP A 610 37.64 4.35 -9.41
N LEU A 611 36.94 5.27 -8.74
CA LEU A 611 37.56 6.52 -8.34
C LEU A 611 38.69 6.27 -7.34
N GLY A 612 38.49 5.36 -6.40
CA GLY A 612 39.54 5.04 -5.46
C GLY A 612 40.76 4.42 -6.13
N LEU A 613 40.52 3.52 -7.10
CA LEU A 613 41.64 2.92 -7.81
C LEU A 613 42.45 3.96 -8.57
N VAL A 614 41.76 4.80 -9.35
CA VAL A 614 42.46 5.81 -10.15
C VAL A 614 43.18 6.80 -9.24
N TYR A 615 42.51 7.26 -8.18
CA TYR A 615 43.10 8.25 -7.30
C TYR A 615 44.25 7.66 -6.50
N GLY A 616 44.18 6.38 -6.14
CA GLY A 616 45.30 5.75 -5.47
C GLY A 616 46.51 5.60 -6.38
N PHE A 617 46.28 5.24 -7.63
CA PHE A 617 47.37 5.20 -8.60
C PHE A 617 48.03 6.58 -8.71
N LYS A 618 47.20 7.61 -8.90
CA LYS A 618 47.73 8.96 -9.04
C LYS A 618 48.46 9.41 -7.78
N GLY A 619 47.90 9.09 -6.60
CA GLY A 619 48.53 9.51 -5.36
C GLY A 619 49.84 8.80 -5.10
N LEU A 620 49.92 7.51 -5.43
CA LEU A 620 51.18 6.80 -5.32
C LEU A 620 52.24 7.43 -6.21
N ILE A 621 51.87 7.74 -7.46
CA ILE A 621 52.84 8.37 -8.34
C ILE A 621 53.22 9.76 -7.84
N LEU A 622 52.25 10.50 -7.30
CA LEU A 622 52.52 11.85 -6.81
C LEU A 622 53.48 11.83 -5.63
N VAL A 623 53.26 10.92 -4.68
CA VAL A 623 54.14 10.83 -3.52
C VAL A 623 55.52 10.34 -3.93
N PHE A 624 55.58 9.38 -4.86
CA PHE A 624 56.86 8.93 -5.39
C PHE A 624 57.63 10.10 -5.99
N GLY A 625 56.96 10.91 -6.82
CA GLY A 625 57.62 12.05 -7.43
C GLY A 625 58.06 13.09 -6.42
N LEU A 626 57.21 13.38 -5.43
CA LEU A 626 57.57 14.36 -4.42
C LEU A 626 58.79 13.91 -3.63
N PHE A 627 58.84 12.64 -3.22
CA PHE A 627 59.98 12.17 -2.44
C PHE A 627 61.23 12.09 -3.31
N LEU A 628 61.08 11.71 -4.58
CA LEU A 628 62.23 11.67 -5.48
C LEU A 628 62.80 13.06 -5.70
N ALA A 629 61.93 14.07 -5.86
CA ALA A 629 62.39 15.44 -5.98
C ALA A 629 63.04 15.92 -4.68
N TYR A 630 62.54 15.46 -3.53
CA TYR A 630 63.20 15.75 -2.27
C TYR A 630 64.61 15.20 -2.26
N GLU A 631 64.79 13.97 -2.75
CA GLU A 631 66.12 13.43 -2.94
C GLU A 631 66.85 14.08 -4.10
N THR A 632 66.15 14.85 -4.93
CA THR A 632 66.74 15.53 -6.08
C THR A 632 66.92 17.02 -5.82
N ARG A 633 67.31 17.38 -4.59
CA ARG A 633 67.52 18.79 -4.28
C ARG A 633 68.65 19.38 -5.12
N SER A 634 69.87 18.89 -4.94
CA SER A 634 71.01 19.31 -5.75
C SER A 634 71.85 18.09 -6.12
N ILE A 635 71.47 17.44 -7.21
CA ILE A 635 72.29 16.37 -7.80
C ILE A 635 72.44 16.62 -9.29
N LYS A 636 72.46 17.90 -9.69
CA LYS A 636 72.48 18.33 -11.08
C LYS A 636 73.35 17.43 -11.96
N VAL A 637 72.78 16.99 -13.08
CA VAL A 637 73.46 16.13 -14.03
C VAL A 637 73.64 16.90 -15.34
N LYS A 638 74.72 16.56 -16.06
CA LYS A 638 75.04 17.27 -17.29
C LYS A 638 73.99 17.03 -18.38
N GLN A 639 73.58 15.78 -18.57
CA GLN A 639 72.70 15.42 -19.68
C GLN A 639 71.23 15.62 -19.38
N ILE A 640 70.86 15.87 -18.12
CA ILE A 640 69.47 16.10 -17.75
C ILE A 640 69.41 17.45 -17.06
N ASN A 641 70.20 18.40 -17.56
CA ASN A 641 70.47 19.68 -16.91
C ASN A 641 69.24 20.34 -16.29
N ASP A 642 68.06 20.13 -16.86
CA ASP A 642 66.84 20.65 -16.23
C ASP A 642 66.26 19.64 -15.24
N SER A 643 67.11 19.14 -14.35
CA SER A 643 66.68 18.24 -13.30
C SER A 643 66.29 18.96 -12.02
N ARG A 644 66.60 20.23 -11.95
CA ARG A 644 66.33 20.93 -10.74
C ARG A 644 65.04 21.67 -10.91
N TYR A 645 64.72 22.01 -12.15
CA TYR A 645 63.51 22.75 -12.42
C TYR A 645 62.36 21.78 -12.43
N VAL A 646 62.47 20.73 -13.23
CA VAL A 646 61.42 19.75 -13.30
C VAL A 646 61.48 18.95 -12.08
N GLY A 647 61.32 19.62 -10.98
CA GLY A 647 61.35 18.95 -9.71
C GLY A 647 60.86 20.10 -8.91
N MET A 648 61.39 21.26 -9.22
CA MET A 648 60.91 22.40 -8.53
C MET A 648 59.45 22.37 -8.83
N SER A 649 59.08 22.00 -10.05
CA SER A 649 57.66 22.06 -10.40
C SER A 649 56.87 20.87 -9.86
N ILE A 650 57.55 19.77 -9.54
CA ILE A 650 56.88 18.61 -8.94
C ILE A 650 56.26 19.00 -7.60
N TYR A 651 56.93 19.85 -6.83
CA TYR A 651 56.41 20.26 -5.52
C TYR A 651 55.06 20.94 -5.67
N ASN A 652 54.99 21.96 -6.52
CA ASN A 652 53.74 22.71 -6.67
C ASN A 652 52.66 21.86 -7.32
N VAL A 653 53.03 21.02 -8.29
CA VAL A 653 52.03 20.18 -8.93
C VAL A 653 51.46 19.18 -7.93
N VAL A 654 52.32 18.61 -7.08
CA VAL A 654 51.87 17.67 -6.06
C VAL A 654 50.95 18.35 -5.06
N VAL A 655 51.33 19.54 -4.59
CA VAL A 655 50.47 20.20 -3.61
C VAL A 655 49.13 20.59 -4.24
N LEU A 656 49.14 21.00 -5.51
CA LEU A 656 47.88 21.30 -6.19
C LEU A 656 47.01 20.05 -6.34
N CYS A 657 47.61 18.92 -6.70
CA CYS A 657 46.83 17.70 -6.88
C CYS A 657 46.39 17.07 -5.56
N LEU A 658 47.06 17.38 -4.46
CA LEU A 658 46.64 16.92 -3.15
C LEU A 658 45.71 17.91 -2.46
N ILE A 659 45.56 19.11 -3.00
CA ILE A 659 44.58 20.06 -2.50
C ILE A 659 43.33 20.13 -3.36
N THR A 660 43.38 19.66 -4.61
CA THR A 660 42.21 19.75 -5.50
C THR A 660 41.27 18.56 -5.31
N ALA A 661 41.81 17.35 -5.39
CA ALA A 661 40.97 16.16 -5.29
C ALA A 661 40.18 16.06 -3.99
N PRO A 662 40.76 16.31 -2.80
CA PRO A 662 39.95 16.19 -1.57
C PRO A 662 38.80 17.17 -1.51
N VAL A 663 39.06 18.47 -1.65
CA VAL A 663 37.99 19.45 -1.50
C VAL A 663 37.06 19.41 -2.71
N GLY A 664 37.52 18.87 -3.84
CA GLY A 664 36.65 18.78 -5.00
C GLY A 664 35.44 17.91 -4.76
N MET A 665 35.62 16.79 -4.06
CA MET A 665 34.48 15.94 -3.73
C MET A 665 33.56 16.63 -2.73
N VAL A 666 34.12 17.44 -1.83
CA VAL A 666 33.29 18.16 -0.86
C VAL A 666 32.42 19.20 -1.56
N ILE A 667 32.98 19.90 -2.54
CA ILE A 667 32.25 20.95 -3.24
C ILE A 667 31.67 20.47 -4.57
N ALA A 668 31.72 19.17 -4.84
CA ALA A 668 31.24 18.64 -6.11
C ALA A 668 29.75 18.91 -6.30
N SER A 669 29.00 19.08 -5.23
CA SER A 669 27.58 19.37 -5.32
C SER A 669 27.29 20.84 -5.63
N GLN A 670 28.31 21.70 -5.56
CA GLN A 670 28.18 23.09 -5.95
C GLN A 670 28.74 23.22 -7.36
N GLN A 671 27.86 23.45 -8.34
CA GLN A 671 28.22 23.29 -9.74
C GLN A 671 29.30 24.29 -10.17
N ASP A 672 29.23 25.52 -9.65
CA ASP A 672 30.11 26.57 -10.17
C ASP A 672 31.48 26.52 -9.51
N ALA A 673 31.53 26.52 -8.17
CA ALA A 673 32.82 26.59 -7.48
C ALA A 673 33.65 25.35 -7.72
N SER A 674 33.02 24.17 -7.78
CA SER A 674 33.77 22.95 -8.02
C SER A 674 34.47 23.00 -9.37
N PHE A 675 33.75 23.36 -10.42
CA PHE A 675 34.36 23.48 -11.74
C PHE A 675 35.43 24.56 -11.74
N ALA A 676 35.15 25.69 -11.07
CA ALA A 676 36.12 26.78 -11.05
C ALA A 676 37.44 26.36 -10.42
N PHE A 677 37.37 25.63 -9.29
CA PHE A 677 38.61 25.20 -8.65
C PHE A 677 39.29 24.12 -9.47
N VAL A 678 38.55 23.10 -9.91
CA VAL A 678 39.19 22.02 -10.67
C VAL A 678 39.72 22.54 -12.01
N ALA A 679 39.28 23.71 -12.46
CA ALA A 679 39.85 24.32 -13.65
C ALA A 679 41.07 25.18 -13.34
N LEU A 680 40.95 26.07 -12.35
CA LEU A 680 42.04 26.99 -12.03
C LEU A 680 43.25 26.24 -11.48
N ALA A 681 43.03 25.24 -10.63
CA ALA A 681 44.14 24.48 -10.08
C ALA A 681 44.90 23.75 -11.17
N VAL A 682 44.19 23.16 -12.13
CA VAL A 682 44.87 22.51 -13.25
C VAL A 682 45.56 23.53 -14.12
N ILE A 683 44.96 24.71 -14.29
CA ILE A 683 45.58 25.76 -15.08
C ILE A 683 46.92 26.15 -14.49
N PHE A 684 46.97 26.32 -13.17
CA PHE A 684 48.24 26.62 -12.51
C PHE A 684 49.20 25.43 -12.61
N CYS A 685 48.69 24.21 -12.34
CA CYS A 685 49.52 23.02 -12.41
C CYS A 685 50.16 22.85 -13.78
N CYS A 686 49.52 23.35 -14.82
CA CYS A 686 50.08 23.30 -16.16
C CYS A 686 50.78 24.59 -16.57
N PHE A 687 50.64 25.66 -15.80
CA PHE A 687 51.30 26.93 -16.13
C PHE A 687 52.65 27.07 -15.45
N LEU A 688 52.73 26.89 -14.13
CA LEU A 688 54.04 26.95 -13.48
C LEU A 688 54.92 25.77 -13.90
N SER A 689 54.34 24.58 -14.01
CA SER A 689 55.12 23.43 -14.47
C SER A 689 55.57 23.56 -15.91
N MET A 690 54.97 24.47 -16.67
CA MET A 690 55.41 24.78 -18.03
C MET A 690 56.49 25.86 -18.03
N LEU A 691 56.22 26.96 -17.31
CA LEU A 691 57.16 28.08 -17.29
C LEU A 691 58.48 27.68 -16.67
N LEU A 692 58.45 27.09 -15.47
CA LEU A 692 59.69 26.74 -14.78
C LEU A 692 60.57 25.84 -15.63
N ILE A 693 59.97 25.01 -16.47
CA ILE A 693 60.74 24.11 -17.31
C ILE A 693 61.26 24.81 -18.57
N PHE A 694 60.44 25.66 -19.21
CA PHE A 694 60.77 26.08 -20.57
C PHE A 694 61.19 27.55 -20.72
N VAL A 695 60.80 28.44 -19.83
CA VAL A 695 61.21 29.84 -19.96
C VAL A 695 62.69 30.02 -19.65
N PRO A 696 63.26 29.34 -18.63
CA PRO A 696 64.72 29.34 -18.52
C PRO A 696 65.41 28.82 -19.77
N LYS A 697 64.83 27.81 -20.43
CA LYS A 697 65.41 27.30 -21.67
C LYS A 697 65.41 28.37 -22.76
N VAL A 698 64.31 29.10 -22.89
CA VAL A 698 64.23 30.17 -23.89
C VAL A 698 65.19 31.29 -23.56
N ILE A 699 65.32 31.61 -22.27
CA ILE A 699 66.25 32.67 -21.84
C ILE A 699 67.69 32.28 -22.16
N GLU A 700 68.03 31.01 -21.94
CA GLU A 700 69.41 30.57 -22.20
C GLU A 700 69.67 30.43 -23.70
N VAL A 701 68.67 30.02 -24.47
CA VAL A 701 68.90 29.73 -25.88
C VAL A 701 69.20 31.00 -26.67
N ILE A 702 68.56 32.12 -26.31
CA ILE A 702 68.82 33.41 -26.93
C ILE A 702 69.17 34.40 -25.84
N ARG A 703 70.32 35.06 -26.00
CA ARG A 703 70.84 35.97 -24.99
C ARG A 703 72.07 36.70 -25.50
N SER B 6 -61.66 -25.62 16.61
CA SER B 6 -60.46 -26.27 17.12
C SER B 6 -59.45 -26.52 16.01
N ASP B 7 -59.00 -25.44 15.36
CA ASP B 7 -58.05 -25.56 14.26
C ASP B 7 -57.26 -24.26 14.18
N VAL B 8 -56.00 -24.31 14.58
CA VAL B 8 -55.10 -23.17 14.53
C VAL B 8 -54.14 -23.36 13.37
N TYR B 9 -53.93 -22.31 12.59
CA TYR B 9 -53.13 -22.37 11.38
C TYR B 9 -51.85 -21.56 11.52
N ILE B 10 -50.82 -21.99 10.81
CA ILE B 10 -49.54 -21.31 10.73
C ILE B 10 -49.18 -21.22 9.26
N ALA B 11 -48.51 -20.14 8.88
CA ALA B 11 -48.14 -19.90 7.49
C ALA B 11 -46.65 -20.14 7.30
N GLY B 12 -46.30 -20.91 6.29
CA GLY B 12 -44.93 -21.31 6.04
C GLY B 12 -44.49 -21.01 4.61
N PHE B 13 -43.21 -20.72 4.44
CA PHE B 13 -42.64 -20.36 3.14
C PHE B 13 -41.41 -21.22 2.91
N PHE B 14 -41.41 -21.98 1.81
CA PHE B 14 -40.33 -22.92 1.56
C PHE B 14 -39.82 -22.80 0.13
N PRO B 15 -38.53 -23.05 -0.09
CA PRO B 15 -37.98 -23.16 -1.46
C PRO B 15 -38.14 -24.55 -2.04
N TYR B 16 -39.35 -24.85 -2.53
CA TYR B 16 -39.74 -26.19 -2.91
C TYR B 16 -39.80 -26.33 -4.44
N GLY B 17 -40.25 -27.50 -4.88
CA GLY B 17 -40.67 -27.78 -6.25
C GLY B 17 -39.64 -28.30 -7.24
N ASP B 18 -38.80 -27.45 -7.80
CA ASP B 18 -37.92 -27.92 -8.87
C ASP B 18 -36.78 -26.96 -9.18
N GLY B 19 -35.54 -27.40 -8.96
CA GLY B 19 -34.36 -26.73 -9.45
C GLY B 19 -34.14 -25.32 -8.94
N VAL B 20 -35.05 -24.79 -8.11
CA VAL B 20 -34.87 -23.44 -7.59
C VAL B 20 -33.62 -23.40 -6.72
N GLU B 21 -33.00 -22.22 -6.65
CA GLU B 21 -31.79 -22.08 -5.86
C GLU B 21 -32.12 -22.28 -4.38
N ASN B 22 -31.23 -22.99 -3.68
CA ASN B 22 -31.43 -23.34 -2.26
C ASN B 22 -32.69 -24.19 -2.07
N SER B 23 -32.95 -25.09 -3.04
CA SER B 23 -34.14 -25.94 -2.94
C SER B 23 -33.94 -27.06 -1.93
N TYR B 24 -32.70 -27.53 -1.75
CA TYR B 24 -32.45 -28.62 -0.82
C TYR B 24 -32.81 -28.24 0.60
N THR B 25 -32.71 -26.96 0.94
CA THR B 25 -33.11 -26.50 2.26
C THR B 25 -34.62 -26.55 2.46
N GLY B 26 -35.39 -26.65 1.38
CA GLY B 26 -36.83 -26.70 1.50
C GLY B 26 -37.38 -28.11 1.42
N ARG B 27 -36.86 -28.91 0.51
CA ARG B 27 -37.28 -30.30 0.37
C ARG B 27 -36.67 -31.21 1.43
N GLY B 28 -35.66 -30.74 2.16
CA GLY B 28 -35.03 -31.55 3.18
C GLY B 28 -35.56 -31.28 4.58
N VAL B 29 -36.35 -30.22 4.72
CA VAL B 29 -36.94 -29.87 6.01
C VAL B 29 -38.43 -30.17 6.08
N MET B 30 -39.13 -30.28 4.94
CA MET B 30 -40.55 -30.61 4.97
C MET B 30 -40.85 -31.92 5.69
N PRO B 31 -40.09 -33.01 5.52
CA PRO B 31 -40.34 -34.19 6.37
C PRO B 31 -40.29 -33.87 7.85
N SER B 32 -39.35 -33.02 8.27
CA SER B 32 -39.29 -32.62 9.68
C SER B 32 -40.51 -31.81 10.08
N VAL B 33 -41.01 -30.97 9.18
CA VAL B 33 -42.23 -30.20 9.48
C VAL B 33 -43.40 -31.14 9.69
N LYS B 34 -43.56 -32.13 8.81
CA LYS B 34 -44.62 -33.11 8.98
C LYS B 34 -44.45 -33.91 10.27
N LEU B 35 -43.20 -34.28 10.59
CA LEU B 35 -42.94 -35.01 11.83
C LEU B 35 -43.37 -34.20 13.03
N ALA B 36 -42.99 -32.93 13.07
CA ALA B 36 -43.32 -32.08 14.21
C ALA B 36 -44.82 -31.84 14.30
N LEU B 37 -45.49 -31.64 13.16
CA LEU B 37 -46.93 -31.46 13.18
C LEU B 37 -47.63 -32.70 13.70
N GLY B 38 -47.20 -33.89 13.25
CA GLY B 38 -47.79 -35.11 13.74
C GLY B 38 -47.56 -35.32 15.22
N HIS B 39 -46.34 -35.04 15.69
CA HIS B 39 -46.04 -35.21 17.11
C HIS B 39 -46.84 -34.23 17.96
N VAL B 40 -46.98 -32.98 17.52
CA VAL B 40 -47.75 -32.01 18.28
C VAL B 40 -49.22 -32.40 18.31
N ASN B 41 -49.78 -32.81 17.17
CA ASN B 41 -51.19 -33.18 17.13
C ASN B 41 -51.45 -34.46 17.92
N GLU B 42 -50.50 -35.38 17.95
CA GLU B 42 -50.64 -36.64 18.67
C GLU B 42 -50.13 -36.57 20.10
N HIS B 43 -50.08 -35.37 20.68
CA HIS B 43 -49.54 -35.16 22.01
C HIS B 43 -50.61 -34.57 22.91
N GLY B 44 -50.58 -34.95 24.18
CA GLY B 44 -51.51 -34.43 25.16
C GLY B 44 -50.89 -33.35 26.02
N LYS B 45 -51.72 -32.65 26.79
CA LYS B 45 -51.32 -31.64 27.76
C LYS B 45 -50.48 -30.51 27.16
N ILE B 46 -50.33 -30.47 25.84
CA ILE B 46 -49.56 -29.44 25.17
C ILE B 46 -50.47 -28.40 24.54
N LEU B 47 -51.47 -28.83 23.78
CA LEU B 47 -52.54 -27.98 23.30
C LEU B 47 -53.75 -28.86 23.04
N ALA B 48 -54.89 -28.47 23.59
CA ALA B 48 -56.13 -29.22 23.43
C ALA B 48 -57.19 -28.29 22.85
N ASN B 49 -58.13 -28.89 22.12
CA ASN B 49 -59.13 -28.16 21.35
C ASN B 49 -58.38 -27.29 20.32
N TYR B 50 -57.28 -27.82 19.79
CA TYR B 50 -56.52 -27.16 18.74
C TYR B 50 -55.86 -28.22 17.87
N ARG B 51 -55.59 -27.85 16.62
CA ARG B 51 -54.90 -28.72 15.68
C ARG B 51 -54.03 -27.84 14.80
N LEU B 52 -52.72 -27.89 15.02
CA LEU B 52 -51.78 -27.02 14.31
C LEU B 52 -51.67 -27.49 12.86
N HIS B 53 -52.13 -26.65 11.93
CA HIS B 53 -52.06 -26.93 10.50
C HIS B 53 -51.11 -25.95 9.84
N MET B 54 -50.14 -26.47 9.09
CA MET B 54 -49.17 -25.64 8.39
C MET B 54 -49.63 -25.45 6.95
N TRP B 55 -50.09 -24.24 6.65
CA TRP B 55 -50.38 -23.81 5.29
C TRP B 55 -49.08 -23.24 4.73
N TRP B 56 -48.45 -23.99 3.84
CA TRP B 56 -47.13 -23.61 3.35
C TRP B 56 -47.18 -23.38 1.84
N ASN B 57 -46.38 -22.42 1.38
CA ASN B 57 -46.30 -22.07 -0.02
C ASN B 57 -44.86 -22.12 -0.49
N ASP B 58 -44.69 -22.44 -1.78
CA ASP B 58 -43.39 -22.56 -2.39
C ASP B 58 -42.92 -21.19 -2.88
N THR B 59 -42.03 -20.57 -2.12
CA THR B 59 -41.36 -19.36 -2.56
C THR B 59 -40.13 -19.79 -3.36
N GLN B 60 -40.18 -19.63 -4.67
CA GLN B 60 -39.15 -20.15 -5.56
C GLN B 60 -37.89 -19.27 -5.50
N CYS B 61 -37.39 -19.08 -4.29
CA CYS B 61 -36.22 -18.25 -4.02
C CYS B 61 -36.37 -16.85 -4.59
N ASN B 62 -37.61 -16.38 -4.69
CA ASN B 62 -37.93 -15.12 -5.34
C ASN B 62 -38.59 -14.18 -4.34
N ALA B 63 -38.10 -12.94 -4.29
CA ALA B 63 -38.68 -11.95 -3.39
C ALA B 63 -40.11 -11.58 -3.78
N ALA B 64 -40.49 -11.81 -5.04
CA ALA B 64 -41.83 -11.51 -5.49
C ALA B 64 -42.81 -12.64 -5.22
N VAL B 65 -42.39 -13.89 -5.46
CA VAL B 65 -43.28 -15.02 -5.22
C VAL B 65 -43.58 -15.16 -3.74
N GLY B 66 -42.59 -14.93 -2.88
CA GLY B 66 -42.84 -14.99 -1.45
C GLY B 66 -43.83 -13.94 -0.98
N VAL B 67 -43.67 -12.70 -1.45
CA VAL B 67 -44.60 -11.64 -1.06
C VAL B 67 -45.99 -11.92 -1.60
N LYS B 68 -46.10 -12.39 -2.84
CA LYS B 68 -47.41 -12.70 -3.39
C LYS B 68 -48.08 -13.83 -2.62
N SER B 69 -47.32 -14.86 -2.25
CA SER B 69 -47.88 -15.95 -1.47
C SER B 69 -48.34 -15.45 -0.10
N PHE B 70 -47.54 -14.61 0.54
CA PHE B 70 -47.92 -14.05 1.83
C PHE B 70 -49.20 -13.25 1.73
N PHE B 71 -49.31 -12.40 0.70
CA PHE B 71 -50.51 -11.61 0.52
C PHE B 71 -51.71 -12.51 0.22
N ASP B 72 -51.50 -13.59 -0.52
CA ASP B 72 -52.57 -14.52 -0.82
C ASP B 72 -53.10 -15.18 0.44
N MET B 73 -52.20 -15.63 1.33
CA MET B 73 -52.67 -16.27 2.55
C MET B 73 -53.22 -15.27 3.56
N MET B 74 -52.82 -14.00 3.46
CA MET B 74 -53.43 -12.97 4.32
C MET B 74 -54.82 -12.59 3.83
N HIS B 75 -55.02 -12.51 2.53
CA HIS B 75 -56.28 -12.02 1.98
C HIS B 75 -57.38 -13.07 2.06
N SER B 76 -57.05 -14.35 1.86
CA SER B 76 -58.03 -15.41 1.80
C SER B 76 -57.56 -16.61 2.62
N GLY B 77 -58.53 -17.40 3.07
CA GLY B 77 -58.24 -18.60 3.81
C GLY B 77 -58.36 -18.40 5.31
N PRO B 78 -58.09 -19.46 6.08
CA PRO B 78 -58.16 -19.35 7.53
C PRO B 78 -57.11 -18.41 8.09
N ASN B 79 -57.43 -17.80 9.22
CA ASN B 79 -56.54 -16.81 9.84
C ASN B 79 -55.26 -17.50 10.29
N LYS B 80 -54.13 -17.13 9.69
CA LYS B 80 -52.84 -17.64 10.11
C LYS B 80 -52.35 -16.85 11.32
N VAL B 81 -51.97 -17.57 12.39
CA VAL B 81 -51.58 -16.92 13.63
C VAL B 81 -50.09 -16.65 13.72
N MET B 82 -49.28 -17.21 12.83
CA MET B 82 -47.84 -17.02 12.88
C MET B 82 -47.26 -17.23 11.49
N LEU B 83 -46.03 -16.76 11.30
CA LEU B 83 -45.30 -16.91 10.05
C LEU B 83 -44.09 -17.79 10.29
N PHE B 84 -43.89 -18.78 9.44
CA PHE B 84 -42.69 -19.62 9.46
C PHE B 84 -41.75 -19.07 8.38
N GLY B 85 -40.69 -18.38 8.82
CA GLY B 85 -39.93 -17.56 7.92
C GLY B 85 -39.24 -18.35 6.83
N ALA B 86 -38.96 -17.66 5.73
CA ALA B 86 -38.36 -18.31 4.57
C ALA B 86 -36.90 -18.64 4.84
N ALA B 87 -36.37 -19.57 4.06
CA ALA B 87 -34.99 -20.03 4.20
C ALA B 87 -34.01 -19.20 3.39
N CYS B 88 -34.47 -18.20 2.65
CA CYS B 88 -33.62 -17.34 1.84
C CYS B 88 -33.75 -15.91 2.34
N THR B 89 -32.62 -15.23 2.48
CA THR B 89 -32.63 -13.90 3.08
C THR B 89 -33.44 -12.91 2.26
N HIS B 90 -33.23 -12.90 0.94
CA HIS B 90 -33.93 -11.96 0.09
C HIS B 90 -35.40 -12.31 -0.09
N VAL B 91 -35.85 -13.46 0.40
CA VAL B 91 -37.26 -13.81 0.39
C VAL B 91 -37.93 -13.46 1.72
N THR B 92 -37.27 -13.75 2.84
CA THR B 92 -37.88 -13.45 4.14
C THR B 92 -37.81 -11.97 4.49
N ASP B 93 -36.80 -11.25 4.02
CA ASP B 93 -36.70 -9.83 4.35
C ASP B 93 -37.90 -9.04 3.85
N PRO B 94 -38.34 -9.16 2.58
CA PRO B 94 -39.59 -8.49 2.20
C PRO B 94 -40.79 -8.96 3.01
N ILE B 95 -40.87 -10.25 3.31
CA ILE B 95 -41.98 -10.76 4.12
C ILE B 95 -41.91 -10.20 5.52
N ALA B 96 -40.71 -10.14 6.10
CA ALA B 96 -40.56 -9.59 7.44
C ALA B 96 -40.97 -8.12 7.49
N LYS B 97 -40.61 -7.36 6.45
CA LYS B 97 -40.99 -5.96 6.42
C LYS B 97 -42.49 -5.79 6.19
N ALA B 98 -43.09 -6.64 5.35
CA ALA B 98 -44.49 -6.48 5.00
C ALA B 98 -45.43 -6.95 6.11
N SER B 99 -45.05 -7.99 6.85
CA SER B 99 -45.94 -8.55 7.85
C SER B 99 -46.03 -7.72 9.12
N LYS B 100 -45.17 -6.73 9.30
CA LYS B 100 -45.18 -5.94 10.52
C LYS B 100 -46.47 -5.14 10.69
N HIS B 101 -47.19 -4.88 9.60
CA HIS B 101 -48.47 -4.19 9.67
C HIS B 101 -49.65 -5.14 9.75
N TRP B 102 -49.41 -6.44 9.68
CA TRP B 102 -50.44 -7.44 9.98
C TRP B 102 -50.36 -7.91 11.42
N HIS B 103 -49.41 -7.40 12.19
CA HIS B 103 -49.24 -7.75 13.60
C HIS B 103 -49.06 -9.26 13.76
N LEU B 104 -48.07 -9.78 13.03
CA LEU B 104 -47.73 -11.19 13.04
C LEU B 104 -46.31 -11.38 13.55
N THR B 105 -46.07 -12.52 14.19
CA THR B 105 -44.75 -12.89 14.65
C THR B 105 -44.20 -13.96 13.71
N GLN B 106 -43.00 -13.72 13.19
CA GLN B 106 -42.37 -14.61 12.24
C GLN B 106 -41.27 -15.40 12.92
N LEU B 107 -41.18 -16.70 12.60
CA LEU B 107 -40.17 -17.58 13.17
C LEU B 107 -39.40 -18.24 12.03
N SER B 108 -38.09 -18.08 12.04
CA SER B 108 -37.24 -18.63 10.99
C SER B 108 -36.74 -20.02 11.35
N TYR B 109 -36.42 -20.80 10.33
CA TYR B 109 -35.89 -22.14 10.52
C TYR B 109 -34.54 -22.38 9.88
N ALA B 110 -34.17 -21.60 8.86
CA ALA B 110 -32.91 -21.82 8.17
C ALA B 110 -32.13 -20.58 7.81
N ASP B 111 -32.61 -19.37 8.13
CA ASP B 111 -31.96 -18.15 7.68
C ASP B 111 -30.93 -17.71 8.71
N THR B 112 -29.65 -17.77 8.32
CA THR B 112 -28.54 -17.46 9.21
C THR B 112 -27.95 -16.09 8.95
N HIS B 113 -28.59 -15.26 8.13
CA HIS B 113 -27.98 -14.00 7.72
C HIS B 113 -27.76 -13.10 8.94
N PRO B 114 -26.58 -12.47 9.05
CA PRO B 114 -26.26 -11.63 10.22
C PRO B 114 -26.76 -10.20 10.12
N MET B 115 -28.03 -10.04 9.74
CA MET B 115 -28.65 -8.72 9.73
C MET B 115 -30.04 -8.70 10.34
N PHE B 116 -30.62 -9.86 10.66
CA PHE B 116 -31.97 -9.92 11.23
C PHE B 116 -31.91 -9.70 12.74
N THR B 117 -31.40 -8.53 13.13
CA THR B 117 -31.31 -8.16 14.52
C THR B 117 -32.67 -7.72 15.04
N LYS B 118 -32.77 -7.64 16.37
CA LYS B 118 -34.05 -7.30 17.00
C LYS B 118 -34.50 -5.89 16.65
N ASP B 119 -33.56 -4.94 16.59
CA ASP B 119 -33.93 -3.55 16.36
C ASP B 119 -34.60 -3.37 15.02
N ALA B 120 -34.02 -3.94 13.96
CA ALA B 120 -34.58 -3.79 12.62
C ALA B 120 -35.80 -4.68 12.41
N PHE B 121 -35.82 -5.88 13.00
CA PHE B 121 -36.89 -6.85 12.81
C PHE B 121 -37.39 -7.31 14.17
N PRO B 122 -38.24 -6.52 14.82
CA PRO B 122 -38.71 -6.90 16.16
C PRO B 122 -39.48 -8.22 16.21
N ASN B 123 -40.24 -8.54 15.17
CA ASN B 123 -41.10 -9.72 15.18
C ASN B 123 -40.42 -10.95 14.57
N PHE B 124 -39.17 -10.86 14.17
CA PHE B 124 -38.45 -11.95 13.51
C PHE B 124 -37.64 -12.69 14.57
N PHE B 125 -38.15 -13.83 15.01
CA PHE B 125 -37.42 -14.70 15.92
C PHE B 125 -36.71 -15.77 15.12
N ARG B 126 -35.52 -16.15 15.58
CA ARG B 126 -34.65 -17.09 14.86
C ARG B 126 -34.38 -18.30 15.74
N VAL B 127 -34.96 -19.44 15.40
CA VAL B 127 -34.55 -20.69 16.02
C VAL B 127 -33.13 -21.03 15.62
N VAL B 128 -32.81 -20.89 14.33
CA VAL B 128 -31.46 -21.15 13.85
C VAL B 128 -30.58 -19.94 14.14
N PRO B 129 -29.41 -20.11 14.75
CA PRO B 129 -28.55 -18.97 15.05
C PRO B 129 -27.95 -18.37 13.79
N SER B 130 -27.54 -17.11 13.91
CA SER B 130 -26.95 -16.39 12.79
C SER B 130 -25.49 -16.78 12.60
N GLU B 131 -24.84 -16.14 11.64
CA GLU B 131 -23.41 -16.37 11.43
C GLU B 131 -22.57 -15.79 12.54
N ASN B 132 -23.07 -14.78 13.26
CA ASN B 132 -22.34 -14.24 14.40
C ASN B 132 -22.09 -15.30 15.45
N ALA B 133 -22.95 -16.31 15.52
CA ALA B 133 -22.77 -17.40 16.47
C ALA B 133 -21.53 -18.23 16.17
N PHE B 134 -20.92 -18.07 14.99
CA PHE B 134 -19.66 -18.74 14.70
C PHE B 134 -18.45 -17.97 15.21
N ASN B 135 -18.65 -16.74 15.70
CA ASN B 135 -17.53 -15.98 16.23
C ASN B 135 -17.02 -16.59 17.54
N ALA B 136 -17.94 -16.90 18.46
CA ALA B 136 -17.54 -17.37 19.78
C ALA B 136 -16.75 -18.67 19.74
N PRO B 137 -17.13 -19.71 18.99
CA PRO B 137 -16.33 -20.95 19.04
C PRO B 137 -14.91 -20.78 18.55
N ARG B 138 -14.71 -20.11 17.40
CA ARG B 138 -13.37 -19.88 16.89
C ARG B 138 -12.52 -19.14 17.91
N LEU B 139 -13.04 -18.03 18.43
CA LEU B 139 -12.33 -17.29 19.47
C LEU B 139 -12.15 -18.11 20.74
N ALA B 140 -12.98 -19.13 20.94
CA ALA B 140 -12.73 -20.05 22.06
C ALA B 140 -11.52 -20.92 21.79
N LEU B 141 -11.36 -21.38 20.54
CA LEU B 141 -10.20 -22.20 20.20
C LEU B 141 -8.91 -21.41 20.37
N LEU B 142 -8.93 -20.13 19.99
CA LEU B 142 -7.78 -19.27 20.21
C LEU B 142 -7.40 -19.19 21.69
N LYS B 143 -8.35 -19.42 22.58
CA LYS B 143 -8.03 -19.50 24.01
C LYS B 143 -7.56 -20.90 24.41
N GLU B 144 -8.11 -21.95 23.78
CA GLU B 144 -7.69 -23.31 24.12
C GLU B 144 -6.24 -23.54 23.73
N PHE B 145 -5.94 -23.41 22.44
CA PHE B 145 -4.56 -23.43 21.97
C PHE B 145 -4.06 -21.99 21.88
N ASN B 146 -2.89 -21.72 22.43
CA ASN B 146 -2.40 -20.36 22.61
C ASN B 146 -2.09 -19.74 21.26
N TRP B 147 -3.03 -18.95 20.74
CA TRP B 147 -2.83 -18.17 19.52
C TRP B 147 -3.30 -16.75 19.80
N THR B 148 -2.36 -15.82 19.92
CA THR B 148 -2.67 -14.43 20.23
C THR B 148 -2.34 -13.49 19.08
N ARG B 149 -2.23 -14.02 17.86
CA ARG B 149 -1.88 -13.20 16.69
C ARG B 149 -2.53 -13.87 15.48
N VAL B 150 -3.68 -13.32 15.05
CA VAL B 150 -4.49 -13.93 14.01
C VAL B 150 -4.69 -12.94 12.87
N GLY B 151 -4.62 -13.44 11.65
CA GLY B 151 -4.98 -12.67 10.48
C GLY B 151 -6.37 -13.05 10.00
N THR B 152 -7.07 -12.10 9.39
CA THR B 152 -8.44 -12.29 8.98
C THR B 152 -8.60 -11.97 7.50
N VAL B 153 -9.20 -12.90 6.75
CA VAL B 153 -9.58 -12.68 5.37
C VAL B 153 -11.06 -13.03 5.23
N TYR B 154 -11.84 -12.13 4.65
CA TYR B 154 -13.28 -12.33 4.57
C TYR B 154 -13.81 -11.82 3.26
N GLN B 155 -14.87 -12.47 2.76
CA GLN B 155 -15.55 -12.01 1.57
C GLN B 155 -16.27 -10.69 1.85
N ASN B 156 -16.29 -9.81 0.84
CA ASN B 156 -16.86 -8.49 1.02
C ASN B 156 -18.38 -8.49 1.13
N GLU B 157 -19.03 -9.62 0.88
CA GLU B 157 -20.48 -9.68 1.00
C GLU B 157 -20.90 -9.44 2.44
N PRO B 158 -22.08 -8.84 2.65
CA PRO B 158 -22.49 -8.55 4.03
C PRO B 158 -22.60 -9.79 4.91
N ARG B 159 -23.03 -10.91 4.36
CA ARG B 159 -23.16 -12.13 5.17
C ARG B 159 -21.85 -12.52 5.82
N TYR B 160 -20.72 -12.18 5.18
CA TYR B 160 -19.40 -12.45 5.74
C TYR B 160 -18.68 -11.17 6.14
N SER B 161 -19.41 -10.10 6.41
CA SER B 161 -18.81 -8.82 6.79
C SER B 161 -19.13 -8.44 8.23
N LEU B 162 -20.41 -8.37 8.61
CA LEU B 162 -20.73 -8.08 10.01
C LEU B 162 -20.19 -9.12 10.98
N PRO B 163 -20.26 -10.43 10.72
CA PRO B 163 -19.59 -11.37 11.64
C PRO B 163 -18.11 -11.10 11.79
N HIS B 164 -17.42 -10.73 10.71
CA HIS B 164 -16.00 -10.40 10.81
C HIS B 164 -15.78 -9.14 11.64
N ASN B 165 -16.63 -8.13 11.46
CA ASN B 165 -16.51 -6.91 12.26
C ASN B 165 -16.73 -7.19 13.73
N HIS B 166 -17.75 -7.98 14.06
CA HIS B 166 -17.97 -8.35 15.45
C HIS B 166 -16.82 -9.16 16.00
N MET B 167 -16.22 -10.02 15.17
CA MET B 167 -15.07 -10.80 15.61
C MET B 167 -13.88 -9.92 15.93
N VAL B 168 -13.53 -9.00 15.01
CA VAL B 168 -12.38 -8.13 15.25
C VAL B 168 -12.66 -7.12 16.36
N ALA B 169 -13.93 -6.86 16.66
CA ALA B 169 -14.27 -6.04 17.82
C ALA B 169 -14.38 -6.85 19.11
N ASP B 170 -14.40 -8.18 19.02
CA ASP B 170 -14.53 -9.05 20.18
C ASP B 170 -13.20 -9.65 20.64
N LEU B 171 -12.34 -10.05 19.70
CA LEU B 171 -11.03 -10.56 20.07
C LEU B 171 -10.12 -9.48 20.64
N ASP B 172 -10.50 -8.20 20.51
CA ASP B 172 -9.72 -7.12 21.10
C ASP B 172 -9.68 -7.26 22.62
N ALA B 173 -10.82 -7.59 23.23
CA ALA B 173 -10.87 -7.71 24.68
C ALA B 173 -10.05 -8.89 25.19
N MET B 174 -9.83 -9.90 24.34
CA MET B 174 -9.14 -11.12 24.72
C MET B 174 -7.65 -11.09 24.40
N GLU B 175 -7.07 -9.88 24.35
CA GLU B 175 -5.63 -9.65 24.21
C GLU B 175 -5.07 -10.34 22.96
N VAL B 176 -5.92 -10.53 21.96
CA VAL B 176 -5.51 -11.07 20.67
C VAL B 176 -5.42 -9.90 19.71
N GLU B 177 -4.27 -9.77 19.04
CA GLU B 177 -4.00 -8.64 18.16
C GLU B 177 -4.18 -9.08 16.71
N VAL B 178 -5.01 -8.34 15.97
CA VAL B 178 -5.15 -8.58 14.54
C VAL B 178 -3.89 -8.07 13.85
N VAL B 179 -3.29 -8.92 13.01
CA VAL B 179 -2.13 -8.50 12.24
C VAL B 179 -2.56 -7.85 10.94
N GLU B 180 -3.52 -8.47 10.25
CA GLU B 180 -3.99 -7.95 8.97
C GLU B 180 -5.46 -8.26 8.81
N THR B 181 -6.10 -7.55 7.89
CA THR B 181 -7.51 -7.76 7.58
C THR B 181 -7.68 -7.58 6.08
N GLN B 182 -8.02 -8.66 5.39
CA GLN B 182 -8.19 -8.65 3.95
C GLN B 182 -9.65 -8.89 3.59
N SER B 183 -10.16 -8.12 2.64
CA SER B 183 -11.56 -8.20 2.20
C SER B 183 -11.56 -8.29 0.68
N PHE B 184 -11.54 -9.51 0.16
CA PHE B 184 -11.52 -9.70 -1.28
C PHE B 184 -12.92 -9.55 -1.87
N VAL B 185 -12.98 -9.55 -3.20
CA VAL B 185 -14.23 -9.52 -3.94
C VAL B 185 -14.34 -10.71 -4.88
N ASN B 186 -13.32 -10.92 -5.72
CA ASN B 186 -13.27 -12.07 -6.61
C ASN B 186 -11.92 -12.78 -6.62
N ASP B 187 -10.84 -12.12 -6.22
CA ASP B 187 -9.50 -12.71 -6.23
C ASP B 187 -9.01 -12.87 -4.80
N VAL B 188 -8.84 -14.12 -4.37
CA VAL B 188 -8.32 -14.41 -3.04
C VAL B 188 -6.80 -14.51 -3.01
N ALA B 189 -6.16 -14.73 -4.15
CA ALA B 189 -4.70 -14.87 -4.17
C ALA B 189 -4.02 -13.59 -3.71
N GLU B 190 -4.52 -12.43 -4.14
CA GLU B 190 -3.93 -11.17 -3.71
C GLU B 190 -4.08 -10.99 -2.20
N SER B 191 -5.24 -11.35 -1.65
CA SER B 191 -5.44 -11.28 -0.21
C SER B 191 -4.46 -12.19 0.52
N LEU B 192 -4.23 -13.39 -0.01
CA LEU B 192 -3.28 -14.30 0.63
C LEU B 192 -1.85 -13.76 0.57
N LYS B 193 -1.46 -13.17 -0.56
CA LYS B 193 -0.13 -12.57 -0.66
C LYS B 193 0.01 -11.42 0.33
N LYS B 194 -1.01 -10.58 0.45
CA LYS B 194 -0.96 -9.49 1.42
C LYS B 194 -0.86 -10.03 2.83
N LEU B 195 -1.58 -11.12 3.13
CA LEU B 195 -1.48 -11.74 4.45
C LEU B 195 -0.08 -12.25 4.72
N ARG B 196 0.55 -12.87 3.71
CA ARG B 196 1.92 -13.37 3.90
C ARG B 196 2.94 -12.25 3.95
N GLU B 197 2.59 -11.04 3.48
CA GLU B 197 3.50 -9.91 3.61
C GLU B 197 3.93 -9.73 5.07
N LYS B 198 3.01 -9.94 6.00
CA LYS B 198 3.35 -10.09 7.41
C LYS B 198 3.47 -11.57 7.75
N ASP B 199 4.19 -11.86 8.83
CA ASP B 199 4.40 -13.24 9.25
C ASP B 199 3.28 -13.68 10.19
N VAL B 200 2.12 -13.94 9.58
CA VAL B 200 0.94 -14.40 10.30
C VAL B 200 0.72 -15.87 9.97
N ARG B 201 0.40 -16.66 11.00
CA ARG B 201 0.24 -18.10 10.85
C ARG B 201 -1.17 -18.60 11.13
N ILE B 202 -1.94 -17.89 11.96
CA ILE B 202 -3.33 -18.25 12.24
C ILE B 202 -4.23 -17.35 11.43
N ILE B 203 -5.12 -17.95 10.63
CA ILE B 203 -5.98 -17.23 9.71
C ILE B 203 -7.43 -17.54 10.04
N LEU B 204 -8.27 -16.51 10.10
CA LEU B 204 -9.70 -16.64 10.27
C LEU B 204 -10.39 -16.21 8.99
N GLY B 205 -11.17 -17.10 8.40
CA GLY B 205 -11.75 -16.87 7.08
C GLY B 205 -13.26 -16.92 7.08
N ASN B 206 -13.88 -15.94 6.43
CA ASN B 206 -15.33 -15.89 6.21
C ASN B 206 -15.58 -15.84 4.72
N PHE B 207 -16.04 -16.94 4.14
CA PHE B 207 -16.36 -16.99 2.72
C PHE B 207 -17.24 -18.21 2.44
N ASN B 208 -17.82 -18.23 1.25
CA ASN B 208 -18.69 -19.33 0.84
C ASN B 208 -17.86 -20.49 0.30
N GLU B 209 -18.53 -21.59 -0.03
CA GLU B 209 -17.83 -22.82 -0.36
C GLU B 209 -16.98 -22.67 -1.62
N HIS B 210 -17.51 -22.00 -2.65
CA HIS B 210 -16.73 -21.78 -3.87
C HIS B 210 -15.52 -20.92 -3.57
N PHE B 211 -15.70 -19.85 -2.80
CA PHE B 211 -14.57 -19.01 -2.45
C PHE B 211 -13.65 -19.71 -1.46
N ALA B 212 -14.16 -20.64 -0.66
CA ALA B 212 -13.28 -21.45 0.17
C ALA B 212 -12.38 -22.33 -0.69
N ARG B 213 -12.96 -22.96 -1.72
CA ARG B 213 -12.15 -23.75 -2.63
C ARG B 213 -11.10 -22.89 -3.33
N LYS B 214 -11.49 -21.69 -3.76
CA LYS B 214 -10.52 -20.78 -4.39
C LYS B 214 -9.43 -20.37 -3.41
N ALA B 215 -9.81 -20.09 -2.15
CA ALA B 215 -8.83 -19.65 -1.16
C ALA B 215 -7.82 -20.74 -0.87
N PHE B 216 -8.27 -21.99 -0.75
CA PHE B 216 -7.32 -23.07 -0.51
C PHE B 216 -6.55 -23.42 -1.78
N CYS B 217 -7.15 -23.21 -2.95
CA CYS B 217 -6.42 -23.29 -4.21
C CYS B 217 -5.20 -22.37 -4.18
N GLU B 218 -5.43 -21.10 -3.82
CA GLU B 218 -4.31 -20.16 -3.75
C GLU B 218 -3.36 -20.51 -2.60
N ALA B 219 -3.91 -20.95 -1.47
CA ALA B 219 -3.08 -21.32 -0.33
C ALA B 219 -2.23 -22.55 -0.61
N TYR B 220 -2.52 -23.28 -1.69
CA TYR B 220 -1.54 -24.21 -2.22
C TYR B 220 -0.63 -23.52 -3.23
N LYS B 221 -1.20 -22.73 -4.15
CA LYS B 221 -0.41 -22.01 -5.14
C LYS B 221 0.75 -21.26 -4.48
N LEU B 222 0.42 -20.37 -3.55
CA LEU B 222 1.43 -19.86 -2.63
C LEU B 222 1.47 -20.76 -1.40
N ASP B 223 2.66 -20.95 -0.85
CA ASP B 223 2.90 -22.02 0.11
C ASP B 223 2.33 -21.64 1.48
N MET B 224 1.14 -22.17 1.78
CA MET B 224 0.54 -22.10 3.11
C MET B 224 -0.10 -23.44 3.46
N TYR B 225 0.52 -24.54 3.01
CA TYR B 225 -0.16 -25.83 3.04
C TYR B 225 -0.38 -26.32 4.47
N GLY B 226 0.64 -26.26 5.31
CA GLY B 226 0.45 -26.72 6.69
C GLY B 226 1.76 -26.85 7.43
N ARG B 227 1.63 -27.33 8.68
CA ARG B 227 2.69 -27.56 9.64
C ARG B 227 3.20 -26.25 10.22
N ALA B 228 2.81 -25.13 9.59
CA ALA B 228 3.09 -23.80 10.14
C ALA B 228 1.92 -22.85 10.05
N TYR B 229 0.96 -23.07 9.15
CA TYR B 229 -0.20 -22.21 8.99
C TYR B 229 -1.43 -22.95 9.53
N GLN B 230 -2.21 -22.26 10.37
CA GLN B 230 -3.41 -22.82 10.95
C GLN B 230 -4.62 -22.03 10.47
N TRP B 231 -5.67 -22.74 10.06
CA TRP B 231 -6.86 -22.13 9.50
C TRP B 231 -8.03 -22.26 10.45
N LEU B 232 -8.93 -21.28 10.39
CA LEU B 232 -10.13 -21.26 11.24
C LEU B 232 -11.23 -20.58 10.45
N ILE B 233 -12.07 -21.37 9.77
CA ILE B 233 -13.09 -20.84 8.89
C ILE B 233 -14.45 -21.39 9.29
N MET B 234 -15.49 -20.65 8.93
CA MET B 234 -16.86 -21.11 9.07
C MET B 234 -17.23 -21.96 7.86
N ALA B 235 -17.89 -23.08 8.10
CA ALA B 235 -18.05 -24.13 7.10
C ALA B 235 -19.49 -24.59 7.00
N THR B 236 -20.42 -23.64 6.88
CA THR B 236 -21.82 -23.98 6.62
C THR B 236 -22.02 -24.24 5.13
N TYR B 237 -21.20 -25.14 4.60
CA TYR B 237 -21.17 -25.49 3.19
C TYR B 237 -21.93 -26.79 2.96
N SER B 238 -21.86 -27.30 1.72
CA SER B 238 -22.43 -28.59 1.40
C SER B 238 -21.47 -29.71 1.81
N THR B 239 -21.99 -30.93 1.82
CA THR B 239 -21.17 -32.08 2.16
C THR B 239 -20.11 -32.31 1.10
N ASP B 240 -18.88 -32.57 1.57
CA ASP B 240 -17.73 -32.79 0.68
C ASP B 240 -17.56 -31.66 -0.32
N TRP B 241 -17.60 -30.43 0.20
CA TRP B 241 -17.46 -29.26 -0.66
C TRP B 241 -16.09 -29.19 -1.30
N TRP B 242 -15.06 -29.70 -0.61
CA TRP B 242 -13.73 -29.76 -1.21
C TRP B 242 -13.66 -30.77 -2.35
N ASN B 243 -14.60 -31.71 -2.43
CA ASN B 243 -14.59 -32.72 -3.47
C ASN B 243 -15.13 -32.22 -4.80
N VAL B 244 -15.80 -31.08 -4.82
CA VAL B 244 -16.37 -30.54 -6.05
C VAL B 244 -15.28 -29.79 -6.82
N THR B 245 -15.12 -30.14 -8.09
CA THR B 245 -14.05 -29.58 -8.94
C THR B 245 -14.55 -28.27 -9.54
N GLN B 246 -14.27 -27.17 -8.85
CA GLN B 246 -14.60 -25.84 -9.36
C GLN B 246 -13.49 -24.82 -9.18
N ASP B 247 -12.44 -25.13 -8.42
CA ASP B 247 -11.38 -24.17 -8.13
C ASP B 247 -10.44 -24.06 -9.33
N SER B 248 -9.33 -23.33 -9.14
CA SER B 248 -8.39 -23.05 -10.22
C SER B 248 -7.51 -24.27 -10.47
N GLU B 249 -8.13 -25.29 -11.07
CA GLU B 249 -7.43 -26.44 -11.66
C GLU B 249 -6.85 -27.37 -10.59
N CYS B 250 -6.90 -26.97 -9.32
CA CYS B 250 -6.39 -27.82 -8.26
C CYS B 250 -7.32 -29.00 -8.06
N SER B 251 -6.82 -30.21 -8.31
CA SER B 251 -7.65 -31.40 -8.22
C SER B 251 -8.05 -31.67 -6.77
N VAL B 252 -8.94 -32.64 -6.60
CA VAL B 252 -9.38 -33.02 -5.26
C VAL B 252 -8.20 -33.53 -4.45
N GLU B 253 -7.29 -34.28 -5.07
CA GLU B 253 -6.05 -34.71 -4.43
C GLU B 253 -5.06 -33.58 -4.28
N GLU B 254 -5.43 -32.38 -4.71
CA GLU B 254 -4.60 -31.19 -4.56
C GLU B 254 -5.23 -30.13 -3.67
N ILE B 255 -6.55 -29.97 -3.72
CA ILE B 255 -7.23 -29.05 -2.80
C ILE B 255 -7.23 -29.60 -1.38
N ALA B 256 -7.05 -30.91 -1.20
CA ALA B 256 -7.06 -31.49 0.13
C ALA B 256 -5.77 -31.24 0.90
N THR B 257 -4.64 -31.12 0.19
CA THR B 257 -3.37 -30.91 0.87
C THR B 257 -3.35 -29.61 1.64
N ALA B 258 -3.88 -28.52 1.04
CA ALA B 258 -3.93 -27.25 1.75
C ALA B 258 -5.02 -27.24 2.81
N LEU B 259 -5.99 -28.15 2.74
CA LEU B 259 -7.06 -28.22 3.72
C LEU B 259 -6.66 -29.01 4.96
N GLU B 260 -5.58 -29.77 4.90
CA GLU B 260 -5.20 -30.62 6.01
C GLU B 260 -4.87 -29.79 7.25
N GLY B 261 -5.42 -30.21 8.40
CA GLY B 261 -5.17 -29.52 9.64
C GLY B 261 -5.93 -28.22 9.82
N ALA B 262 -7.01 -28.02 9.10
CA ALA B 262 -7.84 -26.83 9.23
C ALA B 262 -9.02 -27.12 10.14
N ILE B 263 -9.36 -26.15 10.98
CA ILE B 263 -10.47 -26.28 11.92
C ILE B 263 -11.66 -25.49 11.36
N LEU B 264 -12.79 -26.16 11.23
CA LEU B 264 -13.98 -25.60 10.60
C LEU B 264 -15.13 -25.63 11.61
N VAL B 265 -15.85 -24.52 11.71
CA VAL B 265 -16.97 -24.36 12.63
C VAL B 265 -18.25 -24.37 11.82
N ASP B 266 -19.21 -25.19 12.23
CA ASP B 266 -20.44 -25.42 11.50
C ASP B 266 -21.59 -25.51 12.49
N LEU B 267 -22.81 -25.43 11.98
CA LEU B 267 -23.99 -25.60 12.82
C LEU B 267 -24.17 -27.07 13.17
N LEU B 268 -24.35 -27.35 14.45
CA LEU B 268 -24.58 -28.72 14.88
C LEU B 268 -25.96 -29.17 14.47
N PRO B 269 -26.10 -30.24 13.68
CA PRO B 269 -27.44 -30.64 13.23
C PRO B 269 -28.35 -31.09 14.37
N LEU B 270 -27.86 -31.95 15.25
CA LEU B 270 -28.66 -32.47 16.34
C LEU B 270 -27.83 -32.53 17.61
N SER B 271 -28.51 -32.44 18.75
CA SER B 271 -27.83 -32.52 20.04
C SER B 271 -27.34 -33.93 20.28
N THR B 272 -26.09 -34.06 20.73
CA THR B 272 -25.51 -35.35 21.03
C THR B 272 -25.73 -35.77 22.48
N SER B 273 -26.33 -34.92 23.30
CA SER B 273 -26.62 -35.27 24.69
C SER B 273 -27.82 -36.23 24.73
N GLY B 274 -27.99 -36.86 25.89
CA GLY B 274 -29.05 -37.83 26.06
C GLY B 274 -30.32 -37.24 26.64
N ASP B 275 -30.46 -35.92 26.56
CA ASP B 275 -31.62 -35.24 27.11
C ASP B 275 -32.88 -35.64 26.36
N ILE B 276 -34.01 -35.62 27.07
CA ILE B 276 -35.31 -35.93 26.49
C ILE B 276 -35.96 -34.62 26.06
N THR B 277 -36.34 -34.54 24.79
CA THR B 277 -36.93 -33.32 24.25
C THR B 277 -38.38 -33.16 24.73
N VAL B 278 -38.99 -32.04 24.35
CA VAL B 278 -40.37 -31.79 24.72
C VAL B 278 -41.32 -32.77 24.04
N ALA B 279 -40.90 -33.39 22.93
CA ALA B 279 -41.71 -34.39 22.27
C ALA B 279 -41.76 -35.72 23.02
N GLY B 280 -40.95 -35.87 24.06
CA GLY B 280 -40.87 -37.11 24.79
C GLY B 280 -39.91 -38.13 24.20
N ILE B 281 -39.22 -37.78 23.12
CA ILE B 281 -38.29 -38.69 22.47
C ILE B 281 -36.94 -37.98 22.36
N THR B 282 -35.87 -38.75 22.55
CA THR B 282 -34.53 -38.19 22.44
C THR B 282 -34.21 -37.86 20.99
N ALA B 283 -33.13 -37.07 20.82
CA ALA B 283 -32.75 -36.64 19.47
C ALA B 283 -32.41 -37.80 18.56
N ASP B 284 -31.96 -38.92 19.13
CA ASP B 284 -31.63 -40.08 18.30
C ASP B 284 -32.88 -40.75 17.74
N GLU B 285 -33.94 -40.85 18.55
CA GLU B 285 -35.19 -41.39 18.04
C GLU B 285 -35.77 -40.50 16.95
N TYR B 286 -35.72 -39.18 17.15
CA TYR B 286 -36.19 -38.26 16.11
C TYR B 286 -35.33 -38.38 14.86
N LEU B 287 -34.02 -38.56 15.03
CA LEU B 287 -33.14 -38.75 13.87
C LEU B 287 -33.51 -40.01 13.11
N VAL B 288 -33.81 -41.09 13.82
CA VAL B 288 -34.22 -42.33 13.16
C VAL B 288 -35.52 -42.11 12.40
N GLU B 289 -36.48 -41.43 13.01
CA GLU B 289 -37.76 -41.17 12.34
C GLU B 289 -37.56 -40.31 11.10
N TYR B 290 -36.72 -39.28 11.20
CA TYR B 290 -36.47 -38.40 10.06
C TYR B 290 -35.75 -39.16 8.94
N ASP B 291 -34.78 -40.00 9.28
CA ASP B 291 -34.09 -40.77 8.26
C ASP B 291 -35.02 -41.78 7.61
N ARG B 292 -36.01 -42.28 8.35
CA ARG B 292 -36.95 -43.22 7.76
C ARG B 292 -37.94 -42.51 6.84
N LEU B 293 -38.41 -41.32 7.22
CA LEU B 293 -39.44 -40.62 6.46
C LEU B 293 -38.88 -39.53 5.55
N ARG B 294 -37.56 -39.46 5.38
CA ARG B 294 -36.97 -38.40 4.57
C ARG B 294 -36.60 -38.84 3.15
N GLY B 295 -36.39 -40.13 2.93
CA GLY B 295 -35.98 -40.60 1.62
C GLY B 295 -34.56 -40.21 1.27
N THR B 296 -34.40 -39.39 0.23
CA THR B 296 -33.08 -38.99 -0.25
C THR B 296 -32.71 -37.57 0.12
N GLU B 297 -33.69 -36.69 0.31
CA GLU B 297 -33.40 -35.30 0.62
C GLU B 297 -32.91 -35.17 2.05
N TYR B 298 -31.97 -34.24 2.25
CA TYR B 298 -31.41 -34.00 3.57
C TYR B 298 -31.02 -32.53 3.68
N SER B 299 -31.04 -32.02 4.91
CA SER B 299 -30.59 -30.66 5.20
C SER B 299 -30.18 -30.58 6.65
N ARG B 300 -29.19 -29.73 6.93
CA ARG B 300 -28.70 -29.58 8.30
C ARG B 300 -29.71 -28.90 9.21
N PHE B 301 -30.77 -28.33 8.65
CA PHE B 301 -31.74 -27.57 9.43
C PHE B 301 -32.98 -28.37 9.81
N HIS B 302 -32.98 -29.69 9.58
CA HIS B 302 -34.17 -30.49 9.85
C HIS B 302 -34.51 -30.46 11.33
N GLY B 303 -33.52 -30.63 12.20
CA GLY B 303 -33.78 -30.49 13.62
C GLY B 303 -34.21 -29.09 13.98
N TYR B 304 -33.65 -28.08 13.30
CA TYR B 304 -33.98 -26.70 13.60
C TYR B 304 -35.41 -26.38 13.20
N THR B 305 -35.88 -26.89 12.06
CA THR B 305 -37.28 -26.65 11.70
C THR B 305 -38.24 -27.46 12.56
N TYR B 306 -37.83 -28.66 12.97
CA TYR B 306 -38.62 -29.40 13.95
C TYR B 306 -38.80 -28.59 15.22
N ASP B 307 -37.70 -28.04 15.75
CA ASP B 307 -37.76 -27.22 16.95
C ASP B 307 -38.55 -25.94 16.71
N GLY B 308 -38.48 -25.39 15.50
CA GLY B 308 -39.27 -24.21 15.20
C GLY B 308 -40.76 -24.48 15.24
N ILE B 309 -41.18 -25.60 14.67
CA ILE B 309 -42.59 -25.97 14.73
C ILE B 309 -43.02 -26.20 16.18
N TRP B 310 -42.16 -26.86 16.97
CA TRP B 310 -42.50 -27.07 18.37
C TRP B 310 -42.60 -25.74 19.12
N ALA B 311 -41.71 -24.80 18.82
CA ALA B 311 -41.77 -23.49 19.45
C ALA B 311 -43.02 -22.73 19.05
N ALA B 312 -43.44 -22.87 17.79
CA ALA B 312 -44.70 -22.27 17.35
C ALA B 312 -45.88 -22.85 18.11
N ALA B 313 -45.88 -24.18 18.30
CA ALA B 313 -46.93 -24.80 19.10
C ALA B 313 -46.92 -24.29 20.52
N LEU B 314 -45.72 -24.14 21.10
CA LEU B 314 -45.62 -23.60 22.46
C LEU B 314 -46.17 -22.18 22.53
N ALA B 315 -45.85 -21.34 21.55
CA ALA B 315 -46.34 -19.96 21.55
C ALA B 315 -47.85 -19.92 21.41
N ILE B 316 -48.42 -20.78 20.57
CA ILE B 316 -49.87 -20.81 20.42
C ILE B 316 -50.52 -21.30 21.70
N GLN B 317 -49.92 -22.29 22.37
CA GLN B 317 -50.44 -22.74 23.65
C GLN B 317 -50.42 -21.63 24.70
N TYR B 318 -49.32 -20.87 24.74
CA TYR B 318 -49.24 -19.74 25.66
C TYR B 318 -50.32 -18.71 25.37
N VAL B 319 -50.52 -18.39 24.08
CA VAL B 319 -51.53 -17.41 23.72
C VAL B 319 -52.92 -17.90 24.10
N ALA B 320 -53.20 -19.18 23.87
CA ALA B 320 -54.49 -19.73 24.24
C ALA B 320 -54.69 -19.68 25.76
N GLU B 321 -53.65 -20.00 26.52
CA GLU B 321 -53.75 -19.95 27.97
C GLU B 321 -54.03 -18.54 28.46
N LYS B 322 -53.34 -17.54 27.89
CA LYS B 322 -53.57 -16.17 28.30
C LYS B 322 -54.85 -15.60 27.70
N ARG B 323 -54.93 -15.56 26.37
CA ARG B 323 -56.09 -15.05 25.67
C ARG B 323 -56.98 -16.23 25.25
N GLU B 324 -58.13 -16.35 25.90
CA GLU B 324 -59.03 -17.47 25.62
C GLU B 324 -59.66 -17.35 24.24
N ASP B 325 -59.87 -16.14 23.75
CA ASP B 325 -60.56 -15.91 22.48
C ASP B 325 -59.58 -15.86 21.32
N LEU B 326 -58.81 -16.94 21.17
CA LEU B 326 -57.80 -17.00 20.12
C LEU B 326 -58.44 -17.18 18.75
N LEU B 327 -59.40 -18.09 18.64
CA LEU B 327 -59.99 -18.42 17.35
C LEU B 327 -61.27 -17.64 17.04
N THR B 328 -61.79 -16.87 18.00
CA THR B 328 -63.00 -16.09 17.78
C THR B 328 -62.75 -14.59 17.83
N HIS B 329 -61.53 -14.16 18.11
CA HIS B 329 -61.23 -12.73 18.17
C HIS B 329 -59.89 -12.38 17.54
N PHE B 330 -59.38 -13.22 16.64
CA PHE B 330 -58.09 -12.98 16.01
C PHE B 330 -58.24 -11.95 14.90
N ASP B 331 -57.62 -10.79 15.06
CA ASP B 331 -57.67 -9.73 14.06
C ASP B 331 -56.25 -9.31 13.72
N TYR B 332 -55.96 -9.24 12.41
CA TYR B 332 -54.65 -8.73 11.99
C TYR B 332 -54.48 -7.27 12.36
N ARG B 333 -55.55 -6.48 12.23
CA ARG B 333 -55.45 -5.04 12.45
C ARG B 333 -55.28 -4.70 13.92
N VAL B 334 -55.67 -5.60 14.82
CA VAL B 334 -55.54 -5.34 16.25
C VAL B 334 -54.11 -5.64 16.68
N LYS B 335 -53.47 -4.65 17.31
CA LYS B 335 -52.04 -4.75 17.59
C LYS B 335 -51.74 -5.73 18.72
N ASP B 336 -52.54 -5.71 19.79
CA ASP B 336 -52.17 -6.39 21.02
C ASP B 336 -51.91 -7.88 20.79
N TRP B 337 -52.61 -8.49 19.84
CA TRP B 337 -52.39 -9.90 19.53
C TRP B 337 -50.91 -10.17 19.28
N GLU B 338 -50.30 -9.39 18.40
CA GLU B 338 -48.88 -9.52 18.14
C GLU B 338 -48.09 -9.47 19.44
N SER B 339 -48.36 -8.46 20.27
CA SER B 339 -47.67 -8.34 21.55
C SER B 339 -47.77 -9.62 22.34
N VAL B 340 -48.99 -10.18 22.44
CA VAL B 340 -49.17 -11.42 23.17
C VAL B 340 -48.27 -12.50 22.61
N PHE B 341 -48.31 -12.68 21.29
CA PHE B 341 -47.47 -13.69 20.67
C PHE B 341 -46.00 -13.37 20.90
N LEU B 342 -45.64 -12.10 20.85
CA LEU B 342 -44.27 -11.71 21.16
C LEU B 342 -43.89 -12.20 22.54
N GLU B 343 -44.76 -11.95 23.54
CA GLU B 343 -44.50 -12.46 24.87
C GLU B 343 -44.47 -13.98 24.85
N ALA B 344 -45.37 -14.61 24.11
CA ALA B 344 -45.36 -16.06 23.98
C ALA B 344 -44.07 -16.55 23.36
N LEU B 345 -43.43 -15.73 22.53
CA LEU B 345 -42.17 -16.13 21.92
C LEU B 345 -40.96 -15.69 22.73
N ARG B 346 -41.17 -14.98 23.84
CA ARG B 346 -40.07 -14.64 24.72
C ARG B 346 -40.01 -15.51 25.97
N ASN B 347 -41.11 -16.18 26.30
CA ASN B 347 -41.13 -17.17 27.37
C ASN B 347 -40.78 -18.57 26.89
N THR B 348 -40.42 -18.72 25.62
CA THR B 348 -40.09 -20.03 25.07
C THR B 348 -38.79 -20.52 25.69
N SER B 349 -38.86 -21.67 26.35
CA SER B 349 -37.67 -22.29 26.96
C SER B 349 -37.96 -23.77 27.07
N PHE B 350 -37.40 -24.56 26.15
CA PHE B 350 -37.71 -25.98 26.14
C PHE B 350 -36.55 -26.74 25.49
N GLU B 351 -36.38 -27.99 25.92
CA GLU B 351 -35.36 -28.85 25.33
C GLU B 351 -35.90 -29.44 24.04
N GLY B 352 -35.23 -29.14 22.91
CA GLY B 352 -35.57 -29.72 21.64
C GLY B 352 -34.43 -30.56 21.09
N VAL B 353 -34.68 -31.14 19.91
CA VAL B 353 -33.72 -32.08 19.32
C VAL B 353 -32.41 -31.41 18.92
N THR B 354 -32.31 -30.10 19.02
CA THR B 354 -31.06 -29.39 18.74
C THR B 354 -30.45 -28.75 19.97
N GLY B 355 -31.04 -28.97 21.15
CA GLY B 355 -30.52 -28.42 22.38
C GLY B 355 -31.55 -27.60 23.12
N PRO B 356 -31.12 -26.84 24.12
CA PRO B 356 -32.05 -25.96 24.81
C PRO B 356 -32.48 -24.78 23.95
N VAL B 357 -33.70 -24.81 23.43
CA VAL B 357 -34.25 -23.70 22.67
C VAL B 357 -34.74 -22.64 23.66
N ARG B 358 -34.17 -21.44 23.57
CA ARG B 358 -34.58 -20.33 24.41
C ARG B 358 -34.07 -19.05 23.76
N PHE B 359 -34.98 -18.13 23.43
CA PHE B 359 -34.61 -16.92 22.72
C PHE B 359 -34.10 -15.87 23.69
N TYR B 360 -32.91 -15.35 23.43
CA TYR B 360 -32.27 -14.42 24.36
C TYR B 360 -32.56 -12.97 24.00
N ASN B 361 -32.10 -12.51 22.82
CA ASN B 361 -32.53 -11.21 22.35
C ASN B 361 -33.69 -11.38 21.37
N ASN B 362 -33.39 -11.98 20.23
CA ASN B 362 -34.38 -12.58 19.35
C ASN B 362 -33.89 -13.88 18.74
N GLU B 363 -32.60 -14.16 18.80
CA GLU B 363 -32.00 -15.33 18.21
C GLU B 363 -31.94 -16.45 19.25
N ARG B 364 -31.25 -17.53 18.91
CA ARG B 364 -31.09 -18.67 19.80
C ARG B 364 -29.63 -19.07 19.84
N LYS B 365 -29.12 -19.33 21.04
CA LYS B 365 -27.76 -19.80 21.22
C LYS B 365 -27.76 -21.32 21.04
N ALA B 366 -27.20 -21.78 19.93
CA ALA B 366 -27.18 -23.20 19.60
C ALA B 366 -25.74 -23.70 19.59
N ASN B 367 -25.58 -24.99 19.90
CA ASN B 367 -24.27 -25.60 19.95
C ASN B 367 -23.62 -25.58 18.57
N ILE B 368 -22.31 -25.32 18.54
CA ILE B 368 -21.57 -25.18 17.31
C ILE B 368 -20.66 -26.39 17.15
N LEU B 369 -20.88 -27.16 16.10
CA LEU B 369 -19.99 -28.27 15.78
C LEU B 369 -18.65 -27.74 15.31
N ILE B 370 -17.58 -28.39 15.75
CA ILE B 370 -16.22 -28.03 15.34
C ILE B 370 -15.56 -29.30 14.83
N ASN B 371 -15.18 -29.31 13.56
CA ASN B 371 -14.52 -30.47 12.97
C ASN B 371 -13.21 -30.03 12.34
N GLN B 372 -12.41 -31.00 11.92
CA GLN B 372 -11.09 -30.71 11.37
C GLN B 372 -10.77 -31.72 10.28
N PHE B 373 -10.19 -31.23 9.20
CA PHE B 373 -9.79 -32.09 8.08
C PHE B 373 -8.55 -32.88 8.47
N GLN B 374 -8.71 -34.18 8.66
CA GLN B 374 -7.61 -35.06 9.05
C GLN B 374 -7.55 -36.25 8.11
N LEU B 375 -6.35 -36.53 7.59
CA LEU B 375 -6.07 -37.72 6.78
C LEU B 375 -7.05 -37.82 5.60
N GLY B 376 -7.26 -36.70 4.93
CA GLY B 376 -8.15 -36.67 3.80
C GLY B 376 -9.61 -36.92 4.14
N GLN B 377 -10.05 -36.46 5.30
CA GLN B 377 -11.45 -36.61 5.72
C GLN B 377 -11.77 -35.57 6.77
N MET B 378 -13.04 -35.19 6.84
CA MET B 378 -13.51 -34.21 7.81
C MET B 378 -14.00 -34.95 9.04
N GLU B 379 -13.22 -34.92 10.11
CA GLU B 379 -13.51 -35.65 11.34
C GLU B 379 -13.95 -34.67 12.42
N LYS B 380 -15.02 -35.03 13.13
CA LYS B 380 -15.52 -34.18 14.20
C LYS B 380 -14.49 -34.05 15.31
N ILE B 381 -14.35 -32.85 15.84
CA ILE B 381 -13.38 -32.55 16.88
C ILE B 381 -14.06 -32.26 18.22
N GLY B 382 -15.13 -31.47 18.20
CA GLY B 382 -15.79 -31.14 19.45
C GLY B 382 -17.02 -30.30 19.21
N GLU B 383 -17.57 -29.78 20.32
CA GLU B 383 -18.76 -28.95 20.29
C GLU B 383 -18.56 -27.74 21.21
N TYR B 384 -19.02 -26.59 20.76
CA TYR B 384 -18.99 -25.37 21.56
C TYR B 384 -20.43 -25.08 22.00
N HIS B 385 -20.69 -25.27 23.28
CA HIS B 385 -22.00 -24.98 23.85
C HIS B 385 -22.10 -23.48 24.14
N SER B 386 -23.09 -22.83 23.56
CA SER B 386 -23.24 -21.39 23.67
C SER B 386 -24.15 -20.97 24.82
N GLN B 387 -25.10 -21.81 25.21
CA GLN B 387 -25.91 -21.51 26.38
C GLN B 387 -25.02 -21.36 27.61
N LYS B 388 -24.33 -22.43 27.98
CA LYS B 388 -23.21 -22.38 28.92
C LYS B 388 -21.95 -22.47 28.08
N SER B 389 -21.30 -21.32 27.85
CA SER B 389 -20.16 -21.27 26.93
C SER B 389 -19.08 -22.25 27.36
N HIS B 390 -18.90 -23.31 26.57
CA HIS B 390 -17.98 -24.38 26.97
C HIS B 390 -17.50 -25.10 25.72
N LEU B 391 -16.19 -25.23 25.57
CA LEU B 391 -15.58 -25.84 24.39
C LEU B 391 -15.23 -27.28 24.72
N ASP B 392 -16.20 -28.18 24.53
CA ASP B 392 -16.00 -29.61 24.77
C ASP B 392 -15.23 -30.17 23.57
N LEU B 393 -13.91 -30.30 23.72
CA LEU B 393 -13.06 -30.81 22.65
C LEU B 393 -12.83 -32.31 22.73
N SER B 394 -13.29 -32.97 23.79
CA SER B 394 -13.09 -34.40 23.97
C SER B 394 -14.23 -35.25 23.43
N LEU B 395 -15.29 -34.63 22.91
CA LEU B 395 -16.44 -35.40 22.47
C LEU B 395 -16.13 -36.17 21.19
N GLY B 396 -15.50 -35.51 20.22
CA GLY B 396 -15.18 -36.12 18.96
C GLY B 396 -13.79 -36.73 18.95
N LYS B 397 -13.20 -36.80 17.75
CA LYS B 397 -11.85 -37.33 17.61
C LYS B 397 -10.84 -36.38 18.24
N PRO B 398 -9.67 -36.88 18.62
CA PRO B 398 -8.63 -36.01 19.17
C PRO B 398 -8.15 -35.01 18.12
N VAL B 399 -7.72 -33.84 18.59
CA VAL B 399 -7.23 -32.79 17.71
C VAL B 399 -5.87 -33.23 17.16
N LYS B 400 -5.84 -33.60 15.89
CA LYS B 400 -4.61 -34.08 15.25
C LYS B 400 -3.87 -32.90 14.67
N TRP B 401 -2.68 -32.63 15.22
CA TRP B 401 -1.83 -31.56 14.71
C TRP B 401 -0.85 -32.11 13.69
N VAL B 402 -0.39 -31.23 12.80
CA VAL B 402 0.68 -31.59 11.88
C VAL B 402 1.97 -31.57 12.69
N GLY B 403 2.53 -32.75 12.95
CA GLY B 403 3.63 -32.87 13.89
C GLY B 403 3.12 -33.25 15.26
N LYS B 404 3.60 -32.55 16.29
CA LYS B 404 3.20 -32.82 17.66
C LYS B 404 2.80 -31.58 18.44
N THR B 405 2.86 -30.39 17.84
CA THR B 405 2.59 -29.15 18.52
C THR B 405 1.69 -28.28 17.67
N PRO B 406 0.77 -27.54 18.28
CA PRO B 406 -0.05 -26.61 17.52
C PRO B 406 0.83 -25.56 16.84
N PRO B 407 0.42 -25.08 15.67
CA PRO B 407 1.22 -24.06 14.98
C PRO B 407 1.37 -22.80 15.83
N LYS B 408 2.56 -22.20 15.75
CA LYS B 408 2.87 -21.04 16.56
C LYS B 408 2.33 -19.77 15.92
N ASP B 409 1.80 -18.87 16.77
CA ASP B 409 1.24 -17.62 16.26
C ASP B 409 2.33 -16.69 15.75
N ARG B 410 3.52 -16.72 16.36
CA ARG B 410 4.63 -15.85 15.96
C ARG B 410 5.90 -16.62 15.83
N THR B 411 6.52 -16.58 14.66
CA THR B 411 7.75 -17.33 14.41
C THR B 411 8.86 -16.84 15.33
N LEU B 412 9.63 -17.77 15.88
CA LEU B 412 10.66 -17.48 16.85
C LEU B 412 12.01 -17.99 16.35
N ILE B 413 12.96 -17.07 16.20
CA ILE B 413 14.34 -17.41 15.89
C ILE B 413 15.24 -16.64 16.86
N TYR B 414 16.00 -17.38 17.66
CA TYR B 414 16.88 -16.74 18.62
C TYR B 414 18.18 -16.28 17.97
N ILE B 415 18.83 -15.32 18.61
CA ILE B 415 20.09 -14.77 18.12
C ILE B 415 21.00 -14.47 19.30
N GLU B 416 22.18 -15.09 19.33
CA GLU B 416 23.14 -14.88 20.42
C GLU B 416 24.54 -14.79 19.81
N HIS B 417 24.94 -13.56 19.49
CA HIS B 417 26.33 -13.14 19.22
C HIS B 417 27.05 -14.12 18.29
N SER B 418 28.36 -14.29 18.47
CA SER B 418 29.13 -15.25 17.64
C SER B 418 30.57 -15.36 18.11
N GLN B 419 31.53 -15.21 17.20
CA GLN B 419 32.94 -15.23 17.56
C GLN B 419 33.23 -16.06 18.79
N VAL B 420 33.42 -17.36 18.60
CA VAL B 420 33.62 -18.24 19.76
C VAL B 420 34.45 -19.48 19.45
N ASN B 421 34.01 -20.64 19.92
CA ASN B 421 34.75 -21.88 19.72
C ASN B 421 36.13 -21.73 20.31
N PRO B 422 36.22 -21.89 21.64
CA PRO B 422 37.51 -21.75 22.31
C PRO B 422 38.63 -22.14 21.39
N THR B 423 38.58 -23.34 20.82
CA THR B 423 39.67 -23.84 19.98
C THR B 423 40.22 -22.75 19.08
N ILE B 424 39.36 -22.22 18.21
CA ILE B 424 39.86 -21.23 17.27
C ILE B 424 40.66 -20.18 18.03
N TYR B 425 40.22 -19.84 19.24
CA TYR B 425 40.92 -18.84 20.05
C TYR B 425 42.02 -19.42 20.92
N ILE B 426 41.83 -20.61 21.48
CA ILE B 426 42.82 -21.19 22.38
C ILE B 426 44.06 -21.61 21.60
N VAL B 427 43.90 -22.16 20.40
CA VAL B 427 45.07 -22.52 19.62
C VAL B 427 45.84 -21.27 19.21
N SER B 428 45.14 -20.19 18.90
CA SER B 428 45.82 -18.94 18.55
C SER B 428 46.54 -18.36 19.76
N ALA B 429 45.92 -18.44 20.94
CA ALA B 429 46.58 -17.97 22.16
C ALA B 429 47.83 -18.80 22.46
N SER B 430 47.74 -20.11 22.30
CA SER B 430 48.90 -20.97 22.51
C SER B 430 50.00 -20.68 21.51
N ALA B 431 49.62 -20.46 20.24
CA ALA B 431 50.61 -20.11 19.22
C ALA B 431 51.28 -18.78 19.55
N SER B 432 50.51 -17.81 20.06
CA SER B 432 51.10 -16.53 20.44
C SER B 432 52.01 -16.68 21.65
N VAL B 433 51.64 -17.54 22.60
CA VAL B 433 52.50 -17.79 23.75
C VAL B 433 53.82 -18.41 23.30
N ILE B 434 53.75 -19.40 22.40
CA ILE B 434 54.96 -20.00 21.86
C ILE B 434 55.77 -18.96 21.08
N GLY B 435 55.07 -18.08 20.36
CA GLY B 435 55.77 -17.05 19.60
C GLY B 435 56.50 -16.05 20.48
N VAL B 436 55.85 -15.61 21.57
CA VAL B 436 56.53 -14.68 22.46
C VAL B 436 57.64 -15.40 23.22
N ILE B 437 57.50 -16.70 23.47
CA ILE B 437 58.60 -17.48 24.05
C ILE B 437 59.79 -17.49 23.10
N ILE B 438 59.53 -17.73 21.82
CA ILE B 438 60.60 -17.72 20.82
C ILE B 438 61.21 -16.34 20.69
N ALA B 439 60.38 -15.30 20.76
CA ALA B 439 60.88 -13.93 20.68
C ALA B 439 61.79 -13.61 21.87
N THR B 440 61.40 -14.04 23.07
CA THR B 440 62.25 -13.83 24.24
C THR B 440 63.53 -14.65 24.14
N VAL B 441 63.46 -15.85 23.57
CA VAL B 441 64.65 -16.65 23.37
C VAL B 441 65.61 -15.95 22.41
N PHE B 442 65.07 -15.39 21.33
CA PHE B 442 65.89 -14.64 20.38
C PHE B 442 66.45 -13.36 21.01
N LEU B 443 65.67 -12.71 21.87
CA LEU B 443 66.17 -11.55 22.60
C LEU B 443 67.34 -11.95 23.49
N ALA B 444 67.23 -13.09 24.17
CA ALA B 444 68.34 -13.57 24.99
C ALA B 444 69.56 -13.90 24.14
N PHE B 445 69.33 -14.52 22.98
CA PHE B 445 70.43 -14.82 22.06
C PHE B 445 71.07 -13.55 21.50
N ASN B 446 70.31 -12.47 21.41
CA ASN B 446 70.87 -11.18 21.03
C ASN B 446 71.56 -10.47 22.20
N ILE B 447 71.18 -10.81 23.43
CA ILE B 447 71.79 -10.20 24.61
C ILE B 447 73.28 -10.51 24.66
N LYS B 448 73.69 -11.68 24.18
CA LYS B 448 75.11 -12.03 24.10
C LYS B 448 75.76 -11.27 22.93
N TYR B 449 75.71 -9.95 23.03
CA TYR B 449 76.27 -9.06 22.02
C TYR B 449 77.77 -8.93 22.22
N ARG B 450 78.37 -7.94 21.56
CA ARG B 450 79.80 -7.59 21.68
C ARG B 450 80.69 -8.82 21.56
N ASN B 451 80.35 -9.71 20.63
CA ASN B 451 81.12 -10.93 20.39
C ASN B 451 81.24 -11.14 18.87
N GLN B 452 82.31 -10.62 18.29
CA GLN B 452 82.68 -10.85 16.89
C GLN B 452 81.56 -10.37 15.99
N ARG B 453 80.96 -11.21 15.16
CA ARG B 453 80.06 -10.76 14.11
C ARG B 453 78.85 -10.03 14.68
N TYR B 454 78.27 -10.58 15.76
CA TYR B 454 77.11 -9.94 16.36
C TYR B 454 77.42 -8.51 16.80
N ILE B 455 78.67 -8.23 17.14
CA ILE B 455 79.08 -6.87 17.47
C ILE B 455 79.08 -6.00 16.22
N LYS B 456 79.63 -6.53 15.13
CA LYS B 456 79.78 -5.77 13.88
C LYS B 456 78.57 -5.90 12.96
N MET B 457 77.57 -6.69 13.33
CA MET B 457 76.38 -6.84 12.51
C MET B 457 75.46 -5.64 12.72
N SER B 458 74.21 -5.76 12.27
CA SER B 458 73.23 -4.71 12.48
C SER B 458 73.08 -4.41 13.96
N SER B 459 72.74 -3.14 14.27
CA SER B 459 72.67 -2.64 15.63
C SER B 459 71.78 -3.52 16.50
N PRO B 460 72.34 -4.21 17.50
CA PRO B 460 71.53 -5.09 18.35
C PRO B 460 70.43 -4.35 19.11
N HIS B 461 70.58 -3.04 19.35
CA HIS B 461 69.50 -2.28 19.95
C HIS B 461 68.28 -2.26 19.05
N LEU B 462 68.49 -2.03 17.75
CA LEU B 462 67.38 -2.13 16.81
C LEU B 462 66.83 -3.54 16.78
N ASN B 463 67.68 -4.54 17.02
CA ASN B 463 67.19 -5.92 17.12
C ASN B 463 66.26 -6.11 18.31
N ASN B 464 66.60 -5.51 19.45
CA ASN B 464 65.68 -5.60 20.60
C ASN B 464 64.39 -4.85 20.32
N LEU B 465 64.48 -3.73 19.62
CA LEU B 465 63.25 -3.02 19.24
C LEU B 465 62.37 -3.86 18.32
N ILE B 466 62.95 -4.51 17.32
CA ILE B 466 62.12 -5.31 16.41
C ILE B 466 61.57 -6.54 17.12
N ILE B 467 62.33 -7.10 18.08
CA ILE B 467 61.81 -8.21 18.87
C ILE B 467 60.64 -7.76 19.74
N VAL B 468 60.75 -6.57 20.33
CA VAL B 468 59.63 -6.00 21.09
C VAL B 468 58.43 -5.82 20.17
N GLY B 469 58.66 -5.33 18.95
CA GLY B 469 57.59 -5.24 18.00
C GLY B 469 56.94 -6.58 17.73
N CYS B 470 57.77 -7.62 17.52
CA CYS B 470 57.24 -8.94 17.23
C CYS B 470 56.38 -9.47 18.36
N MET B 471 56.82 -9.27 19.61
CA MET B 471 56.03 -9.74 20.75
C MET B 471 54.73 -8.95 20.89
N ILE B 472 54.78 -7.63 20.66
CA ILE B 472 53.58 -6.85 20.78
C ILE B 472 52.60 -7.11 19.64
N THR B 473 53.06 -7.63 18.50
CA THR B 473 52.11 -8.10 17.49
C THR B 473 51.30 -9.29 17.99
N TYR B 474 51.95 -10.24 18.68
CA TYR B 474 51.19 -11.34 19.27
C TYR B 474 50.24 -10.84 20.34
N LEU B 475 50.70 -9.93 21.19
CA LEU B 475 49.79 -9.31 22.14
C LEU B 475 48.62 -8.65 21.43
N SER B 476 48.89 -8.03 20.27
CA SER B 476 47.84 -7.36 19.49
C SER B 476 46.83 -8.37 18.97
N ILE B 477 47.29 -9.52 18.47
CA ILE B 477 46.33 -10.48 17.91
C ILE B 477 45.47 -11.06 19.04
N ILE B 478 46.05 -11.30 20.21
CA ILE B 478 45.24 -11.78 21.33
C ILE B 478 44.23 -10.72 21.75
N PHE B 479 44.65 -9.47 21.85
CA PHE B 479 43.72 -8.42 22.24
C PHE B 479 42.63 -8.22 21.19
N LEU B 480 42.98 -8.30 19.91
CA LEU B 480 42.03 -8.09 18.84
C LEU B 480 41.02 -9.23 18.77
N GLY B 481 41.46 -10.46 19.03
CA GLY B 481 40.54 -11.58 18.96
C GLY B 481 39.53 -11.64 20.08
N LEU B 482 39.79 -10.96 21.19
CA LEU B 482 38.87 -11.00 22.33
C LEU B 482 37.51 -10.42 21.93
N ASP B 483 36.46 -11.02 22.46
CA ASP B 483 35.09 -10.66 22.13
C ASP B 483 34.36 -10.13 23.36
N THR B 484 33.08 -9.81 23.18
CA THR B 484 32.26 -9.26 24.26
C THR B 484 31.61 -10.33 25.11
N THR B 485 31.67 -11.60 24.70
CA THR B 485 31.15 -12.68 25.52
C THR B 485 32.11 -13.10 26.64
N LEU B 486 33.41 -12.86 26.46
CA LEU B 486 34.40 -13.19 27.47
C LEU B 486 34.70 -12.03 28.42
N SER B 487 34.54 -10.80 27.97
CA SER B 487 34.81 -9.62 28.78
C SER B 487 33.53 -8.82 28.97
N SER B 488 33.60 -7.83 29.86
CA SER B 488 32.45 -6.97 30.10
C SER B 488 32.12 -6.14 28.87
N VAL B 489 30.82 -5.99 28.60
CA VAL B 489 30.40 -5.21 27.44
C VAL B 489 30.80 -3.75 27.58
N ALA B 490 30.79 -3.22 28.80
CA ALA B 490 31.23 -1.85 29.03
C ALA B 490 32.70 -1.65 28.70
N ALA B 491 33.46 -2.73 28.62
CA ALA B 491 34.87 -2.68 28.22
C ALA B 491 35.05 -2.79 26.71
N PHE B 492 33.96 -2.81 25.95
CA PHE B 492 34.06 -2.90 24.50
C PHE B 492 34.87 -1.76 23.87
N PRO B 493 34.75 -0.47 24.29
CA PRO B 493 35.55 0.55 23.62
C PRO B 493 37.03 0.38 23.88
N TYR B 494 37.40 0.16 25.15
CA TYR B 494 38.80 0.02 25.51
C TYR B 494 39.47 -1.09 24.73
N ILE B 495 38.85 -2.27 24.70
CA ILE B 495 39.41 -3.37 23.92
C ILE B 495 39.43 -3.00 22.44
N CYS B 496 38.40 -2.29 21.96
CA CYS B 496 38.45 -1.75 20.61
C CYS B 496 39.64 -0.82 20.46
N THR B 497 39.85 0.06 21.46
CA THR B 497 41.07 0.84 21.50
C THR B 497 42.29 -0.07 21.60
N ALA B 498 42.20 -1.10 22.45
CA ALA B 498 43.26 -2.10 22.50
C ALA B 498 43.38 -2.83 21.17
N ARG B 499 42.27 -2.94 20.44
CA ARG B 499 42.33 -3.47 19.08
C ARG B 499 43.15 -2.55 18.18
N ALA B 500 43.00 -1.24 18.35
CA ALA B 500 43.72 -0.30 17.52
C ALA B 500 45.12 -0.03 18.06
N TRP B 501 45.21 0.55 19.26
CA TRP B 501 46.46 1.14 19.73
C TRP B 501 47.60 0.13 19.71
N ILE B 502 47.40 -1.03 20.35
CA ILE B 502 48.46 -2.02 20.42
C ILE B 502 48.85 -2.47 19.01
N LEU B 503 47.86 -2.64 18.14
CA LEU B 503 48.15 -2.99 16.75
C LEU B 503 49.00 -1.91 16.11
N MET B 504 48.64 -0.63 16.31
CA MET B 504 49.46 0.45 15.79
C MET B 504 50.84 0.45 16.43
N ALA B 505 50.95 -0.04 17.66
CA ALA B 505 52.26 -0.23 18.25
C ALA B 505 53.03 -1.33 17.52
N GLY B 506 52.35 -2.42 17.19
CA GLY B 506 53.03 -3.55 16.57
C GLY B 506 53.70 -3.19 15.26
N PHE B 507 53.02 -2.39 14.44
CA PHE B 507 53.63 -1.91 13.21
C PHE B 507 54.77 -0.95 13.49
N SER B 508 54.63 -0.11 14.52
CA SER B 508 55.63 0.92 14.77
C SER B 508 56.96 0.32 15.23
N LEU B 509 56.92 -0.63 16.16
CA LEU B 509 58.13 -1.17 16.75
C LEU B 509 58.74 -2.32 15.95
N SER B 510 58.03 -2.85 14.97
CA SER B 510 58.54 -3.94 14.13
C SER B 510 58.90 -3.48 12.73
N PHE B 511 57.99 -2.79 12.04
CA PHE B 511 58.31 -2.27 10.72
C PHE B 511 59.30 -1.13 10.79
N GLY B 512 59.19 -0.28 11.81
CA GLY B 512 60.09 0.86 11.93
C GLY B 512 61.53 0.46 12.13
N ALA B 513 61.78 -0.64 12.85
CA ALA B 513 63.14 -1.10 13.07
C ALA B 513 63.82 -1.47 11.76
N MET B 514 63.10 -2.16 10.87
CA MET B 514 63.64 -2.44 9.54
C MET B 514 63.73 -1.19 8.69
N PHE B 515 62.76 -0.27 8.87
CA PHE B 515 62.76 0.95 8.07
C PHE B 515 63.97 1.82 8.38
N SER B 516 64.39 1.86 9.63
CA SER B 516 65.58 2.64 9.98
C SER B 516 66.82 2.10 9.28
N LYS B 517 66.99 0.77 9.28
CA LYS B 517 68.13 0.18 8.58
C LYS B 517 68.04 0.44 7.09
N THR B 518 66.84 0.33 6.52
CA THR B 518 66.65 0.60 5.10
C THR B 518 67.00 2.05 4.77
N TRP B 519 66.62 2.98 5.65
CA TRP B 519 66.94 4.38 5.44
C TRP B 519 68.44 4.63 5.54
N ARG B 520 69.11 3.92 6.46
CA ARG B 520 70.57 4.03 6.53
C ARG B 520 71.21 3.56 5.23
N VAL B 521 70.77 2.40 4.72
CA VAL B 521 71.31 1.90 3.46
C VAL B 521 71.01 2.89 2.33
N HIS B 522 69.83 3.51 2.37
CA HIS B 522 69.48 4.52 1.38
C HIS B 522 70.41 5.73 1.46
N SER B 523 70.72 6.17 2.67
CA SER B 523 71.63 7.28 2.84
C SER B 523 73.07 6.91 2.50
N ILE B 524 73.37 5.62 2.37
CA ILE B 524 74.74 5.17 2.13
C ILE B 524 75.07 4.98 0.65
N PHE B 525 74.07 4.73 -0.21
CA PHE B 525 74.36 4.26 -1.56
C PHE B 525 75.23 5.23 -2.37
N THR B 526 75.27 6.50 -1.99
CA THR B 526 76.01 7.50 -2.76
C THR B 526 77.39 7.75 -2.16
N GLN B 539 70.67 7.98 18.62
CA GLN B 539 70.83 9.11 17.72
C GLN B 539 70.12 8.85 16.39
N LEU B 540 69.94 7.58 16.06
CA LEU B 540 69.29 7.19 14.82
C LEU B 540 68.04 6.34 15.01
N PHE B 541 67.93 5.59 16.11
CA PHE B 541 66.74 4.79 16.35
C PHE B 541 65.53 5.65 16.74
N MET B 542 65.74 6.93 17.05
CA MET B 542 64.63 7.81 17.38
C MET B 542 63.64 7.92 16.23
N VAL B 543 64.07 7.61 15.00
CA VAL B 543 63.15 7.58 13.86
C VAL B 543 61.98 6.66 14.17
N VAL B 544 62.26 5.50 14.77
CA VAL B 544 61.19 4.60 15.17
C VAL B 544 60.22 5.33 16.10
N GLY B 545 60.77 6.00 17.12
CA GLY B 545 59.92 6.82 17.97
C GLY B 545 59.19 7.88 17.19
N VAL B 546 59.87 8.51 16.23
CA VAL B 546 59.22 9.46 15.34
C VAL B 546 58.04 8.79 14.65
N LEU B 547 58.26 7.59 14.11
CA LEU B 547 57.16 6.85 13.50
C LEU B 547 56.08 6.57 14.54
N LEU B 548 56.48 6.21 15.76
CA LEU B 548 55.52 6.04 16.83
C LEU B 548 54.65 7.27 16.98
N ALA B 549 55.26 8.45 16.91
CA ALA B 549 54.49 9.69 16.99
C ALA B 549 53.35 9.67 15.99
N ILE B 550 53.66 9.36 14.73
CA ILE B 550 52.71 9.43 13.61
C ILE B 550 51.45 8.63 13.92
N ASP B 551 51.54 7.72 14.90
CA ASP B 551 50.36 6.99 15.31
C ASP B 551 49.81 7.42 16.67
N ILE B 552 50.66 7.63 17.68
CA ILE B 552 50.14 7.80 19.04
C ILE B 552 49.24 9.02 19.09
N ALA B 553 49.71 10.15 18.55
CA ALA B 553 48.90 11.37 18.52
C ALA B 553 47.55 11.10 17.87
N ILE B 554 47.55 10.44 16.71
CA ILE B 554 46.28 10.25 16.02
C ILE B 554 45.38 9.32 16.84
N ILE B 555 45.98 8.38 17.57
CA ILE B 555 45.17 7.50 18.42
C ILE B 555 44.48 8.31 19.50
N THR B 556 45.15 9.35 20.00
CA THR B 556 44.50 10.24 20.96
C THR B 556 43.28 10.91 20.33
N THR B 557 43.38 11.30 19.06
CA THR B 557 42.23 11.90 18.39
C THR B 557 41.09 10.89 18.22
N TRP B 558 41.37 9.60 18.39
CA TRP B 558 40.30 8.63 18.50
C TRP B 558 39.49 8.85 19.78
N GLN B 559 40.18 8.94 20.91
CA GLN B 559 39.49 8.95 22.21
C GLN B 559 38.86 10.30 22.52
N ILE B 560 39.53 11.40 22.17
CA ILE B 560 39.13 12.72 22.67
C ILE B 560 37.80 13.15 22.06
N ALA B 561 37.58 12.87 20.78
CA ALA B 561 36.41 13.41 20.09
C ALA B 561 35.55 12.37 19.39
N ASP B 562 36.00 11.12 19.26
CA ASP B 562 35.26 10.09 18.53
C ASP B 562 35.17 8.83 19.40
N PRO B 563 34.34 8.86 20.44
CA PRO B 563 34.22 7.68 21.31
C PRO B 563 33.69 6.48 20.55
N PHE B 564 34.19 5.30 20.91
CA PHE B 564 33.84 4.09 20.19
C PHE B 564 32.44 3.62 20.56
N TYR B 565 31.69 3.18 19.55
CA TYR B 565 30.32 2.71 19.73
C TYR B 565 30.12 1.50 18.81
N ARG B 566 29.98 0.32 19.41
CA ARG B 566 29.86 -0.91 18.63
C ARG B 566 28.53 -0.95 17.88
N GLU B 567 28.58 -1.46 16.66
CA GLU B 567 27.40 -1.60 15.81
C GLU B 567 27.01 -3.08 15.78
N THR B 568 25.84 -3.38 16.34
CA THR B 568 25.32 -4.75 16.41
C THR B 568 24.36 -4.96 15.25
N LYS B 569 24.79 -5.69 14.23
CA LYS B 569 24.00 -5.92 13.04
C LYS B 569 23.65 -7.41 12.97
N GLN B 570 22.37 -7.73 13.15
CA GLN B 570 21.88 -9.10 13.08
C GLN B 570 21.42 -9.36 11.66
N LEU B 571 22.25 -10.05 10.89
CA LEU B 571 22.01 -10.26 9.47
C LEU B 571 21.92 -11.74 9.17
N GLU B 572 20.94 -12.12 8.32
CA GLU B 572 20.59 -13.49 7.97
C GLU B 572 20.69 -14.46 9.14
N PRO B 573 19.80 -14.38 10.13
CA PRO B 573 19.80 -15.37 11.23
C PRO B 573 19.01 -16.63 10.88
N LEU B 574 19.64 -17.50 10.09
CA LEU B 574 18.98 -18.70 9.60
C LEU B 574 18.78 -19.72 10.73
N HIS B 575 17.91 -20.69 10.45
CA HIS B 575 17.62 -21.77 11.39
C HIS B 575 18.81 -22.70 11.56
N PRO B 586 22.89 -14.77 14.69
CA PRO B 586 24.22 -14.18 14.92
C PRO B 586 24.29 -12.72 14.52
N GLU B 587 24.97 -11.92 15.32
CA GLU B 587 25.10 -10.48 15.07
C GLU B 587 26.56 -10.07 15.26
N ASN B 588 27.09 -9.32 14.30
CA ASN B 588 28.47 -8.86 14.39
C ASN B 588 28.63 -7.82 15.49
N GLU B 589 29.81 -7.82 16.12
CA GLU B 589 30.08 -6.94 17.23
C GLU B 589 31.26 -6.02 16.90
N TYR B 590 31.22 -5.41 15.71
CA TYR B 590 32.34 -4.62 15.22
C TYR B 590 32.59 -3.40 16.11
N CYS B 591 33.68 -2.70 15.79
CA CYS B 591 34.15 -1.56 16.58
C CYS B 591 33.32 -0.31 16.29
N GLN B 592 33.86 0.85 16.67
CA GLN B 592 33.15 2.12 16.68
C GLN B 592 32.25 2.31 15.47
N SER B 593 31.05 2.84 15.73
CA SER B 593 30.14 3.30 14.68
C SER B 593 30.35 4.78 14.40
N GLU B 594 31.61 5.14 14.14
CA GLU B 594 31.98 6.53 13.90
C GLU B 594 32.71 6.64 12.57
N HIS B 595 33.33 7.79 12.32
CA HIS B 595 34.05 8.00 11.07
C HIS B 595 35.16 6.98 10.91
N MET B 596 34.98 6.04 9.98
CA MET B 596 35.98 5.02 9.68
C MET B 596 36.52 5.13 8.28
N THR B 597 35.66 5.45 7.29
CA THR B 597 36.14 5.72 5.94
C THR B 597 36.94 7.01 5.86
N ILE B 598 36.93 7.82 6.92
CA ILE B 598 37.69 9.06 6.96
C ILE B 598 38.92 8.86 7.86
N PHE B 599 38.78 8.02 8.87
CA PHE B 599 39.84 7.81 9.85
C PHE B 599 40.63 6.53 9.58
N VAL B 600 39.95 5.38 9.55
CA VAL B 600 40.64 4.11 9.32
C VAL B 600 41.26 4.09 7.93
N SER B 601 40.60 4.70 6.95
CA SER B 601 41.17 4.79 5.61
C SER B 601 42.48 5.56 5.62
N ILE B 602 42.57 6.63 6.41
CA ILE B 602 43.80 7.40 6.50
C ILE B 602 44.91 6.53 7.09
N ILE B 603 44.60 5.79 8.16
CA ILE B 603 45.60 4.93 8.79
C ILE B 603 46.09 3.88 7.81
N TYR B 604 45.16 3.24 7.10
CA TYR B 604 45.54 2.19 6.16
C TYR B 604 46.36 2.74 5.01
N ALA B 605 45.99 3.92 4.50
CA ALA B 605 46.76 4.54 3.42
C ALA B 605 48.17 4.89 3.88
N TYR B 606 48.31 5.41 5.10
CA TYR B 606 49.64 5.76 5.60
C TYR B 606 50.50 4.51 5.82
N LYS B 607 49.89 3.45 6.37
CA LYS B 607 50.63 2.21 6.52
C LYS B 607 51.03 1.66 5.16
N GLY B 608 50.13 1.68 4.18
CA GLY B 608 50.46 1.19 2.86
C GLY B 608 51.56 2.01 2.19
N LEU B 609 51.54 3.32 2.41
CA LEU B 609 52.63 4.16 1.91
C LEU B 609 53.96 3.74 2.52
N LEU B 610 53.98 3.51 3.83
CA LEU B 610 55.21 3.04 4.47
C LEU B 610 55.64 1.69 3.91
N LEU B 611 54.69 0.77 3.70
CA LEU B 611 55.02 -0.55 3.16
C LEU B 611 55.65 -0.43 1.78
N VAL B 612 55.00 0.32 0.89
CA VAL B 612 55.49 0.42 -0.49
C VAL B 612 56.83 1.15 -0.52
N PHE B 613 57.01 2.14 0.36
CA PHE B 613 58.30 2.82 0.46
C PHE B 613 59.39 1.84 0.85
N GLY B 614 59.17 1.09 1.93
CA GLY B 614 60.17 0.13 2.36
C GLY B 614 60.48 -0.91 1.30
N ALA B 615 59.43 -1.43 0.64
CA ALA B 615 59.63 -2.42 -0.40
C ALA B 615 60.45 -1.87 -1.56
N PHE B 616 60.16 -0.63 -1.97
CA PHE B 616 60.86 -0.06 -3.12
C PHE B 616 62.32 0.25 -2.80
N LEU B 617 62.60 0.79 -1.60
CA LEU B 617 64.00 1.02 -1.26
C LEU B 617 64.74 -0.30 -1.06
N ALA B 618 64.07 -1.32 -0.54
CA ALA B 618 64.70 -2.63 -0.43
C ALA B 618 65.03 -3.20 -1.80
N TRP B 619 64.11 -3.04 -2.76
CA TRP B 619 64.39 -3.46 -4.13
C TRP B 619 65.56 -2.69 -4.71
N GLU B 620 65.62 -1.38 -4.47
CA GLU B 620 66.77 -0.59 -4.91
C GLU B 620 68.04 -1.02 -4.19
N THR B 621 67.95 -1.24 -2.89
CA THR B 621 69.11 -1.62 -2.09
C THR B 621 69.12 -3.14 -1.87
N ARG B 622 69.42 -3.85 -2.96
CA ARG B 622 69.40 -5.31 -2.96
C ARG B 622 70.77 -5.92 -2.69
N HIS B 623 71.75 -5.61 -3.53
CA HIS B 623 73.06 -6.27 -3.49
C HIS B 623 74.14 -5.39 -2.87
N VAL B 624 73.76 -4.38 -2.09
CA VAL B 624 74.74 -3.50 -1.45
C VAL B 624 75.19 -4.16 -0.14
N SER B 625 76.50 -4.40 -0.03
CA SER B 625 77.03 -5.05 1.17
C SER B 625 77.15 -4.06 2.32
N ILE B 626 77.87 -2.95 2.08
CA ILE B 626 78.01 -1.81 2.99
C ILE B 626 78.25 -2.25 4.43
N PRO B 627 79.46 -2.70 4.77
CA PRO B 627 79.73 -3.17 6.14
C PRO B 627 79.49 -2.08 7.18
N ALA B 628 79.61 -2.49 8.44
CA ALA B 628 79.23 -1.78 9.67
C ALA B 628 77.72 -1.86 9.88
N LEU B 629 76.97 -2.44 8.95
CA LEU B 629 75.55 -2.73 9.13
C LEU B 629 75.25 -3.96 8.28
N ASN B 630 75.27 -5.13 8.90
CA ASN B 630 75.19 -6.40 8.18
C ASN B 630 73.73 -6.74 7.88
N ASP B 631 73.52 -8.00 7.45
CA ASP B 631 72.23 -8.66 7.25
C ASP B 631 71.16 -7.76 6.63
N SER B 632 71.56 -6.89 5.71
CA SER B 632 70.58 -6.05 5.02
C SER B 632 69.69 -6.85 4.08
N LYS B 633 70.23 -7.89 3.46
CA LYS B 633 69.43 -8.72 2.55
C LYS B 633 68.30 -9.42 3.30
N HIS B 634 68.58 -9.92 4.50
CA HIS B 634 67.52 -10.52 5.30
C HIS B 634 66.49 -9.48 5.71
N ILE B 635 66.92 -8.24 5.96
CA ILE B 635 65.96 -7.17 6.25
C ILE B 635 65.06 -6.93 5.05
N GLY B 636 65.63 -6.96 3.85
CA GLY B 636 64.82 -6.83 2.64
C GLY B 636 63.83 -7.97 2.48
N PHE B 637 64.27 -9.20 2.75
CA PHE B 637 63.37 -10.34 2.68
C PHE B 637 62.23 -10.20 3.68
N SER B 638 62.56 -9.75 4.89
CA SER B 638 61.55 -9.53 5.92
C SER B 638 60.56 -8.44 5.49
N VAL B 639 61.06 -7.37 4.88
CA VAL B 639 60.15 -6.31 4.46
C VAL B 639 59.27 -6.79 3.30
N TYR B 640 59.79 -7.67 2.44
CA TYR B 640 58.97 -8.23 1.37
C TYR B 640 57.84 -9.08 1.93
N ASN B 641 58.16 -9.98 2.86
CA ASN B 641 57.10 -10.83 3.41
C ASN B 641 56.12 -10.00 4.25
N VAL B 642 56.61 -8.97 4.95
CA VAL B 642 55.70 -8.07 5.66
C VAL B 642 54.77 -7.38 4.67
N PHE B 643 55.31 -6.92 3.54
CA PHE B 643 54.50 -6.27 2.52
C PHE B 643 53.37 -7.18 2.04
N ILE B 644 53.72 -8.40 1.62
CA ILE B 644 52.69 -9.27 1.06
C ILE B 644 51.68 -9.69 2.11
N THR B 645 52.15 -10.05 3.32
CA THR B 645 51.24 -10.50 4.37
C THR B 645 50.33 -9.37 4.84
N CYS B 646 50.86 -8.16 4.98
CA CYS B 646 50.04 -7.03 5.40
C CYS B 646 49.02 -6.66 4.33
N LEU B 647 49.41 -6.72 3.05
CA LEU B 647 48.45 -6.47 1.99
C LEU B 647 47.31 -7.47 2.04
N ALA B 648 47.65 -8.76 2.18
CA ALA B 648 46.61 -9.78 2.26
C ALA B 648 45.72 -9.58 3.49
N GLY B 649 46.32 -9.27 4.63
CA GLY B 649 45.54 -9.06 5.84
C GLY B 649 44.60 -7.88 5.73
N ALA B 650 45.08 -6.76 5.18
CA ALA B 650 44.22 -5.61 4.97
C ALA B 650 43.08 -5.93 4.02
N ALA B 651 43.38 -6.68 2.94
CA ALA B 651 42.33 -7.06 1.99
C ALA B 651 41.25 -7.89 2.67
N ILE B 652 41.66 -8.92 3.43
CA ILE B 652 40.66 -9.76 4.07
C ILE B 652 39.91 -9.01 5.16
N SER B 653 40.57 -8.07 5.84
CA SER B 653 39.88 -7.31 6.88
C SER B 653 38.84 -6.37 6.29
N LEU B 654 39.17 -5.72 5.18
CA LEU B 654 38.25 -4.76 4.56
C LEU B 654 37.24 -5.41 3.63
N VAL B 655 37.40 -6.68 3.29
CA VAL B 655 36.48 -7.30 2.34
C VAL B 655 35.70 -8.42 3.03
N LEU B 656 36.42 -9.43 3.53
CA LEU B 656 35.77 -10.62 4.08
C LEU B 656 35.42 -10.45 5.56
N SER B 657 34.68 -9.39 5.88
CA SER B 657 34.26 -9.13 7.25
C SER B 657 32.87 -9.70 7.53
N ASP B 658 32.68 -11.00 7.25
CA ASP B 658 31.38 -11.62 7.48
C ASP B 658 31.12 -11.80 8.97
N ARG B 659 31.96 -12.57 9.64
CA ARG B 659 31.89 -12.76 11.08
C ARG B 659 33.30 -12.81 11.65
N LYS B 660 33.42 -12.46 12.92
CA LYS B 660 34.75 -12.33 13.53
C LYS B 660 35.49 -13.66 13.58
N ASP B 661 34.76 -14.77 13.67
CA ASP B 661 35.40 -16.08 13.74
C ASP B 661 36.19 -16.38 12.46
N LEU B 662 35.56 -16.15 11.30
CA LEU B 662 36.25 -16.39 10.04
C LEU B 662 37.42 -15.45 9.85
N VAL B 663 37.24 -14.18 10.22
CA VAL B 663 38.32 -13.21 10.10
C VAL B 663 39.52 -13.63 10.94
N PHE B 664 39.27 -14.06 12.18
CA PHE B 664 40.37 -14.49 13.04
C PHE B 664 41.02 -15.76 12.52
N VAL B 665 40.22 -16.75 12.12
CA VAL B 665 40.80 -18.00 11.63
C VAL B 665 41.52 -17.81 10.31
N LEU B 666 41.27 -16.70 9.60
CA LEU B 666 41.99 -16.43 8.37
C LEU B 666 43.20 -15.52 8.58
N LEU B 667 43.18 -14.68 9.61
CA LEU B 667 44.22 -13.67 9.79
C LEU B 667 45.26 -14.01 10.86
N SER B 668 44.88 -14.77 11.89
CA SER B 668 45.84 -15.08 12.96
C SER B 668 46.99 -15.90 12.43
N PHE B 669 46.72 -16.89 11.59
CA PHE B 669 47.79 -17.71 11.02
C PHE B 669 48.72 -16.87 10.17
N PHE B 670 48.16 -15.96 9.35
CA PHE B 670 49.00 -15.09 8.54
C PHE B 670 49.86 -14.19 9.40
N ILE B 671 49.27 -13.62 10.46
CA ILE B 671 50.01 -12.71 11.32
C ILE B 671 51.16 -13.44 12.01
N ILE B 672 50.88 -14.62 12.57
CA ILE B 672 51.93 -15.35 13.29
C ILE B 672 53.00 -15.83 12.32
N PHE B 673 52.61 -16.27 11.12
CA PHE B 673 53.59 -16.70 10.13
C PHE B 673 54.52 -15.56 9.74
N CYS B 674 53.94 -14.39 9.44
CA CYS B 674 54.75 -13.25 9.04
C CYS B 674 55.66 -12.80 10.16
N THR B 675 55.14 -12.75 11.39
CA THR B 675 55.94 -12.30 12.52
C THR B 675 57.08 -13.27 12.82
N THR B 676 56.80 -14.58 12.74
CA THR B 676 57.86 -15.57 12.95
C THR B 676 58.91 -15.47 11.85
N ALA B 677 58.49 -15.25 10.61
CA ALA B 677 59.45 -15.06 9.53
C ALA B 677 60.33 -13.85 9.80
N THR B 678 59.74 -12.74 10.25
CA THR B 678 60.52 -11.54 10.54
C THR B 678 61.51 -11.79 11.67
N LEU B 679 61.08 -12.45 12.73
CA LEU B 679 61.96 -12.66 13.88
C LEU B 679 62.95 -13.79 13.66
N CYS B 680 62.77 -14.61 12.62
CA CYS B 680 63.71 -15.69 12.33
C CYS B 680 64.72 -15.33 11.25
N LEU B 681 64.32 -14.54 10.26
CA LEU B 681 65.20 -14.28 9.12
C LEU B 681 66.39 -13.40 9.51
N VAL B 682 66.17 -12.44 10.40
CA VAL B 682 67.14 -11.36 10.61
C VAL B 682 67.87 -11.45 11.94
N PHE B 683 67.36 -12.21 12.91
CA PHE B 683 67.91 -12.13 14.26
C PHE B 683 69.37 -12.59 14.30
N VAL B 684 69.61 -13.89 14.14
CA VAL B 684 70.95 -14.46 14.11
C VAL B 684 70.85 -15.89 13.60
N PRO B 685 70.56 -16.11 12.30
CA PRO B 685 69.98 -17.40 11.88
C PRO B 685 70.69 -18.64 12.40
N LYS B 686 71.95 -18.86 12.02
CA LYS B 686 72.73 -19.92 12.64
C LYS B 686 74.02 -19.38 13.24
N LEU B 687 74.83 -18.71 12.41
CA LEU B 687 76.10 -18.12 12.82
C LEU B 687 77.02 -19.13 13.52
N VAL B 688 76.77 -20.42 13.31
CA VAL B 688 77.47 -21.53 13.99
C VAL B 688 77.83 -21.21 15.44
O1 2BV C . -34.53 8.03 -3.06
P 2BV C . -35.05 8.54 -1.73
O2 2BV C . -35.93 7.52 -1.09
C12 2BV C . -33.60 8.92 -0.62
C13 2BV C . -34.10 9.46 0.71
C18 2BV C . -33.73 10.93 0.82
C17 2BV C . -34.33 11.50 2.10
C16 2BV C . -33.88 10.74 3.35
C15 2BV C . -33.94 9.22 3.21
C14 2BV C . -33.44 8.71 1.85
C11 2BV C . -36.02 10.10 -2.03
C10 2BV C . -35.31 10.92 -3.10
O3 2BV C . -35.77 10.55 -4.36
C9 2BV C . -35.60 12.40 -2.88
N 2BV C . -35.07 13.16 -3.99
C2 2BV C . -33.76 13.71 -3.67
C1 2BV C . -33.35 14.69 -4.76
C3 2BV C . -33.78 14.42 -2.31
C8 2BV C . -34.57 15.54 -2.14
C7 2BV C . -34.59 16.20 -0.92
C6 2BV C . -33.81 15.72 0.12
CL1 2BV C . -33.83 16.56 1.70
C5 2BV C . -33.02 14.60 -0.05
CL2 2BV C . -32.02 14.00 1.30
C4 2BV C . -33.00 13.95 -1.27
#